data_6YQR
# 
_entry.id   6YQR 
# 
_audit_conform.dict_name       mmcif_pdbx.dic 
_audit_conform.dict_version    5.392 
_audit_conform.dict_location   http://mmcif.pdb.org/dictionaries/ascii/mmcif_pdbx.dic 
# 
loop_
_database_2.database_id 
_database_2.database_code 
_database_2.pdbx_database_accession 
_database_2.pdbx_DOI 
PDB   6YQR         pdb_00006yqr 10.2210/pdb6yqr/pdb 
WWPDB D_1292108126 ?            ?                   
# 
loop_
_pdbx_audit_revision_history.ordinal 
_pdbx_audit_revision_history.data_content_type 
_pdbx_audit_revision_history.major_revision 
_pdbx_audit_revision_history.minor_revision 
_pdbx_audit_revision_history.revision_date 
1 'Structure model' 1 0 2021-03-24 
2 'Structure model' 1 1 2024-05-15 
# 
_pdbx_audit_revision_details.ordinal             1 
_pdbx_audit_revision_details.revision_ordinal    1 
_pdbx_audit_revision_details.data_content_type   'Structure model' 
_pdbx_audit_revision_details.provider            repository 
_pdbx_audit_revision_details.type                'Initial release' 
_pdbx_audit_revision_details.description         ? 
_pdbx_audit_revision_details.details             ? 
# 
loop_
_pdbx_audit_revision_group.ordinal 
_pdbx_audit_revision_group.revision_ordinal 
_pdbx_audit_revision_group.data_content_type 
_pdbx_audit_revision_group.group 
1 2 'Structure model' 'Data collection'      
2 2 'Structure model' 'Database references'  
3 2 'Structure model' 'Derived calculations' 
# 
loop_
_pdbx_audit_revision_category.ordinal 
_pdbx_audit_revision_category.revision_ordinal 
_pdbx_audit_revision_category.data_content_type 
_pdbx_audit_revision_category.category 
1 2 'Structure model' atom_type      
2 2 'Structure model' chem_comp_atom 
3 2 'Structure model' chem_comp_bond 
4 2 'Structure model' database_2     
# 
loop_
_pdbx_audit_revision_item.ordinal 
_pdbx_audit_revision_item.revision_ordinal 
_pdbx_audit_revision_item.data_content_type 
_pdbx_audit_revision_item.item 
1 2 'Structure model' '_atom_type.pdbx_N_electrons'         
2 2 'Structure model' '_atom_type.pdbx_scat_Z'              
3 2 'Structure model' '_database_2.pdbx_DOI'                
4 2 'Structure model' '_database_2.pdbx_database_accession' 
# 
_pdbx_database_status.status_code                     REL 
_pdbx_database_status.status_code_sf                  REL 
_pdbx_database_status.status_code_mr                  ? 
_pdbx_database_status.entry_id                        6YQR 
_pdbx_database_status.recvd_initial_deposition_date   2020-04-18 
_pdbx_database_status.SG_entry                        N 
_pdbx_database_status.deposit_site                    PDBE 
_pdbx_database_status.process_site                    PDBE 
_pdbx_database_status.status_code_cs                  ? 
_pdbx_database_status.status_code_nmr_data            ? 
_pdbx_database_status.methods_development_category    ? 
_pdbx_database_status.pdb_format_compatible           N 
# 
_audit_author.name               'Chung, C.' 
_audit_author.pdbx_ordinal       1 
_audit_author.identifier_ORCID   0000-0002-2480-3110 
# 
_citation.abstract                  ? 
_citation.abstract_id_CAS           ? 
_citation.book_id_ISBN              ? 
_citation.book_publisher            ? 
_citation.book_publisher_city       ? 
_citation.book_title                ? 
_citation.coordinate_linkage        ? 
_citation.country                   US 
_citation.database_id_Medline       ? 
_citation.details                   ? 
_citation.id                        primary 
_citation.journal_abbrev            J.Med.Chem. 
_citation.journal_id_ASTM           JMCMAR 
_citation.journal_id_CSD            0151 
_citation.journal_id_ISSN           0022-2623 
_citation.journal_full              ? 
_citation.journal_issue             ? 
_citation.journal_volume            63 
_citation.language                  ? 
_citation.page_first                5816 
_citation.page_last                 5840 
_citation.title                     
;Application of Atypical Acetyl-lysine Methyl Mimetics in the Development of Selective Inhibitors of the Bromodomain-Containing Protein 7 (BRD7)/Bromodomain-Containing Protein 9 (BRD9) Bromodomains.
;
_citation.year                      2020 
_citation.database_id_CSD           ? 
_citation.pdbx_database_id_DOI      10.1021/acs.jmedchem.0c00075 
_citation.pdbx_database_id_PubMed   32410449 
_citation.unpublished_flag          ? 
# 
loop_
_citation_author.citation_id 
_citation_author.name 
_citation_author.ordinal 
_citation_author.identifier_ORCID 
primary 'Clegg, M.A.'       1  ?                   
primary 'Bamborough, P.'    2  0000-0001-9479-2894 
primary 'Chung, C.W.'       3  0000-0002-2480-3110 
primary 'Craggs, P.D.'      4  ?                   
primary 'Gordon, L.'        5  ?                   
primary 'Grandi, P.'        6  ?                   
primary 'Leveridge, M.'     7  ?                   
primary 'Lindon, M.'        8  ?                   
primary 'Liwicki, G.M.'     9  0000-0003-3508-8711 
primary 'Michon, A.M.'      10 ?                   
primary 'Molnar, J.'        11 ?                   
primary 'Rioja, I.'         12 ?                   
primary 'Soden, P.E.'       13 ?                   
primary 'Theodoulou, N.H.'  14 ?                   
primary 'Werner, T.'        15 ?                   
primary 'Tomkinson, N.C.O.' 16 0000-0002-5509-0133 
primary 'Prinjha, R.K.'     17 ?                   
primary 'Humphreys, P.G.'   18 0000-0002-8614-7155 
# 
loop_
_entity.id 
_entity.type 
_entity.src_method 
_entity.pdbx_description 
_entity.formula_weight 
_entity.pdbx_number_of_molecules 
_entity.pdbx_ec 
_entity.pdbx_mutation 
_entity.pdbx_fragment 
_entity.details 
1 polymer     man 'Bromodomain-containing protein 9'                            12228.203 1   ? ? ? 
"5-(([1,1'-biphenyl]-2-ylmethyl)amino)-2,4-dimethylpyridazin-3(2H)-one" 
2 non-polymer syn '2,4-dimethyl-5-[(2-phenylphenyl)methylamino]pyridazin-3-one' 305.374   1   ? ? ? ? 
3 water       nat water                                                         18.015    212 ? ? ? ? 
# 
_entity_name_com.entity_id   1 
_entity_name_com.name        'Rhabdomyosarcoma antigen MU-RMS-40.8' 
# 
_entity_poly.entity_id                      1 
_entity_poly.type                           'polypeptide(L)' 
_entity_poly.nstd_linkage                   no 
_entity_poly.nstd_monomer                   no 
_entity_poly.pdbx_seq_one_letter_code       
;GAENESTPIQQLLEHFLRQLQRKDPHGFFAFPVTDAIAPGYSMIIKHPMDFGTMKDKIVANEYKSVTEFKADFKLMCDNA
MTYNRPDTVYYKLAKKILHAGFKMMS
;
_entity_poly.pdbx_seq_one_letter_code_can   
;GAENESTPIQQLLEHFLRQLQRKDPHGFFAFPVTDAIAPGYSMIIKHPMDFGTMKDKIVANEYKSVTEFKADFKLMCDNA
MTYNRPDTVYYKLAKKILHAGFKMMS
;
_entity_poly.pdbx_strand_id                 AAA 
_entity_poly.pdbx_target_identifier         ? 
# 
loop_
_pdbx_entity_nonpoly.entity_id 
_pdbx_entity_nonpoly.name 
_pdbx_entity_nonpoly.comp_id 
2 '2,4-dimethyl-5-[(2-phenylphenyl)methylamino]pyridazin-3-one' P8W 
3 water                                                         HOH 
# 
loop_
_entity_poly_seq.entity_id 
_entity_poly_seq.num 
_entity_poly_seq.mon_id 
_entity_poly_seq.hetero 
1 1   GLY n 
1 2   ALA n 
1 3   GLU n 
1 4   ASN n 
1 5   GLU n 
1 6   SER n 
1 7   THR n 
1 8   PRO n 
1 9   ILE n 
1 10  GLN n 
1 11  GLN n 
1 12  LEU n 
1 13  LEU n 
1 14  GLU n 
1 15  HIS n 
1 16  PHE n 
1 17  LEU n 
1 18  ARG n 
1 19  GLN n 
1 20  LEU n 
1 21  GLN n 
1 22  ARG n 
1 23  LYS n 
1 24  ASP n 
1 25  PRO n 
1 26  HIS n 
1 27  GLY n 
1 28  PHE n 
1 29  PHE n 
1 30  ALA n 
1 31  PHE n 
1 32  PRO n 
1 33  VAL n 
1 34  THR n 
1 35  ASP n 
1 36  ALA n 
1 37  ILE n 
1 38  ALA n 
1 39  PRO n 
1 40  GLY n 
1 41  TYR n 
1 42  SER n 
1 43  MET n 
1 44  ILE n 
1 45  ILE n 
1 46  LYS n 
1 47  HIS n 
1 48  PRO n 
1 49  MET n 
1 50  ASP n 
1 51  PHE n 
1 52  GLY n 
1 53  THR n 
1 54  MET n 
1 55  LYS n 
1 56  ASP n 
1 57  LYS n 
1 58  ILE n 
1 59  VAL n 
1 60  ALA n 
1 61  ASN n 
1 62  GLU n 
1 63  TYR n 
1 64  LYS n 
1 65  SER n 
1 66  VAL n 
1 67  THR n 
1 68  GLU n 
1 69  PHE n 
1 70  LYS n 
1 71  ALA n 
1 72  ASP n 
1 73  PHE n 
1 74  LYS n 
1 75  LEU n 
1 76  MET n 
1 77  CYS n 
1 78  ASP n 
1 79  ASN n 
1 80  ALA n 
1 81  MET n 
1 82  THR n 
1 83  TYR n 
1 84  ASN n 
1 85  ARG n 
1 86  PRO n 
1 87  ASP n 
1 88  THR n 
1 89  VAL n 
1 90  TYR n 
1 91  TYR n 
1 92  LYS n 
1 93  LEU n 
1 94  ALA n 
1 95  LYS n 
1 96  LYS n 
1 97  ILE n 
1 98  LEU n 
1 99  HIS n 
1 100 ALA n 
1 101 GLY n 
1 102 PHE n 
1 103 LYS n 
1 104 MET n 
1 105 MET n 
1 106 SER n 
# 
_entity_src_gen.entity_id                          1 
_entity_src_gen.pdbx_src_id                        1 
_entity_src_gen.pdbx_alt_source_flag               sample 
_entity_src_gen.pdbx_seq_type                      'Biological sequence' 
_entity_src_gen.pdbx_beg_seq_num                   1 
_entity_src_gen.pdbx_end_seq_num                   106 
_entity_src_gen.gene_src_common_name               Human 
_entity_src_gen.gene_src_genus                     ? 
_entity_src_gen.pdbx_gene_src_gene                 'BRD9, UNQ3040/PRO9856' 
_entity_src_gen.gene_src_species                   ? 
_entity_src_gen.gene_src_strain                    ? 
_entity_src_gen.gene_src_tissue                    ? 
_entity_src_gen.gene_src_tissue_fraction           ? 
_entity_src_gen.gene_src_details                   ? 
_entity_src_gen.pdbx_gene_src_fragment             ? 
_entity_src_gen.pdbx_gene_src_scientific_name      'Homo sapiens' 
_entity_src_gen.pdbx_gene_src_ncbi_taxonomy_id     9606 
_entity_src_gen.pdbx_gene_src_variant              ? 
_entity_src_gen.pdbx_gene_src_cell_line            ? 
_entity_src_gen.pdbx_gene_src_atcc                 ? 
_entity_src_gen.pdbx_gene_src_organ                ? 
_entity_src_gen.pdbx_gene_src_organelle            ? 
_entity_src_gen.pdbx_gene_src_cell                 ? 
_entity_src_gen.pdbx_gene_src_cellular_location    ? 
_entity_src_gen.host_org_common_name               ? 
_entity_src_gen.pdbx_host_org_scientific_name      'Escherichia coli' 
_entity_src_gen.pdbx_host_org_ncbi_taxonomy_id     562 
_entity_src_gen.host_org_genus                     ? 
_entity_src_gen.pdbx_host_org_gene                 ? 
_entity_src_gen.pdbx_host_org_organ                ? 
_entity_src_gen.host_org_species                   ? 
_entity_src_gen.pdbx_host_org_tissue               ? 
_entity_src_gen.pdbx_host_org_tissue_fraction      ? 
_entity_src_gen.pdbx_host_org_strain               ? 
_entity_src_gen.pdbx_host_org_variant              ? 
_entity_src_gen.pdbx_host_org_cell_line            ? 
_entity_src_gen.pdbx_host_org_atcc                 ? 
_entity_src_gen.pdbx_host_org_culture_collection   ? 
_entity_src_gen.pdbx_host_org_cell                 ? 
_entity_src_gen.pdbx_host_org_organelle            ? 
_entity_src_gen.pdbx_host_org_cellular_location    ? 
_entity_src_gen.pdbx_host_org_vector_type          ? 
_entity_src_gen.pdbx_host_org_vector               ? 
_entity_src_gen.host_org_details                   ? 
_entity_src_gen.expression_system_id               ? 
_entity_src_gen.plasmid_name                       ? 
_entity_src_gen.plasmid_details                    ? 
_entity_src_gen.pdbx_description                   ? 
# 
loop_
_chem_comp.id 
_chem_comp.type 
_chem_comp.mon_nstd_flag 
_chem_comp.name 
_chem_comp.pdbx_synonyms 
_chem_comp.formula 
_chem_comp.formula_weight 
ALA 'L-peptide linking' y ALANINE                                                       ?                                         
'C3 H7 N O2'     89.093  
ARG 'L-peptide linking' y ARGININE                                                      ?                                         
'C6 H15 N4 O2 1' 175.209 
ASN 'L-peptide linking' y ASPARAGINE                                                    ?                                         
'C4 H8 N2 O3'    132.118 
ASP 'L-peptide linking' y 'ASPARTIC ACID'                                               ?                                         
'C4 H7 N O4'     133.103 
CYS 'L-peptide linking' y CYSTEINE                                                      ?                                         
'C3 H7 N O2 S'   121.158 
GLN 'L-peptide linking' y GLUTAMINE                                                     ?                                         
'C5 H10 N2 O3'   146.144 
GLU 'L-peptide linking' y 'GLUTAMIC ACID'                                               ?                                         
'C5 H9 N O4'     147.129 
GLY 'peptide linking'   y GLYCINE                                                       ?                                         
'C2 H5 N O2'     75.067  
HIS 'L-peptide linking' y HISTIDINE                                                     ?                                         
'C6 H10 N3 O2 1' 156.162 
HOH non-polymer         . WATER                                                         ?                                         
'H2 O'           18.015  
ILE 'L-peptide linking' y ISOLEUCINE                                                    ?                                         
'C6 H13 N O2'    131.173 
LEU 'L-peptide linking' y LEUCINE                                                       ?                                         
'C6 H13 N O2'    131.173 
LYS 'L-peptide linking' y LYSINE                                                        ?                                         
'C6 H15 N2 O2 1' 147.195 
MET 'L-peptide linking' y METHIONINE                                                    ?                                         
'C5 H11 N O2 S'  149.211 
P8W non-polymer         . '2,4-dimethyl-5-[(2-phenylphenyl)methylamino]pyridazin-3-one' Biphenyl-methylamino-dimethylpyridazinone 
'C19 H19 N3 O'   305.374 
PHE 'L-peptide linking' y PHENYLALANINE                                                 ?                                         
'C9 H11 N O2'    165.189 
PRO 'L-peptide linking' y PROLINE                                                       ?                                         
'C5 H9 N O2'     115.130 
SER 'L-peptide linking' y SERINE                                                        ?                                         
'C3 H7 N O3'     105.093 
THR 'L-peptide linking' y THREONINE                                                     ?                                         
'C4 H9 N O3'     119.119 
TYR 'L-peptide linking' y TYROSINE                                                      ?                                         
'C9 H11 N O3'    181.189 
VAL 'L-peptide linking' y VALINE                                                        ?                                         
'C5 H11 N O2'    117.146 
# 
loop_
_pdbx_poly_seq_scheme.asym_id 
_pdbx_poly_seq_scheme.entity_id 
_pdbx_poly_seq_scheme.seq_id 
_pdbx_poly_seq_scheme.mon_id 
_pdbx_poly_seq_scheme.ndb_seq_num 
_pdbx_poly_seq_scheme.pdb_seq_num 
_pdbx_poly_seq_scheme.auth_seq_num 
_pdbx_poly_seq_scheme.pdb_mon_id 
_pdbx_poly_seq_scheme.auth_mon_id 
_pdbx_poly_seq_scheme.pdb_strand_id 
_pdbx_poly_seq_scheme.pdb_ins_code 
_pdbx_poly_seq_scheme.hetero 
A 1 1   GLY 1   17  ?   ?   ?   AAA . n 
A 1 2   ALA 2   18  ?   ?   ?   AAA . n 
A 1 3   GLU 3   19  ?   ?   ?   AAA . n 
A 1 4   ASN 4   20  ?   ?   ?   AAA . n 
A 1 5   GLU 5   21  ?   ?   ?   AAA . n 
A 1 6   SER 6   22  22  SER SER AAA . n 
A 1 7   THR 7   23  23  THR THR AAA . n 
A 1 8   PRO 8   24  24  PRO PRO AAA . n 
A 1 9   ILE 9   25  25  ILE ILE AAA . n 
A 1 10  GLN 10  26  26  GLN GLN AAA . n 
A 1 11  GLN 11  27  27  GLN GLN AAA . n 
A 1 12  LEU 12  28  28  LEU LEU AAA . n 
A 1 13  LEU 13  29  29  LEU LEU AAA . n 
A 1 14  GLU 14  30  30  GLU GLU AAA . n 
A 1 15  HIS 15  31  31  HIS HIS AAA . n 
A 1 16  PHE 16  32  32  PHE PHE AAA . n 
A 1 17  LEU 17  33  33  LEU LEU AAA . n 
A 1 18  ARG 18  34  34  ARG ARG AAA . n 
A 1 19  GLN 19  35  35  GLN GLN AAA . n 
A 1 20  LEU 20  36  36  LEU LEU AAA . n 
A 1 21  GLN 21  37  37  GLN GLN AAA . n 
A 1 22  ARG 22  38  38  ARG ARG AAA . n 
A 1 23  LYS 23  39  39  LYS LYS AAA . n 
A 1 24  ASP 24  40  40  ASP ASP AAA . n 
A 1 25  PRO 25  41  41  PRO PRO AAA . n 
A 1 26  HIS 26  42  42  HIS HIS AAA . n 
A 1 27  GLY 27  43  43  GLY GLY AAA . n 
A 1 28  PHE 28  44  44  PHE PHE AAA . n 
A 1 29  PHE 29  45  45  PHE PHE AAA . n 
A 1 30  ALA 30  46  46  ALA ALA AAA . n 
A 1 31  PHE 31  47  47  PHE PHE AAA . n 
A 1 32  PRO 32  48  48  PRO PRO AAA . n 
A 1 33  VAL 33  49  49  VAL VAL AAA . n 
A 1 34  THR 34  50  50  THR THR AAA . n 
A 1 35  ASP 35  51  51  ASP ASP AAA . n 
A 1 36  ALA 36  52  52  ALA ALA AAA . n 
A 1 37  ILE 37  53  53  ILE ILE AAA . n 
A 1 38  ALA 38  54  54  ALA ALA AAA . n 
A 1 39  PRO 39  55  55  PRO PRO AAA . n 
A 1 40  GLY 40  56  56  GLY GLY AAA . n 
A 1 41  TYR 41  57  57  TYR TYR AAA . n 
A 1 42  SER 42  58  58  SER SER AAA . n 
A 1 43  MET 43  59  59  MET MET AAA . n 
A 1 44  ILE 44  60  60  ILE ILE AAA . n 
A 1 45  ILE 45  61  61  ILE ILE AAA . n 
A 1 46  LYS 46  62  62  LYS LYS AAA . n 
A 1 47  HIS 47  63  63  HIS HIS AAA . n 
A 1 48  PRO 48  64  64  PRO PRO AAA . n 
A 1 49  MET 49  65  65  MET MET AAA . n 
A 1 50  ASP 50  66  66  ASP ASP AAA . n 
A 1 51  PHE 51  67  67  PHE PHE AAA . n 
A 1 52  GLY 52  68  68  GLY GLY AAA . n 
A 1 53  THR 53  69  69  THR THR AAA . n 
A 1 54  MET 54  70  70  MET MET AAA . n 
A 1 55  LYS 55  71  71  LYS LYS AAA . n 
A 1 56  ASP 56  72  72  ASP ASP AAA . n 
A 1 57  LYS 57  73  73  LYS LYS AAA . n 
A 1 58  ILE 58  74  74  ILE ILE AAA . n 
A 1 59  VAL 59  75  75  VAL VAL AAA . n 
A 1 60  ALA 60  76  76  ALA ALA AAA . n 
A 1 61  ASN 61  77  77  ASN ASN AAA . n 
A 1 62  GLU 62  78  78  GLU GLU AAA . n 
A 1 63  TYR 63  79  79  TYR TYR AAA . n 
A 1 64  LYS 64  80  80  LYS LYS AAA . n 
A 1 65  SER 65  81  81  SER SER AAA . n 
A 1 66  VAL 66  82  82  VAL VAL AAA . n 
A 1 67  THR 67  83  83  THR THR AAA . n 
A 1 68  GLU 68  84  84  GLU GLU AAA . n 
A 1 69  PHE 69  85  85  PHE PHE AAA . n 
A 1 70  LYS 70  86  86  LYS LYS AAA . n 
A 1 71  ALA 71  87  87  ALA ALA AAA . n 
A 1 72  ASP 72  88  88  ASP ASP AAA . n 
A 1 73  PHE 73  89  89  PHE PHE AAA . n 
A 1 74  LYS 74  90  90  LYS LYS AAA . n 
A 1 75  LEU 75  91  91  LEU LEU AAA . n 
A 1 76  MET 76  92  92  MET MET AAA . n 
A 1 77  CYS 77  93  93  CYS CYS AAA . n 
A 1 78  ASP 78  94  94  ASP ASP AAA . n 
A 1 79  ASN 79  95  95  ASN ASN AAA . n 
A 1 80  ALA 80  96  96  ALA ALA AAA . n 
A 1 81  MET 81  97  97  MET MET AAA . n 
A 1 82  THR 82  98  98  THR THR AAA . n 
A 1 83  TYR 83  99  99  TYR TYR AAA . n 
A 1 84  ASN 84  100 100 ASN ASN AAA . n 
A 1 85  ARG 85  101 101 ARG ARG AAA . n 
A 1 86  PRO 86  102 102 PRO PRO AAA . n 
A 1 87  ASP 87  103 103 ASP ASP AAA . n 
A 1 88  THR 88  104 104 THR THR AAA . n 
A 1 89  VAL 89  105 105 VAL VAL AAA . n 
A 1 90  TYR 90  106 106 TYR TYR AAA . n 
A 1 91  TYR 91  107 107 TYR TYR AAA . n 
A 1 92  LYS 92  108 108 LYS LYS AAA . n 
A 1 93  LEU 93  109 109 LEU LEU AAA . n 
A 1 94  ALA 94  110 110 ALA ALA AAA . n 
A 1 95  LYS 95  111 111 LYS LYS AAA . n 
A 1 96  LYS 96  112 112 LYS LYS AAA . n 
A 1 97  ILE 97  113 113 ILE ILE AAA . n 
A 1 98  LEU 98  114 114 LEU LEU AAA . n 
A 1 99  HIS 99  115 115 HIS HIS AAA . n 
A 1 100 ALA 100 116 116 ALA ALA AAA . n 
A 1 101 GLY 101 117 117 GLY GLY AAA . n 
A 1 102 PHE 102 118 118 PHE PHE AAA . n 
A 1 103 LYS 103 119 119 LYS LYS AAA . n 
A 1 104 MET 104 120 120 MET MET AAA . n 
A 1 105 MET 105 121 121 MET MET AAA . n 
A 1 106 SER 106 122 122 SER SER AAA . n 
# 
loop_
_pdbx_nonpoly_scheme.asym_id 
_pdbx_nonpoly_scheme.entity_id 
_pdbx_nonpoly_scheme.mon_id 
_pdbx_nonpoly_scheme.ndb_seq_num 
_pdbx_nonpoly_scheme.pdb_seq_num 
_pdbx_nonpoly_scheme.auth_seq_num 
_pdbx_nonpoly_scheme.pdb_mon_id 
_pdbx_nonpoly_scheme.auth_mon_id 
_pdbx_nonpoly_scheme.pdb_strand_id 
_pdbx_nonpoly_scheme.pdb_ins_code 
B 2 P8W 1   201 1   P8W LIG AAA . 
C 3 HOH 1   301 121 HOH HOH AAA . 
C 3 HOH 2   302 93  HOH HOH AAA . 
C 3 HOH 3   303 56  HOH HOH AAA . 
C 3 HOH 4   304 170 HOH HOH AAA . 
C 3 HOH 5   305 5   HOH HOH AAA . 
C 3 HOH 6   306 148 HOH HOH AAA . 
C 3 HOH 7   307 128 HOH HOH AAA . 
C 3 HOH 8   308 136 HOH HOH AAA . 
C 3 HOH 9   309 176 HOH HOH AAA . 
C 3 HOH 10  310 140 HOH HOH AAA . 
C 3 HOH 11  311 46  HOH HOH AAA . 
C 3 HOH 12  312 38  HOH HOH AAA . 
C 3 HOH 13  313 94  HOH HOH AAA . 
C 3 HOH 14  314 151 HOH HOH AAA . 
C 3 HOH 15  315 67  HOH HOH AAA . 
C 3 HOH 16  316 196 HOH HOH AAA . 
C 3 HOH 17  317 20  HOH HOH AAA . 
C 3 HOH 18  318 21  HOH HOH AAA . 
C 3 HOH 19  319 63  HOH HOH AAA . 
C 3 HOH 20  320 177 HOH HOH AAA . 
C 3 HOH 21  321 156 HOH HOH AAA . 
C 3 HOH 22  322 204 HOH HOH AAA . 
C 3 HOH 23  323 37  HOH HOH AAA . 
C 3 HOH 24  324 111 HOH HOH AAA . 
C 3 HOH 25  325 75  HOH HOH AAA . 
C 3 HOH 26  326 134 HOH HOH AAA . 
C 3 HOH 27  327 101 HOH HOH AAA . 
C 3 HOH 28  328 9   HOH HOH AAA . 
C 3 HOH 29  329 24  HOH HOH AAA . 
C 3 HOH 30  330 65  HOH HOH AAA . 
C 3 HOH 31  331 68  HOH HOH AAA . 
C 3 HOH 32  332 108 HOH HOH AAA . 
C 3 HOH 33  333 100 HOH HOH AAA . 
C 3 HOH 34  334 48  HOH HOH AAA . 
C 3 HOH 35  335 117 HOH HOH AAA . 
C 3 HOH 36  336 8   HOH HOH AAA . 
C 3 HOH 37  337 29  HOH HOH AAA . 
C 3 HOH 38  338 88  HOH HOH AAA . 
C 3 HOH 39  339 135 HOH HOH AAA . 
C 3 HOH 40  340 19  HOH HOH AAA . 
C 3 HOH 41  341 74  HOH HOH AAA . 
C 3 HOH 42  342 15  HOH HOH AAA . 
C 3 HOH 43  343 64  HOH HOH AAA . 
C 3 HOH 44  344 73  HOH HOH AAA . 
C 3 HOH 45  345 71  HOH HOH AAA . 
C 3 HOH 46  346 50  HOH HOH AAA . 
C 3 HOH 47  347 16  HOH HOH AAA . 
C 3 HOH 48  348 22  HOH HOH AAA . 
C 3 HOH 49  349 178 HOH HOH AAA . 
C 3 HOH 50  350 3   HOH HOH AAA . 
C 3 HOH 51  351 33  HOH HOH AAA . 
C 3 HOH 52  352 112 HOH HOH AAA . 
C 3 HOH 53  353 193 HOH HOH AAA . 
C 3 HOH 54  354 192 HOH HOH AAA . 
C 3 HOH 55  355 110 HOH HOH AAA . 
C 3 HOH 56  356 123 HOH HOH AAA . 
C 3 HOH 57  357 109 HOH HOH AAA . 
C 3 HOH 58  358 190 HOH HOH AAA . 
C 3 HOH 59  359 149 HOH HOH AAA . 
C 3 HOH 60  360 197 HOH HOH AAA . 
C 3 HOH 61  361 14  HOH HOH AAA . 
C 3 HOH 62  362 18  HOH HOH AAA . 
C 3 HOH 63  363 107 HOH HOH AAA . 
C 3 HOH 64  364 43  HOH HOH AAA . 
C 3 HOH 65  365 120 HOH HOH AAA . 
C 3 HOH 66  366 2   HOH HOH AAA . 
C 3 HOH 67  367 55  HOH HOH AAA . 
C 3 HOH 68  368 7   HOH HOH AAA . 
C 3 HOH 69  369 1   HOH HOH AAA . 
C 3 HOH 70  370 54  HOH HOH AAA . 
C 3 HOH 71  371 27  HOH HOH AAA . 
C 3 HOH 72  372 51  HOH HOH AAA . 
C 3 HOH 73  373 119 HOH HOH AAA . 
C 3 HOH 74  374 30  HOH HOH AAA . 
C 3 HOH 75  375 35  HOH HOH AAA . 
C 3 HOH 76  376 184 HOH HOH AAA . 
C 3 HOH 77  377 11  HOH HOH AAA . 
C 3 HOH 78  378 34  HOH HOH AAA . 
C 3 HOH 79  379 160 HOH HOH AAA . 
C 3 HOH 80  380 143 HOH HOH AAA . 
C 3 HOH 81  381 103 HOH HOH AAA . 
C 3 HOH 82  382 45  HOH HOH AAA . 
C 3 HOH 83  383 131 HOH HOH AAA . 
C 3 HOH 84  384 36  HOH HOH AAA . 
C 3 HOH 85  385 199 HOH HOH AAA . 
C 3 HOH 86  386 25  HOH HOH AAA . 
C 3 HOH 87  387 102 HOH HOH AAA . 
C 3 HOH 88  388 201 HOH HOH AAA . 
C 3 HOH 89  389 115 HOH HOH AAA . 
C 3 HOH 90  390 173 HOH HOH AAA . 
C 3 HOH 91  391 207 HOH HOH AAA . 
C 3 HOH 92  392 39  HOH HOH AAA . 
C 3 HOH 93  393 97  HOH HOH AAA . 
C 3 HOH 94  394 189 HOH HOH AAA . 
C 3 HOH 95  395 172 HOH HOH AAA . 
C 3 HOH 96  396 77  HOH HOH AAA . 
C 3 HOH 97  397 42  HOH HOH AAA . 
C 3 HOH 98  398 70  HOH HOH AAA . 
C 3 HOH 99  399 23  HOH HOH AAA . 
C 3 HOH 100 400 169 HOH HOH AAA . 
C 3 HOH 101 401 4   HOH HOH AAA . 
C 3 HOH 102 402 44  HOH HOH AAA . 
C 3 HOH 103 403 10  HOH HOH AAA . 
C 3 HOH 104 404 26  HOH HOH AAA . 
C 3 HOH 105 405 32  HOH HOH AAA . 
C 3 HOH 106 406 185 HOH HOH AAA . 
C 3 HOH 107 407 6   HOH HOH AAA . 
C 3 HOH 108 408 127 HOH HOH AAA . 
C 3 HOH 109 409 17  HOH HOH AAA . 
C 3 HOH 110 410 133 HOH HOH AAA . 
C 3 HOH 111 411 83  HOH HOH AAA . 
C 3 HOH 112 412 90  HOH HOH AAA . 
C 3 HOH 113 413 147 HOH HOH AAA . 
C 3 HOH 114 414 179 HOH HOH AAA . 
C 3 HOH 115 415 191 HOH HOH AAA . 
C 3 HOH 116 416 187 HOH HOH AAA . 
C 3 HOH 117 417 211 HOH HOH AAA . 
C 3 HOH 118 418 99  HOH HOH AAA . 
C 3 HOH 119 419 164 HOH HOH AAA . 
C 3 HOH 120 420 114 HOH HOH AAA . 
C 3 HOH 121 421 122 HOH HOH AAA . 
C 3 HOH 122 422 76  HOH HOH AAA . 
C 3 HOH 123 423 138 HOH HOH AAA . 
C 3 HOH 124 424 116 HOH HOH AAA . 
C 3 HOH 125 425 40  HOH HOH AAA . 
C 3 HOH 126 426 85  HOH HOH AAA . 
C 3 HOH 127 427 118 HOH HOH AAA . 
C 3 HOH 128 428 66  HOH HOH AAA . 
C 3 HOH 129 429 157 HOH HOH AAA . 
C 3 HOH 130 430 82  HOH HOH AAA . 
C 3 HOH 131 431 31  HOH HOH AAA . 
C 3 HOH 132 432 72  HOH HOH AAA . 
C 3 HOH 133 433 144 HOH HOH AAA . 
C 3 HOH 134 434 12  HOH HOH AAA . 
C 3 HOH 135 435 129 HOH HOH AAA . 
C 3 HOH 136 436 62  HOH HOH AAA . 
C 3 HOH 137 437 198 HOH HOH AAA . 
C 3 HOH 138 438 213 HOH HOH AAA . 
C 3 HOH 139 439 212 HOH HOH AAA . 
C 3 HOH 140 440 208 HOH HOH AAA . 
C 3 HOH 141 441 91  HOH HOH AAA . 
C 3 HOH 142 442 52  HOH HOH AAA . 
C 3 HOH 143 443 146 HOH HOH AAA . 
C 3 HOH 144 444 183 HOH HOH AAA . 
C 3 HOH 145 445 203 HOH HOH AAA . 
C 3 HOH 146 446 205 HOH HOH AAA . 
C 3 HOH 147 447 186 HOH HOH AAA . 
C 3 HOH 148 448 13  HOH HOH AAA . 
C 3 HOH 149 449 150 HOH HOH AAA . 
C 3 HOH 150 450 165 HOH HOH AAA . 
C 3 HOH 151 451 96  HOH HOH AAA . 
C 3 HOH 152 452 206 HOH HOH AAA . 
C 3 HOH 153 453 95  HOH HOH AAA . 
C 3 HOH 154 454 142 HOH HOH AAA . 
C 3 HOH 155 455 86  HOH HOH AAA . 
C 3 HOH 156 456 89  HOH HOH AAA . 
C 3 HOH 157 457 58  HOH HOH AAA . 
C 3 HOH 158 458 84  HOH HOH AAA . 
C 3 HOH 159 459 87  HOH HOH AAA . 
C 3 HOH 160 460 125 HOH HOH AAA . 
C 3 HOH 161 461 47  HOH HOH AAA . 
C 3 HOH 162 462 98  HOH HOH AAA . 
C 3 HOH 163 463 141 HOH HOH AAA . 
C 3 HOH 164 464 159 HOH HOH AAA . 
C 3 HOH 165 465 60  HOH HOH AAA . 
C 3 HOH 166 466 154 HOH HOH AAA . 
C 3 HOH 167 467 194 HOH HOH AAA . 
C 3 HOH 168 468 180 HOH HOH AAA . 
C 3 HOH 169 469 158 HOH HOH AAA . 
C 3 HOH 170 470 195 HOH HOH AAA . 
C 3 HOH 171 471 61  HOH HOH AAA . 
C 3 HOH 172 472 113 HOH HOH AAA . 
C 3 HOH 173 473 104 HOH HOH AAA . 
C 3 HOH 174 474 182 HOH HOH AAA . 
C 3 HOH 175 475 200 HOH HOH AAA . 
C 3 HOH 176 476 126 HOH HOH AAA . 
C 3 HOH 177 477 69  HOH HOH AAA . 
C 3 HOH 178 478 79  HOH HOH AAA . 
C 3 HOH 179 479 105 HOH HOH AAA . 
C 3 HOH 180 480 137 HOH HOH AAA . 
C 3 HOH 181 481 132 HOH HOH AAA . 
C 3 HOH 182 482 155 HOH HOH AAA . 
C 3 HOH 183 483 145 HOH HOH AAA . 
C 3 HOH 184 484 188 HOH HOH AAA . 
C 3 HOH 185 485 28  HOH HOH AAA . 
C 3 HOH 186 486 49  HOH HOH AAA . 
C 3 HOH 187 487 106 HOH HOH AAA . 
C 3 HOH 188 488 167 HOH HOH AAA . 
C 3 HOH 189 489 153 HOH HOH AAA . 
C 3 HOH 190 490 53  HOH HOH AAA . 
C 3 HOH 191 491 124 HOH HOH AAA . 
C 3 HOH 192 492 163 HOH HOH AAA . 
C 3 HOH 193 493 175 HOH HOH AAA . 
C 3 HOH 194 494 174 HOH HOH AAA . 
C 3 HOH 195 495 166 HOH HOH AAA . 
C 3 HOH 196 496 92  HOH HOH AAA . 
C 3 HOH 197 497 59  HOH HOH AAA . 
C 3 HOH 198 498 181 HOH HOH AAA . 
C 3 HOH 199 499 171 HOH HOH AAA . 
C 3 HOH 200 500 78  HOH HOH AAA . 
C 3 HOH 201 501 81  HOH HOH AAA . 
C 3 HOH 202 502 139 HOH HOH AAA . 
C 3 HOH 203 503 210 HOH HOH AAA . 
C 3 HOH 204 504 152 HOH HOH AAA . 
C 3 HOH 205 505 161 HOH HOH AAA . 
C 3 HOH 206 506 168 HOH HOH AAA . 
C 3 HOH 207 507 57  HOH HOH AAA . 
C 3 HOH 208 508 162 HOH HOH AAA . 
C 3 HOH 209 509 80  HOH HOH AAA . 
C 3 HOH 210 510 41  HOH HOH AAA . 
C 3 HOH 211 511 202 HOH HOH AAA . 
C 3 HOH 212 512 209 HOH HOH AAA . 
# 
loop_
_software.citation_id 
_software.classification 
_software.compiler_name 
_software.compiler_version 
_software.contact_author 
_software.contact_author_email 
_software.date 
_software.description 
_software.dependencies 
_software.hardware 
_software.language 
_software.location 
_software.mods 
_software.name 
_software.os 
_software.os_version 
_software.type 
_software.version 
_software.pdbx_ordinal 
? refinement       ? ? ? ? ? ? ? ? ? ? ? REFMAC ? ? ? 5.8.0257 1 
? 'data reduction' ? ? ? ? ? ? ? ? ? ? ? MOSFLM ? ? ? .        2 
? 'data scaling'   ? ? ? ? ? ? ? ? ? ? ? SCALA  ? ? ? .        3 
# 
_cell.angle_alpha                  71.007 
_cell.angle_alpha_esd              ? 
_cell.angle_beta                   74.350 
_cell.angle_beta_esd               ? 
_cell.angle_gamma                  74.205 
_cell.angle_gamma_esd              ? 
_cell.entry_id                     6YQR 
_cell.details                      ? 
_cell.formula_units_Z              ? 
_cell.length_a                     24.524 
_cell.length_a_esd                 ? 
_cell.length_b                     33.885 
_cell.length_b_esd                 ? 
_cell.length_c                     39.614 
_cell.length_c_esd                 ? 
_cell.volume                       ? 
_cell.volume_esd                   ? 
_cell.Z_PDB                        1 
_cell.reciprocal_angle_alpha       ? 
_cell.reciprocal_angle_beta        ? 
_cell.reciprocal_angle_gamma       ? 
_cell.reciprocal_angle_alpha_esd   ? 
_cell.reciprocal_angle_beta_esd    ? 
_cell.reciprocal_angle_gamma_esd   ? 
_cell.reciprocal_length_a          ? 
_cell.reciprocal_length_b          ? 
_cell.reciprocal_length_c          ? 
_cell.reciprocal_length_a_esd      ? 
_cell.reciprocal_length_b_esd      ? 
_cell.reciprocal_length_c_esd      ? 
_cell.pdbx_unique_axis             ? 
# 
_symmetry.entry_id                         6YQR 
_symmetry.cell_setting                     ? 
_symmetry.Int_Tables_number                1 
_symmetry.space_group_name_Hall            ? 
_symmetry.space_group_name_H-M             'P 1' 
_symmetry.pdbx_full_space_group_name_H-M   ? 
# 
_exptl.absorpt_coefficient_mu     ? 
_exptl.absorpt_correction_T_max   ? 
_exptl.absorpt_correction_T_min   ? 
_exptl.absorpt_correction_type    ? 
_exptl.absorpt_process_details    ? 
_exptl.entry_id                   6YQR 
_exptl.crystals_number            1 
_exptl.details                    ? 
_exptl.method                     'X-RAY DIFFRACTION' 
_exptl.method_details             ? 
# 
_exptl_crystal.colour                      ? 
_exptl_crystal.density_diffrn              ? 
_exptl_crystal.density_Matthews            2.40 
_exptl_crystal.density_method              ? 
_exptl_crystal.density_percent_sol         48.76 
_exptl_crystal.description                 ? 
_exptl_crystal.F_000                       ? 
_exptl_crystal.id                          1 
_exptl_crystal.preparation                 ? 
_exptl_crystal.size_max                    ? 
_exptl_crystal.size_mid                    ? 
_exptl_crystal.size_min                    ? 
_exptl_crystal.size_rad                    ? 
_exptl_crystal.colour_lustre               ? 
_exptl_crystal.colour_modifier             ? 
_exptl_crystal.colour_primary              ? 
_exptl_crystal.density_meas                ? 
_exptl_crystal.density_meas_esd            ? 
_exptl_crystal.density_meas_gt             ? 
_exptl_crystal.density_meas_lt             ? 
_exptl_crystal.density_meas_temp           ? 
_exptl_crystal.density_meas_temp_esd       ? 
_exptl_crystal.density_meas_temp_gt        ? 
_exptl_crystal.density_meas_temp_lt        ? 
_exptl_crystal.pdbx_crystal_image_url      ? 
_exptl_crystal.pdbx_crystal_image_format   ? 
_exptl_crystal.pdbx_mosaicity              ? 
_exptl_crystal.pdbx_mosaicity_esd          ? 
# 
_exptl_crystal_grow.apparatus       ? 
_exptl_crystal_grow.atmosphere      ? 
_exptl_crystal_grow.crystal_id      1 
_exptl_crystal_grow.details         ? 
_exptl_crystal_grow.method          'VAPOR DIFFUSION, SITTING DROP' 
_exptl_crystal_grow.method_ref      ? 
_exptl_crystal_grow.pH              ? 
_exptl_crystal_grow.pressure        ? 
_exptl_crystal_grow.pressure_esd    ? 
_exptl_crystal_grow.seeding         ? 
_exptl_crystal_grow.seeding_ref     ? 
_exptl_crystal_grow.temp            277 
_exptl_crystal_grow.temp_details    ? 
_exptl_crystal_grow.temp_esd        ? 
_exptl_crystal_grow.time            ? 
_exptl_crystal_grow.pdbx_details    
'0.10M  morpheus buffer 1 (1M pH 6.5), 30.00%   morpheus EDO_P8K (60%)   0.10M   Morpheus Amino Acids (1M)' 
_exptl_crystal_grow.pdbx_pH_range   ? 
# 
_diffrn.ambient_environment              ? 
_diffrn.ambient_temp                     100 
_diffrn.ambient_temp_details             ? 
_diffrn.ambient_temp_esd                 ? 
_diffrn.crystal_id                       1 
_diffrn.crystal_support                  ? 
_diffrn.crystal_treatment                ? 
_diffrn.details                          ? 
_diffrn.id                               1 
_diffrn.ambient_pressure                 ? 
_diffrn.ambient_pressure_esd             ? 
_diffrn.ambient_pressure_gt              ? 
_diffrn.ambient_pressure_lt              ? 
_diffrn.ambient_temp_gt                  ? 
_diffrn.ambient_temp_lt                  ? 
_diffrn.pdbx_serial_crystal_experiment   N 
# 
_diffrn_detector.details                      ? 
_diffrn_detector.detector                     CCD 
_diffrn_detector.diffrn_id                    1 
_diffrn_detector.type                         'RIGAKU SATURN A200' 
_diffrn_detector.area_resol_mean              ? 
_diffrn_detector.dtime                        ? 
_diffrn_detector.pdbx_frames_total            ? 
_diffrn_detector.pdbx_collection_time_total   ? 
_diffrn_detector.pdbx_collection_date         2012-10-02 
_diffrn_detector.pdbx_frequency               ? 
# 
_diffrn_radiation.collimation                      ? 
_diffrn_radiation.diffrn_id                        1 
_diffrn_radiation.filter_edge                      ? 
_diffrn_radiation.inhomogeneity                    ? 
_diffrn_radiation.monochromator                    ? 
_diffrn_radiation.polarisn_norm                    ? 
_diffrn_radiation.polarisn_ratio                   ? 
_diffrn_radiation.probe                            ? 
_diffrn_radiation.type                             ? 
_diffrn_radiation.xray_symbol                      ? 
_diffrn_radiation.wavelength_id                    1 
_diffrn_radiation.pdbx_monochromatic_or_laue_m_l   M 
_diffrn_radiation.pdbx_wavelength_list             ? 
_diffrn_radiation.pdbx_wavelength                  ? 
_diffrn_radiation.pdbx_diffrn_protocol             'SINGLE WAVELENGTH' 
_diffrn_radiation.pdbx_analyzer                    ? 
_diffrn_radiation.pdbx_scattering_type             x-ray 
# 
_diffrn_radiation_wavelength.id           1 
_diffrn_radiation_wavelength.wavelength   1.541 
_diffrn_radiation_wavelength.wt           1.0 
# 
_diffrn_source.current                     ? 
_diffrn_source.details                     ? 
_diffrn_source.diffrn_id                   1 
_diffrn_source.power                       ? 
_diffrn_source.size                        ? 
_diffrn_source.source                      'ROTATING ANODE' 
_diffrn_source.target                      ? 
_diffrn_source.type                        'RIGAKU FR-E+ SUPERBRIGHT' 
_diffrn_source.voltage                     ? 
_diffrn_source.take-off_angle              ? 
_diffrn_source.pdbx_wavelength_list        1.541 
_diffrn_source.pdbx_wavelength             ? 
_diffrn_source.pdbx_synchrotron_beamline   ? 
_diffrn_source.pdbx_synchrotron_site       ? 
# 
_reflns.B_iso_Wilson_estimate            ? 
_reflns.entry_id                         6YQR 
_reflns.data_reduction_details           ? 
_reflns.data_reduction_method            ? 
_reflns.d_resolution_high                1.68 
_reflns.d_resolution_low                 31.38 
_reflns.details                          ? 
_reflns.limit_h_max                      ? 
_reflns.limit_h_min                      ? 
_reflns.limit_k_max                      ? 
_reflns.limit_k_min                      ? 
_reflns.limit_l_max                      ? 
_reflns.limit_l_min                      ? 
_reflns.number_all                       ? 
_reflns.number_obs                       11790 
_reflns.observed_criterion               ? 
_reflns.observed_criterion_F_max         ? 
_reflns.observed_criterion_F_min         ? 
_reflns.observed_criterion_I_max         ? 
_reflns.observed_criterion_I_min         ? 
_reflns.observed_criterion_sigma_F       ? 
_reflns.observed_criterion_sigma_I       ? 
_reflns.percent_possible_obs             91.4 
_reflns.R_free_details                   ? 
_reflns.Rmerge_F_all                     ? 
_reflns.Rmerge_F_obs                     ? 
_reflns.Friedel_coverage                 ? 
_reflns.number_gt                        ? 
_reflns.threshold_expression             ? 
_reflns.pdbx_redundancy                  3.7 
_reflns.pdbx_Rmerge_I_obs                0.020 
_reflns.pdbx_Rmerge_I_all                ? 
_reflns.pdbx_Rsym_value                  ? 
_reflns.pdbx_netI_over_av_sigmaI         ? 
_reflns.pdbx_netI_over_sigmaI            40.8 
_reflns.pdbx_res_netI_over_av_sigmaI_2   ? 
_reflns.pdbx_res_netI_over_sigmaI_2      ? 
_reflns.pdbx_chi_squared                 ? 
_reflns.pdbx_scaling_rejects             ? 
_reflns.pdbx_d_res_high_opt              ? 
_reflns.pdbx_d_res_low_opt               ? 
_reflns.pdbx_d_res_opt_method            ? 
_reflns.phase_calculation_details        ? 
_reflns.pdbx_Rrim_I_all                  ? 
_reflns.pdbx_Rpim_I_all                  ? 
_reflns.pdbx_d_opt                       ? 
_reflns.pdbx_number_measured_all         ? 
_reflns.pdbx_diffrn_id                   1 
_reflns.pdbx_ordinal                     1 
_reflns.pdbx_CC_half                     ? 
_reflns.pdbx_CC_star                     ? 
_reflns.pdbx_R_split                     ? 
# 
_reflns_shell.d_res_high                  1.68 
_reflns_shell.d_res_low                   1.77 
_reflns_shell.meanI_over_sigI_all         ? 
_reflns_shell.meanI_over_sigI_obs         23.3 
_reflns_shell.number_measured_all         ? 
_reflns_shell.number_measured_obs         ? 
_reflns_shell.number_possible             ? 
_reflns_shell.number_unique_all           ? 
_reflns_shell.number_unique_obs           1585 
_reflns_shell.percent_possible_all        83.4 
_reflns_shell.percent_possible_obs        ? 
_reflns_shell.Rmerge_F_all                ? 
_reflns_shell.Rmerge_F_obs                ? 
_reflns_shell.Rmerge_I_all                ? 
_reflns_shell.Rmerge_I_obs                0.035 
_reflns_shell.meanI_over_sigI_gt          ? 
_reflns_shell.meanI_over_uI_all           ? 
_reflns_shell.meanI_over_uI_gt            ? 
_reflns_shell.number_measured_gt          ? 
_reflns_shell.number_unique_gt            ? 
_reflns_shell.percent_possible_gt         ? 
_reflns_shell.Rmerge_F_gt                 ? 
_reflns_shell.Rmerge_I_gt                 ? 
_reflns_shell.pdbx_redundancy             3.1 
_reflns_shell.pdbx_Rsym_value             ? 
_reflns_shell.pdbx_chi_squared            ? 
_reflns_shell.pdbx_netI_over_sigmaI_all   ? 
_reflns_shell.pdbx_netI_over_sigmaI_obs   ? 
_reflns_shell.pdbx_Rrim_I_all             ? 
_reflns_shell.pdbx_Rpim_I_all             ? 
_reflns_shell.pdbx_rejects                ? 
_reflns_shell.pdbx_ordinal                1 
_reflns_shell.pdbx_diffrn_id              1 
_reflns_shell.pdbx_CC_half                ? 
_reflns_shell.pdbx_CC_star                ? 
_reflns_shell.pdbx_R_split                ? 
# 
_refine.aniso_B[1][1]                            -0.045 
_refine.aniso_B[1][2]                            0.058 
_refine.aniso_B[1][3]                            -0.050 
_refine.aniso_B[2][2]                            -0.086 
_refine.aniso_B[2][3]                            -0.074 
_refine.aniso_B[3][3]                            0.093 
_refine.B_iso_max                                ? 
_refine.B_iso_mean                               18.191 
_refine.B_iso_min                                ? 
_refine.correlation_coeff_Fo_to_Fc               0.958 
_refine.correlation_coeff_Fo_to_Fc_free          0.945 
_refine.details                                  'Hydrogens have been added in their riding positions' 
_refine.diff_density_max                         ? 
_refine.diff_density_max_esd                     ? 
_refine.diff_density_min                         ? 
_refine.diff_density_min_esd                     ? 
_refine.diff_density_rms                         ? 
_refine.diff_density_rms_esd                     ? 
_refine.entry_id                                 6YQR 
_refine.pdbx_refine_id                           'X-RAY DIFFRACTION' 
_refine.ls_abs_structure_details                 ? 
_refine.ls_abs_structure_Flack                   ? 
_refine.ls_abs_structure_Flack_esd               ? 
_refine.ls_abs_structure_Rogers                  ? 
_refine.ls_abs_structure_Rogers_esd              ? 
_refine.ls_d_res_high                            1.684 
_refine.ls_d_res_low                             27.890 
_refine.ls_extinction_coef                       ? 
_refine.ls_extinction_coef_esd                   ? 
_refine.ls_extinction_expression                 ? 
_refine.ls_extinction_method                     ? 
_refine.ls_goodness_of_fit_all                   ? 
_refine.ls_goodness_of_fit_all_esd               ? 
_refine.ls_goodness_of_fit_obs                   ? 
_refine.ls_goodness_of_fit_obs_esd               ? 
_refine.ls_hydrogen_treatment                    ? 
_refine.ls_matrix_type                           ? 
_refine.ls_number_constraints                    ? 
_refine.ls_number_parameters                     ? 
_refine.ls_number_reflns_all                     ? 
_refine.ls_number_reflns_obs                     11766 
_refine.ls_number_reflns_R_free                  572 
_refine.ls_number_reflns_R_work                  ? 
_refine.ls_number_restraints                     ? 
_refine.ls_percent_reflns_obs                    91.252 
_refine.ls_percent_reflns_R_free                 4.861 
_refine.ls_R_factor_all                          0.154 
_refine.ls_R_factor_obs                          ? 
_refine.ls_R_factor_R_free                       0.1850 
_refine.ls_R_factor_R_free_error                 ? 
_refine.ls_R_factor_R_free_error_details         ? 
_refine.ls_R_factor_R_work                       0.1523 
_refine.ls_R_Fsqd_factor_obs                     ? 
_refine.ls_R_I_factor_obs                        ? 
_refine.ls_redundancy_reflns_all                 ? 
_refine.ls_redundancy_reflns_obs                 ? 
_refine.ls_restrained_S_all                      ? 
_refine.ls_restrained_S_obs                      ? 
_refine.ls_shift_over_esd_max                    ? 
_refine.ls_shift_over_esd_mean                   ? 
_refine.ls_structure_factor_coef                 ? 
_refine.ls_weighting_details                     ? 
_refine.ls_weighting_scheme                      ? 
_refine.ls_wR_factor_all                         ? 
_refine.ls_wR_factor_obs                         ? 
_refine.ls_wR_factor_R_free                      ? 
_refine.ls_wR_factor_R_work                      ? 
_refine.occupancy_max                            ? 
_refine.occupancy_min                            ? 
_refine.solvent_model_details                    ? 
_refine.solvent_model_param_bsol                 ? 
_refine.solvent_model_param_ksol                 ? 
_refine.pdbx_R_complete                          ? 
_refine.ls_R_factor_gt                           ? 
_refine.ls_goodness_of_fit_gt                    ? 
_refine.ls_goodness_of_fit_ref                   ? 
_refine.ls_shift_over_su_max                     ? 
_refine.ls_shift_over_su_max_lt                  ? 
_refine.ls_shift_over_su_mean                    ? 
_refine.ls_shift_over_su_mean_lt                 ? 
_refine.pdbx_ls_sigma_I                          ? 
_refine.pdbx_ls_sigma_F                          ? 
_refine.pdbx_ls_sigma_Fsqd                       ? 
_refine.pdbx_data_cutoff_high_absF               ? 
_refine.pdbx_data_cutoff_high_rms_absF           ? 
_refine.pdbx_data_cutoff_low_absF                ? 
_refine.pdbx_isotropic_thermal_model             ? 
_refine.pdbx_ls_cross_valid_method               'FREE R-VALUE' 
_refine.pdbx_method_to_determine_struct          'FOURIER SYNTHESIS' 
_refine.pdbx_starting_model                      ? 
_refine.pdbx_stereochemistry_target_values       ? 
_refine.pdbx_R_Free_selection_details            ? 
_refine.pdbx_stereochem_target_val_spec_case     ? 
_refine.pdbx_overall_ESU_R                       0.105 
_refine.pdbx_overall_ESU_R_Free                  0.101 
_refine.pdbx_solvent_vdw_probe_radii             1.200 
_refine.pdbx_solvent_ion_probe_radii             0.800 
_refine.pdbx_solvent_shrinkage_radii             0.800 
_refine.pdbx_real_space_R                        ? 
_refine.pdbx_density_correlation                 ? 
_refine.pdbx_pd_number_of_powder_patterns        ? 
_refine.pdbx_pd_number_of_points                 ? 
_refine.pdbx_pd_meas_number_of_points            ? 
_refine.pdbx_pd_proc_ls_prof_R_factor            ? 
_refine.pdbx_pd_proc_ls_prof_wR_factor           ? 
_refine.pdbx_pd_Marquardt_correlation_coeff      ? 
_refine.pdbx_pd_Fsqrd_R_factor                   ? 
_refine.pdbx_pd_ls_matrix_band_width             ? 
_refine.pdbx_overall_phase_error                 ? 
_refine.pdbx_overall_SU_R_free_Cruickshank_DPI   ? 
_refine.pdbx_overall_SU_R_free_Blow_DPI          ? 
_refine.pdbx_overall_SU_R_Blow_DPI               ? 
_refine.pdbx_TLS_residual_ADP_flag               ? 
_refine.pdbx_diffrn_id                           1 
_refine.overall_SU_B                             1.755 
_refine.overall_SU_ML                            0.060 
_refine.overall_SU_R_Cruickshank_DPI             ? 
_refine.overall_SU_R_free                        ? 
_refine.overall_FOM_free_R_set                   ? 
_refine.overall_FOM_work_R_set                   ? 
_refine.pdbx_average_fsc_overall                 ? 
_refine.pdbx_average_fsc_work                    ? 
_refine.pdbx_average_fsc_free                    ? 
# 
_refine_hist.pdbx_refine_id                   'X-RAY DIFFRACTION' 
_refine_hist.cycle_id                         LAST 
_refine_hist.pdbx_number_atoms_protein        821 
_refine_hist.pdbx_number_atoms_nucleic_acid   0 
_refine_hist.pdbx_number_atoms_ligand         23 
_refine_hist.number_atoms_solvent             212 
_refine_hist.number_atoms_total               1056 
_refine_hist.d_res_high                       1.684 
_refine_hist.d_res_low                        27.890 
# 
loop_
_refine_ls_restr.pdbx_refine_id 
_refine_ls_restr.criterion 
_refine_ls_restr.dev_ideal 
_refine_ls_restr.dev_ideal_target 
_refine_ls_restr.number 
_refine_ls_restr.rejects 
_refine_ls_restr.type 
_refine_ls_restr.weight 
_refine_ls_restr.pdbx_restraint_function 
'X-RAY DIFFRACTION' ? 0.004  0.013  880  ? r_bond_refined_d               ? ? 
'X-RAY DIFFRACTION' ? 0.001  0.017  831  ? r_bond_other_d                 ? ? 
'X-RAY DIFFRACTION' ? 1.172  1.648  1186 ? r_angle_refined_deg            ? ? 
'X-RAY DIFFRACTION' ? 1.261  1.611  1933 ? r_angle_other_deg              ? ? 
'X-RAY DIFFRACTION' ? 3.984  5.000  104  ? r_dihedral_angle_1_deg         ? ? 
'X-RAY DIFFRACTION' ? 36.227 22.750 40   ? r_dihedral_angle_2_deg         ? ? 
'X-RAY DIFFRACTION' ? 10.838 15.000 161  ? r_dihedral_angle_3_deg         ? ? 
'X-RAY DIFFRACTION' ? 11.403 15.000 3    ? r_dihedral_angle_4_deg         ? ? 
'X-RAY DIFFRACTION' ? 0.059  0.200  112  ? r_chiral_restr                 ? ? 
'X-RAY DIFFRACTION' ? 0.005  0.020  951  ? r_gen_planes_refined           ? ? 
'X-RAY DIFFRACTION' ? 0.001  0.020  189  ? r_gen_planes_other             ? ? 
'X-RAY DIFFRACTION' ? 0.188  0.200  209  ? r_nbd_refined                  ? ? 
'X-RAY DIFFRACTION' ? 0.176  0.200  741  ? r_symmetry_nbd_other           ? ? 
'X-RAY DIFFRACTION' ? 0.174  0.200  430  ? r_nbtor_refined                ? ? 
'X-RAY DIFFRACTION' ? 0.081  0.200  289  ? r_symmetry_nbtor_other         ? ? 
'X-RAY DIFFRACTION' ? 0.148  0.200  151  ? r_xyhbond_nbd_refined          ? ? 
'X-RAY DIFFRACTION' ? 0.170  0.200  14   ? r_symmetry_nbd_refined         ? ? 
'X-RAY DIFFRACTION' ? 0.227  0.200  37   ? r_nbd_other                    ? ? 
'X-RAY DIFFRACTION' ? 0.139  0.200  26   ? r_symmetry_xyhbond_nbd_refined ? ? 
'X-RAY DIFFRACTION' ? 1.285  2.127  407  ? r_mcbond_it                    ? ? 
'X-RAY DIFFRACTION' ? 1.243  2.119  406  ? r_mcbond_other                 ? ? 
'X-RAY DIFFRACTION' ? 2.138  4.767  508  ? r_mcangle_it                   ? ? 
'X-RAY DIFFRACTION' ? 2.152  4.778  509  ? r_mcangle_other                ? ? 
'X-RAY DIFFRACTION' ? 1.810  2.465  473  ? r_scbond_it                    ? ? 
'X-RAY DIFFRACTION' ? 1.809  2.466  473  ? r_scbond_other                 ? ? 
'X-RAY DIFFRACTION' ? 3.012  5.384  676  ? r_scangle_it                   ? ? 
'X-RAY DIFFRACTION' ? 3.010  5.388  677  ? r_scangle_other                ? ? 
'X-RAY DIFFRACTION' ? 6.424  22.472 1156 ? r_lrange_it                    ? ? 
'X-RAY DIFFRACTION' ? 6.422  22.480 1157 ? r_lrange_other                 ? ? 
# 
loop_
_refine_ls_shell.pdbx_refine_id 
_refine_ls_shell.d_res_high 
_refine_ls_shell.d_res_low 
_refine_ls_shell.number_reflns_all 
_refine_ls_shell.number_reflns_obs 
_refine_ls_shell.number_reflns_R_free 
_refine_ls_shell.number_reflns_R_work 
_refine_ls_shell.percent_reflns_obs 
_refine_ls_shell.percent_reflns_R_free 
_refine_ls_shell.R_factor_all 
_refine_ls_shell.R_factor_obs 
_refine_ls_shell.R_factor_R_free 
_refine_ls_shell.R_factor_R_free_error 
_refine_ls_shell.R_factor_R_work 
_refine_ls_shell.redundancy_reflns_all 
_refine_ls_shell.redundancy_reflns_obs 
_refine_ls_shell.wR_factor_all 
_refine_ls_shell.wR_factor_obs 
_refine_ls_shell.wR_factor_R_free 
_refine_ls_shell.wR_factor_R_work 
_refine_ls_shell.pdbx_R_complete 
_refine_ls_shell.pdbx_total_number_of_bins_used 
_refine_ls_shell.pdbx_phase_error 
_refine_ls_shell.pdbx_fsc_work 
_refine_ls_shell.pdbx_fsc_free 
'X-RAY DIFFRACTION' 1.684 1.727  979 . 50 738 80.4903 . 0.187 . 0.214 . 0.185 . . . . . 0.168 . 20 . 0.934 0.911 
'X-RAY DIFFRACTION' 1.727 1.775  920 . 36 749 85.3261 . 0.176 . 0.228 . 0.173 . . . . . 0.161 . 20 . 0.941 0.932 
'X-RAY DIFFRACTION' 1.775 1.826  867 . 35 727 87.8893 . 0.171 . 0.215 . 0.169 . . . . . 0.158 . 20 . 0.946 0.936 
'X-RAY DIFFRACTION' 1.826 1.882  923 . 53 781 90.3575 . 0.155 . 0.171 . 0.153 . . . . . 0.149 . 20 . 0.956 0.962 
'X-RAY DIFFRACTION' 1.882 1.943  820 . 28 714 90.4878 . 0.153 . 0.216 . 0.151 . . . . . 0.152 . 20 . 0.958 0.949 
'X-RAY DIFFRACTION' 1.943 2.011  828 . 46 714 91.7874 . 0.162 . 0.187 . 0.160 . . . . . 0.164 . 20 . 0.954 0.948 
'X-RAY DIFFRACTION' 2.011 2.087  783 . 23 694 91.5709 . 0.150 . 0.207 . 0.148 . . . . . 0.155 . 20 . 0.960 0.951 
'X-RAY DIFFRACTION' 2.087 2.171  761 . 38 657 91.3272 . 0.136 . 0.194 . 0.133 . . . . . 0.145 . 20 . 0.967 0.951 
'X-RAY DIFFRACTION' 2.171 2.267  750 . 32 667 93.2000 . 0.137 . 0.176 . 0.135 . . . . . 0.150 . 20 . 0.965 0.957 
'X-RAY DIFFRACTION' 2.267 2.377  685 . 34 601 92.7007 . 0.150 . 0.177 . 0.148 . . . . . 0.164 . 20 . 0.961 0.948 
'X-RAY DIFFRACTION' 2.377 2.505  661 . 26 590 93.1921 . 0.153 . 0.231 . 0.150 . . . . . 0.171 . 20 . 0.958 0.932 
'X-RAY DIFFRACTION' 2.505 2.655  621 . 30 555 94.2029 . 0.163 . 0.219 . 0.160 . . . . . 0.184 . 20 . 0.954 0.936 
'X-RAY DIFFRACTION' 2.655 2.837  601 . 26 538 93.8436 . 0.147 . 0.184 . 0.145 . . . . . 0.165 . 20 . 0.962 0.951 
'X-RAY DIFFRACTION' 2.837 3.061  561 . 23 512 95.3654 . 0.149 . 0.140 . 0.150 . . . . . 0.177 . 20 . 0.965 0.973 
'X-RAY DIFFRACTION' 3.061 3.350  500 . 19 453 94.4000 . 0.147 . 0.155 . 0.147 . . . . . 0.173 . 20 . 0.968 0.967 
'X-RAY DIFFRACTION' 3.350 3.738  456 . 19 422 96.7105 . 0.135 . 0.122 . 0.135 . . . . . 0.155 . 20 . 0.973 0.972 
'X-RAY DIFFRACTION' 3.738 4.304  406 . 26 364 96.0591 . 0.153 . 0.215 . 0.149 . . . . . 0.174 . 20 . 0.968 0.951 
'X-RAY DIFFRACTION' 4.304 5.240  344 . 15 318 96.8023 . 0.164 . 0.133 . 0.165 . . . . . 0.188 . 20 . 0.964 0.969 
'X-RAY DIFFRACTION' 5.240 7.283  270 . 4  259 97.4074 . 0.176 . 0.334 . 0.174 . . . . . 0.194 . 20 . 0.948 0.893 
'X-RAY DIFFRACTION' 7.283 27.890 156 . 9  141 96.1538 . 0.209 . 0.228 . 0.209 . . . . . 0.244 . 20 . 0.942 0.921 
# 
_struct.entry_id                     6YQR 
_struct.title                        'BRD9 with Biphenyl-methylamino-dimethylpyridazinone' 
_struct.pdbx_model_details           ? 
_struct.pdbx_formula_weight          ? 
_struct.pdbx_formula_weight_method   ? 
_struct.pdbx_model_type_details      ? 
_struct.pdbx_CASP_flag               N 
# 
_struct_keywords.entry_id        6YQR 
_struct_keywords.text            'BRD9, INHIBITOR, HISTONE, EPIGENETIC READER, BROMODOMAIN, TRANSCRIPTION' 
_struct_keywords.pdbx_keywords   TRANSCRIPTION 
# 
loop_
_struct_asym.id 
_struct_asym.pdbx_blank_PDB_chainid_flag 
_struct_asym.pdbx_modified 
_struct_asym.entity_id 
_struct_asym.details 
A N N 1 ? 
B N N 2 ? 
C N N 3 ? 
# 
_struct_ref.id                         1 
_struct_ref.db_name                    UNP 
_struct_ref.db_code                    BRD9_HUMAN 
_struct_ref.pdbx_db_accession          Q9H8M2 
_struct_ref.pdbx_db_isoform            ? 
_struct_ref.entity_id                  1 
_struct_ref.pdbx_seq_one_letter_code   
;AENESTPIQQLLEHFLRQLQRKDPHGFFAFPVTDAIAPGYSMIIKHPMDFGTMKDKIVANEYKSVTEFKADFKLMCDNAM
TYNRPDTVYYKLAKKILHAGFKMMS
;
_struct_ref.pdbx_align_begin           134 
# 
_struct_ref_seq.align_id                      1 
_struct_ref_seq.ref_id                        1 
_struct_ref_seq.pdbx_PDB_id_code              6YQR 
_struct_ref_seq.pdbx_strand_id                AAA 
_struct_ref_seq.seq_align_beg                 2 
_struct_ref_seq.pdbx_seq_align_beg_ins_code   ? 
_struct_ref_seq.seq_align_end                 106 
_struct_ref_seq.pdbx_seq_align_end_ins_code   ? 
_struct_ref_seq.pdbx_db_accession             Q9H8M2 
_struct_ref_seq.db_align_beg                  134 
_struct_ref_seq.pdbx_db_align_beg_ins_code    ? 
_struct_ref_seq.db_align_end                  238 
_struct_ref_seq.pdbx_db_align_end_ins_code    ? 
_struct_ref_seq.pdbx_auth_seq_align_beg       18 
_struct_ref_seq.pdbx_auth_seq_align_end       122 
# 
_struct_ref_seq_dif.align_id                     1 
_struct_ref_seq_dif.pdbx_pdb_id_code             6YQR 
_struct_ref_seq_dif.mon_id                       GLY 
_struct_ref_seq_dif.pdbx_pdb_strand_id           AAA 
_struct_ref_seq_dif.seq_num                      1 
_struct_ref_seq_dif.pdbx_pdb_ins_code            ? 
_struct_ref_seq_dif.pdbx_seq_db_name             UNP 
_struct_ref_seq_dif.pdbx_seq_db_accession_code   Q9H8M2 
_struct_ref_seq_dif.db_mon_id                    ? 
_struct_ref_seq_dif.pdbx_seq_db_seq_num          ? 
_struct_ref_seq_dif.details                      'expression tag' 
_struct_ref_seq_dif.pdbx_auth_seq_num            17 
_struct_ref_seq_dif.pdbx_ordinal                 1 
# 
_pdbx_struct_assembly.id                   1 
_pdbx_struct_assembly.details              author_and_software_defined_assembly 
_pdbx_struct_assembly.method_details       PISA 
_pdbx_struct_assembly.oligomeric_details   monomeric 
_pdbx_struct_assembly.oligomeric_count     1 
# 
loop_
_pdbx_struct_assembly_prop.biol_id 
_pdbx_struct_assembly_prop.type 
_pdbx_struct_assembly_prop.value 
_pdbx_struct_assembly_prop.details 
1 'ABSA (A^2)' 0    ? 
1 MORE         0    ? 
1 'SSA (A^2)'  6050 ? 
# 
_pdbx_struct_assembly_gen.assembly_id       1 
_pdbx_struct_assembly_gen.oper_expression   1 
_pdbx_struct_assembly_gen.asym_id_list      A,B,C 
# 
_pdbx_struct_assembly_auth_evidence.id                     1 
_pdbx_struct_assembly_auth_evidence.assembly_id            1 
_pdbx_struct_assembly_auth_evidence.experimental_support   'gel filtration' 
_pdbx_struct_assembly_auth_evidence.details                ? 
# 
_pdbx_struct_oper_list.id                   1 
_pdbx_struct_oper_list.type                 'identity operation' 
_pdbx_struct_oper_list.name                 1_555 
_pdbx_struct_oper_list.symmetry_operation   x,y,z 
_pdbx_struct_oper_list.matrix[1][1]         1.0000000000 
_pdbx_struct_oper_list.matrix[1][2]         0.0000000000 
_pdbx_struct_oper_list.matrix[1][3]         0.0000000000 
_pdbx_struct_oper_list.vector[1]            0.0000000000 
_pdbx_struct_oper_list.matrix[2][1]         0.0000000000 
_pdbx_struct_oper_list.matrix[2][2]         1.0000000000 
_pdbx_struct_oper_list.matrix[2][3]         0.0000000000 
_pdbx_struct_oper_list.vector[2]            0.0000000000 
_pdbx_struct_oper_list.matrix[3][1]         0.0000000000 
_pdbx_struct_oper_list.matrix[3][2]         0.0000000000 
_pdbx_struct_oper_list.matrix[3][3]         1.0000000000 
_pdbx_struct_oper_list.vector[3]            0.0000000000 
# 
loop_
_struct_conf.conf_type_id 
_struct_conf.id 
_struct_conf.pdbx_PDB_helix_id 
_struct_conf.beg_label_comp_id 
_struct_conf.beg_label_asym_id 
_struct_conf.beg_label_seq_id 
_struct_conf.pdbx_beg_PDB_ins_code 
_struct_conf.end_label_comp_id 
_struct_conf.end_label_asym_id 
_struct_conf.end_label_seq_id 
_struct_conf.pdbx_end_PDB_ins_code 
_struct_conf.beg_auth_comp_id 
_struct_conf.beg_auth_asym_id 
_struct_conf.beg_auth_seq_id 
_struct_conf.end_auth_comp_id 
_struct_conf.end_auth_asym_id 
_struct_conf.end_auth_seq_id 
_struct_conf.pdbx_PDB_helix_class 
_struct_conf.details 
_struct_conf.pdbx_PDB_helix_length 
HELX_P HELX_P1 AA1 THR A 7  ? LYS A 23  ? THR AAA 23  LYS AAA 39  1 ? 17 
HELX_P HELX_P2 AA2 GLY A 40 ? ILE A 45  ? GLY AAA 56  ILE AAA 61  1 ? 6  
HELX_P HELX_P3 AA3 ASP A 50 ? ALA A 60  ? ASP AAA 66  ALA AAA 76  1 ? 11 
HELX_P HELX_P4 AA4 SER A 65 ? ASN A 84  ? SER AAA 81  ASN AAA 100 1 ? 20 
HELX_P HELX_P5 AA5 THR A 88 ? SER A 106 ? THR AAA 104 SER AAA 122 1 ? 19 
# 
_struct_conf_type.id          HELX_P 
_struct_conf_type.criteria    ? 
_struct_conf_type.reference   ? 
# 
_pdbx_validate_close_contact.id               1 
_pdbx_validate_close_contact.PDB_model_num    1 
_pdbx_validate_close_contact.auth_atom_id_1   O 
_pdbx_validate_close_contact.auth_asym_id_1   AAA 
_pdbx_validate_close_contact.auth_comp_id_1   HOH 
_pdbx_validate_close_contact.auth_seq_id_1    353 
_pdbx_validate_close_contact.PDB_ins_code_1   ? 
_pdbx_validate_close_contact.label_alt_id_1   ? 
_pdbx_validate_close_contact.auth_atom_id_2   O 
_pdbx_validate_close_contact.auth_asym_id_2   AAA 
_pdbx_validate_close_contact.auth_comp_id_2   HOH 
_pdbx_validate_close_contact.auth_seq_id_2    412 
_pdbx_validate_close_contact.PDB_ins_code_2   ? 
_pdbx_validate_close_contact.label_alt_id_2   ? 
_pdbx_validate_close_contact.dist             2.10 
# 
_pdbx_entry_details.entry_id                 6YQR 
_pdbx_entry_details.has_ligand_of_interest   Y 
_pdbx_entry_details.compound_details         ? 
_pdbx_entry_details.source_details           ? 
_pdbx_entry_details.nonpolymer_details       ? 
_pdbx_entry_details.sequence_details         ? 
# 
loop_
_pdbx_distant_solvent_atoms.id 
_pdbx_distant_solvent_atoms.PDB_model_num 
_pdbx_distant_solvent_atoms.auth_atom_id 
_pdbx_distant_solvent_atoms.label_alt_id 
_pdbx_distant_solvent_atoms.auth_asym_id 
_pdbx_distant_solvent_atoms.auth_comp_id 
_pdbx_distant_solvent_atoms.auth_seq_id 
_pdbx_distant_solvent_atoms.PDB_ins_code 
_pdbx_distant_solvent_atoms.neighbor_macromolecule_distance 
_pdbx_distant_solvent_atoms.neighbor_ligand_distance 
1 1 O ? AAA HOH 511 ? 5.90 . 
2 1 O ? AAA HOH 512 ? 5.96 . 
# 
loop_
_pdbx_unobs_or_zero_occ_residues.id 
_pdbx_unobs_or_zero_occ_residues.PDB_model_num 
_pdbx_unobs_or_zero_occ_residues.polymer_flag 
_pdbx_unobs_or_zero_occ_residues.occupancy_flag 
_pdbx_unobs_or_zero_occ_residues.auth_asym_id 
_pdbx_unobs_or_zero_occ_residues.auth_comp_id 
_pdbx_unobs_or_zero_occ_residues.auth_seq_id 
_pdbx_unobs_or_zero_occ_residues.PDB_ins_code 
_pdbx_unobs_or_zero_occ_residues.label_asym_id 
_pdbx_unobs_or_zero_occ_residues.label_comp_id 
_pdbx_unobs_or_zero_occ_residues.label_seq_id 
1 1 Y 1 AAA GLY 17 ? A GLY 1 
2 1 Y 1 AAA ALA 18 ? A ALA 2 
3 1 Y 1 AAA GLU 19 ? A GLU 3 
4 1 Y 1 AAA ASN 20 ? A ASN 4 
5 1 Y 1 AAA GLU 21 ? A GLU 5 
# 
loop_
_chem_comp_atom.comp_id 
_chem_comp_atom.atom_id 
_chem_comp_atom.type_symbol 
_chem_comp_atom.pdbx_aromatic_flag 
_chem_comp_atom.pdbx_stereo_config 
_chem_comp_atom.pdbx_ordinal 
ALA N    N N N 1   
ALA CA   C N S 2   
ALA C    C N N 3   
ALA O    O N N 4   
ALA CB   C N N 5   
ALA OXT  O N N 6   
ALA H    H N N 7   
ALA H2   H N N 8   
ALA HA   H N N 9   
ALA HB1  H N N 10  
ALA HB2  H N N 11  
ALA HB3  H N N 12  
ALA HXT  H N N 13  
ARG N    N N N 14  
ARG CA   C N S 15  
ARG C    C N N 16  
ARG O    O N N 17  
ARG CB   C N N 18  
ARG CG   C N N 19  
ARG CD   C N N 20  
ARG NE   N N N 21  
ARG CZ   C N N 22  
ARG NH1  N N N 23  
ARG NH2  N N N 24  
ARG OXT  O N N 25  
ARG H    H N N 26  
ARG H2   H N N 27  
ARG HA   H N N 28  
ARG HB2  H N N 29  
ARG HB3  H N N 30  
ARG HG2  H N N 31  
ARG HG3  H N N 32  
ARG HD2  H N N 33  
ARG HD3  H N N 34  
ARG HE   H N N 35  
ARG HH11 H N N 36  
ARG HH12 H N N 37  
ARG HH21 H N N 38  
ARG HH22 H N N 39  
ARG HXT  H N N 40  
ASN N    N N N 41  
ASN CA   C N S 42  
ASN C    C N N 43  
ASN O    O N N 44  
ASN CB   C N N 45  
ASN CG   C N N 46  
ASN OD1  O N N 47  
ASN ND2  N N N 48  
ASN OXT  O N N 49  
ASN H    H N N 50  
ASN H2   H N N 51  
ASN HA   H N N 52  
ASN HB2  H N N 53  
ASN HB3  H N N 54  
ASN HD21 H N N 55  
ASN HD22 H N N 56  
ASN HXT  H N N 57  
ASP N    N N N 58  
ASP CA   C N S 59  
ASP C    C N N 60  
ASP O    O N N 61  
ASP CB   C N N 62  
ASP CG   C N N 63  
ASP OD1  O N N 64  
ASP OD2  O N N 65  
ASP OXT  O N N 66  
ASP H    H N N 67  
ASP H2   H N N 68  
ASP HA   H N N 69  
ASP HB2  H N N 70  
ASP HB3  H N N 71  
ASP HD2  H N N 72  
ASP HXT  H N N 73  
CYS N    N N N 74  
CYS CA   C N R 75  
CYS C    C N N 76  
CYS O    O N N 77  
CYS CB   C N N 78  
CYS SG   S N N 79  
CYS OXT  O N N 80  
CYS H    H N N 81  
CYS H2   H N N 82  
CYS HA   H N N 83  
CYS HB2  H N N 84  
CYS HB3  H N N 85  
CYS HG   H N N 86  
CYS HXT  H N N 87  
GLN N    N N N 88  
GLN CA   C N S 89  
GLN C    C N N 90  
GLN O    O N N 91  
GLN CB   C N N 92  
GLN CG   C N N 93  
GLN CD   C N N 94  
GLN OE1  O N N 95  
GLN NE2  N N N 96  
GLN OXT  O N N 97  
GLN H    H N N 98  
GLN H2   H N N 99  
GLN HA   H N N 100 
GLN HB2  H N N 101 
GLN HB3  H N N 102 
GLN HG2  H N N 103 
GLN HG3  H N N 104 
GLN HE21 H N N 105 
GLN HE22 H N N 106 
GLN HXT  H N N 107 
GLU N    N N N 108 
GLU CA   C N S 109 
GLU C    C N N 110 
GLU O    O N N 111 
GLU CB   C N N 112 
GLU CG   C N N 113 
GLU CD   C N N 114 
GLU OE1  O N N 115 
GLU OE2  O N N 116 
GLU OXT  O N N 117 
GLU H    H N N 118 
GLU H2   H N N 119 
GLU HA   H N N 120 
GLU HB2  H N N 121 
GLU HB3  H N N 122 
GLU HG2  H N N 123 
GLU HG3  H N N 124 
GLU HE2  H N N 125 
GLU HXT  H N N 126 
GLY N    N N N 127 
GLY CA   C N N 128 
GLY C    C N N 129 
GLY O    O N N 130 
GLY OXT  O N N 131 
GLY H    H N N 132 
GLY H2   H N N 133 
GLY HA2  H N N 134 
GLY HA3  H N N 135 
GLY HXT  H N N 136 
HIS N    N N N 137 
HIS CA   C N S 138 
HIS C    C N N 139 
HIS O    O N N 140 
HIS CB   C N N 141 
HIS CG   C Y N 142 
HIS ND1  N Y N 143 
HIS CD2  C Y N 144 
HIS CE1  C Y N 145 
HIS NE2  N Y N 146 
HIS OXT  O N N 147 
HIS H    H N N 148 
HIS H2   H N N 149 
HIS HA   H N N 150 
HIS HB2  H N N 151 
HIS HB3  H N N 152 
HIS HD1  H N N 153 
HIS HD2  H N N 154 
HIS HE1  H N N 155 
HIS HE2  H N N 156 
HIS HXT  H N N 157 
HOH O    O N N 158 
HOH H1   H N N 159 
HOH H2   H N N 160 
ILE N    N N N 161 
ILE CA   C N S 162 
ILE C    C N N 163 
ILE O    O N N 164 
ILE CB   C N S 165 
ILE CG1  C N N 166 
ILE CG2  C N N 167 
ILE CD1  C N N 168 
ILE OXT  O N N 169 
ILE H    H N N 170 
ILE H2   H N N 171 
ILE HA   H N N 172 
ILE HB   H N N 173 
ILE HG12 H N N 174 
ILE HG13 H N N 175 
ILE HG21 H N N 176 
ILE HG22 H N N 177 
ILE HG23 H N N 178 
ILE HD11 H N N 179 
ILE HD12 H N N 180 
ILE HD13 H N N 181 
ILE HXT  H N N 182 
LEU N    N N N 183 
LEU CA   C N S 184 
LEU C    C N N 185 
LEU O    O N N 186 
LEU CB   C N N 187 
LEU CG   C N N 188 
LEU CD1  C N N 189 
LEU CD2  C N N 190 
LEU OXT  O N N 191 
LEU H    H N N 192 
LEU H2   H N N 193 
LEU HA   H N N 194 
LEU HB2  H N N 195 
LEU HB3  H N N 196 
LEU HG   H N N 197 
LEU HD11 H N N 198 
LEU HD12 H N N 199 
LEU HD13 H N N 200 
LEU HD21 H N N 201 
LEU HD22 H N N 202 
LEU HD23 H N N 203 
LEU HXT  H N N 204 
LYS N    N N N 205 
LYS CA   C N S 206 
LYS C    C N N 207 
LYS O    O N N 208 
LYS CB   C N N 209 
LYS CG   C N N 210 
LYS CD   C N N 211 
LYS CE   C N N 212 
LYS NZ   N N N 213 
LYS OXT  O N N 214 
LYS H    H N N 215 
LYS H2   H N N 216 
LYS HA   H N N 217 
LYS HB2  H N N 218 
LYS HB3  H N N 219 
LYS HG2  H N N 220 
LYS HG3  H N N 221 
LYS HD2  H N N 222 
LYS HD3  H N N 223 
LYS HE2  H N N 224 
LYS HE3  H N N 225 
LYS HZ1  H N N 226 
LYS HZ2  H N N 227 
LYS HZ3  H N N 228 
LYS HXT  H N N 229 
MET N    N N N 230 
MET CA   C N S 231 
MET C    C N N 232 
MET O    O N N 233 
MET CB   C N N 234 
MET CG   C N N 235 
MET SD   S N N 236 
MET CE   C N N 237 
MET OXT  O N N 238 
MET H    H N N 239 
MET H2   H N N 240 
MET HA   H N N 241 
MET HB2  H N N 242 
MET HB3  H N N 243 
MET HG2  H N N 244 
MET HG3  H N N 245 
MET HE1  H N N 246 
MET HE2  H N N 247 
MET HE3  H N N 248 
MET HXT  H N N 249 
P8W C13  C Y N 250 
P8W C15  C Y N 251 
P8W C17  C Y N 252 
P8W C21  C Y N 253 
P8W C22  C Y N 254 
P8W C01  C N N 255 
P8W C05  C N N 256 
P8W C06  C N N 257 
P8W N07  N N N 258 
P8W C09  C N N 259 
P8W C12  C Y N 260 
P8W C19  C Y N 261 
P8W C23  C Y N 262 
P8W C25  C Y N 263 
P8W C27  C Y N 264 
P8W C29  C Y N 265 
P8W C31  C Y N 266 
P8W C33  C N N 267 
P8W N35  N N N 268 
P8W N36  N N N 269 
P8W C37  C N N 270 
P8W C41  C N N 271 
P8W O42  O N N 272 
P8W H1   H N N 273 
P8W H2   H N N 274 
P8W H3   H N N 275 
P8W H4   H N N 276 
P8W H5   H N N 277 
P8W H6   H N N 278 
P8W H7   H N N 279 
P8W H8   H N N 280 
P8W H9   H N N 281 
P8W H10  H N N 282 
P8W H11  H N N 283 
P8W H12  H N N 284 
P8W H13  H N N 285 
P8W H14  H N N 286 
P8W H15  H N N 287 
P8W H16  H N N 288 
P8W H17  H N N 289 
P8W H18  H N N 290 
P8W H19  H N N 291 
PHE N    N N N 292 
PHE CA   C N S 293 
PHE C    C N N 294 
PHE O    O N N 295 
PHE CB   C N N 296 
PHE CG   C Y N 297 
PHE CD1  C Y N 298 
PHE CD2  C Y N 299 
PHE CE1  C Y N 300 
PHE CE2  C Y N 301 
PHE CZ   C Y N 302 
PHE OXT  O N N 303 
PHE H    H N N 304 
PHE H2   H N N 305 
PHE HA   H N N 306 
PHE HB2  H N N 307 
PHE HB3  H N N 308 
PHE HD1  H N N 309 
PHE HD2  H N N 310 
PHE HE1  H N N 311 
PHE HE2  H N N 312 
PHE HZ   H N N 313 
PHE HXT  H N N 314 
PRO N    N N N 315 
PRO CA   C N S 316 
PRO C    C N N 317 
PRO O    O N N 318 
PRO CB   C N N 319 
PRO CG   C N N 320 
PRO CD   C N N 321 
PRO OXT  O N N 322 
PRO H    H N N 323 
PRO HA   H N N 324 
PRO HB2  H N N 325 
PRO HB3  H N N 326 
PRO HG2  H N N 327 
PRO HG3  H N N 328 
PRO HD2  H N N 329 
PRO HD3  H N N 330 
PRO HXT  H N N 331 
SER N    N N N 332 
SER CA   C N S 333 
SER C    C N N 334 
SER O    O N N 335 
SER CB   C N N 336 
SER OG   O N N 337 
SER OXT  O N N 338 
SER H    H N N 339 
SER H2   H N N 340 
SER HA   H N N 341 
SER HB2  H N N 342 
SER HB3  H N N 343 
SER HG   H N N 344 
SER HXT  H N N 345 
THR N    N N N 346 
THR CA   C N S 347 
THR C    C N N 348 
THR O    O N N 349 
THR CB   C N R 350 
THR OG1  O N N 351 
THR CG2  C N N 352 
THR OXT  O N N 353 
THR H    H N N 354 
THR H2   H N N 355 
THR HA   H N N 356 
THR HB   H N N 357 
THR HG1  H N N 358 
THR HG21 H N N 359 
THR HG22 H N N 360 
THR HG23 H N N 361 
THR HXT  H N N 362 
TYR N    N N N 363 
TYR CA   C N S 364 
TYR C    C N N 365 
TYR O    O N N 366 
TYR CB   C N N 367 
TYR CG   C Y N 368 
TYR CD1  C Y N 369 
TYR CD2  C Y N 370 
TYR CE1  C Y N 371 
TYR CE2  C Y N 372 
TYR CZ   C Y N 373 
TYR OH   O N N 374 
TYR OXT  O N N 375 
TYR H    H N N 376 
TYR H2   H N N 377 
TYR HA   H N N 378 
TYR HB2  H N N 379 
TYR HB3  H N N 380 
TYR HD1  H N N 381 
TYR HD2  H N N 382 
TYR HE1  H N N 383 
TYR HE2  H N N 384 
TYR HH   H N N 385 
TYR HXT  H N N 386 
VAL N    N N N 387 
VAL CA   C N S 388 
VAL C    C N N 389 
VAL O    O N N 390 
VAL CB   C N N 391 
VAL CG1  C N N 392 
VAL CG2  C N N 393 
VAL OXT  O N N 394 
VAL H    H N N 395 
VAL H2   H N N 396 
VAL HA   H N N 397 
VAL HB   H N N 398 
VAL HG11 H N N 399 
VAL HG12 H N N 400 
VAL HG13 H N N 401 
VAL HG21 H N N 402 
VAL HG22 H N N 403 
VAL HG23 H N N 404 
VAL HXT  H N N 405 
# 
loop_
_chem_comp_bond.comp_id 
_chem_comp_bond.atom_id_1 
_chem_comp_bond.atom_id_2 
_chem_comp_bond.value_order 
_chem_comp_bond.pdbx_aromatic_flag 
_chem_comp_bond.pdbx_stereo_config 
_chem_comp_bond.pdbx_ordinal 
ALA N   CA   sing N N 1   
ALA N   H    sing N N 2   
ALA N   H2   sing N N 3   
ALA CA  C    sing N N 4   
ALA CA  CB   sing N N 5   
ALA CA  HA   sing N N 6   
ALA C   O    doub N N 7   
ALA C   OXT  sing N N 8   
ALA CB  HB1  sing N N 9   
ALA CB  HB2  sing N N 10  
ALA CB  HB3  sing N N 11  
ALA OXT HXT  sing N N 12  
ARG N   CA   sing N N 13  
ARG N   H    sing N N 14  
ARG N   H2   sing N N 15  
ARG CA  C    sing N N 16  
ARG CA  CB   sing N N 17  
ARG CA  HA   sing N N 18  
ARG C   O    doub N N 19  
ARG C   OXT  sing N N 20  
ARG CB  CG   sing N N 21  
ARG CB  HB2  sing N N 22  
ARG CB  HB3  sing N N 23  
ARG CG  CD   sing N N 24  
ARG CG  HG2  sing N N 25  
ARG CG  HG3  sing N N 26  
ARG CD  NE   sing N N 27  
ARG CD  HD2  sing N N 28  
ARG CD  HD3  sing N N 29  
ARG NE  CZ   sing N N 30  
ARG NE  HE   sing N N 31  
ARG CZ  NH1  sing N N 32  
ARG CZ  NH2  doub N N 33  
ARG NH1 HH11 sing N N 34  
ARG NH1 HH12 sing N N 35  
ARG NH2 HH21 sing N N 36  
ARG NH2 HH22 sing N N 37  
ARG OXT HXT  sing N N 38  
ASN N   CA   sing N N 39  
ASN N   H    sing N N 40  
ASN N   H2   sing N N 41  
ASN CA  C    sing N N 42  
ASN CA  CB   sing N N 43  
ASN CA  HA   sing N N 44  
ASN C   O    doub N N 45  
ASN C   OXT  sing N N 46  
ASN CB  CG   sing N N 47  
ASN CB  HB2  sing N N 48  
ASN CB  HB3  sing N N 49  
ASN CG  OD1  doub N N 50  
ASN CG  ND2  sing N N 51  
ASN ND2 HD21 sing N N 52  
ASN ND2 HD22 sing N N 53  
ASN OXT HXT  sing N N 54  
ASP N   CA   sing N N 55  
ASP N   H    sing N N 56  
ASP N   H2   sing N N 57  
ASP CA  C    sing N N 58  
ASP CA  CB   sing N N 59  
ASP CA  HA   sing N N 60  
ASP C   O    doub N N 61  
ASP C   OXT  sing N N 62  
ASP CB  CG   sing N N 63  
ASP CB  HB2  sing N N 64  
ASP CB  HB3  sing N N 65  
ASP CG  OD1  doub N N 66  
ASP CG  OD2  sing N N 67  
ASP OD2 HD2  sing N N 68  
ASP OXT HXT  sing N N 69  
CYS N   CA   sing N N 70  
CYS N   H    sing N N 71  
CYS N   H2   sing N N 72  
CYS CA  C    sing N N 73  
CYS CA  CB   sing N N 74  
CYS CA  HA   sing N N 75  
CYS C   O    doub N N 76  
CYS C   OXT  sing N N 77  
CYS CB  SG   sing N N 78  
CYS CB  HB2  sing N N 79  
CYS CB  HB3  sing N N 80  
CYS SG  HG   sing N N 81  
CYS OXT HXT  sing N N 82  
GLN N   CA   sing N N 83  
GLN N   H    sing N N 84  
GLN N   H2   sing N N 85  
GLN CA  C    sing N N 86  
GLN CA  CB   sing N N 87  
GLN CA  HA   sing N N 88  
GLN C   O    doub N N 89  
GLN C   OXT  sing N N 90  
GLN CB  CG   sing N N 91  
GLN CB  HB2  sing N N 92  
GLN CB  HB3  sing N N 93  
GLN CG  CD   sing N N 94  
GLN CG  HG2  sing N N 95  
GLN CG  HG3  sing N N 96  
GLN CD  OE1  doub N N 97  
GLN CD  NE2  sing N N 98  
GLN NE2 HE21 sing N N 99  
GLN NE2 HE22 sing N N 100 
GLN OXT HXT  sing N N 101 
GLU N   CA   sing N N 102 
GLU N   H    sing N N 103 
GLU N   H2   sing N N 104 
GLU CA  C    sing N N 105 
GLU CA  CB   sing N N 106 
GLU CA  HA   sing N N 107 
GLU C   O    doub N N 108 
GLU C   OXT  sing N N 109 
GLU CB  CG   sing N N 110 
GLU CB  HB2  sing N N 111 
GLU CB  HB3  sing N N 112 
GLU CG  CD   sing N N 113 
GLU CG  HG2  sing N N 114 
GLU CG  HG3  sing N N 115 
GLU CD  OE1  doub N N 116 
GLU CD  OE2  sing N N 117 
GLU OE2 HE2  sing N N 118 
GLU OXT HXT  sing N N 119 
GLY N   CA   sing N N 120 
GLY N   H    sing N N 121 
GLY N   H2   sing N N 122 
GLY CA  C    sing N N 123 
GLY CA  HA2  sing N N 124 
GLY CA  HA3  sing N N 125 
GLY C   O    doub N N 126 
GLY C   OXT  sing N N 127 
GLY OXT HXT  sing N N 128 
HIS N   CA   sing N N 129 
HIS N   H    sing N N 130 
HIS N   H2   sing N N 131 
HIS CA  C    sing N N 132 
HIS CA  CB   sing N N 133 
HIS CA  HA   sing N N 134 
HIS C   O    doub N N 135 
HIS C   OXT  sing N N 136 
HIS CB  CG   sing N N 137 
HIS CB  HB2  sing N N 138 
HIS CB  HB3  sing N N 139 
HIS CG  ND1  sing Y N 140 
HIS CG  CD2  doub Y N 141 
HIS ND1 CE1  doub Y N 142 
HIS ND1 HD1  sing N N 143 
HIS CD2 NE2  sing Y N 144 
HIS CD2 HD2  sing N N 145 
HIS CE1 NE2  sing Y N 146 
HIS CE1 HE1  sing N N 147 
HIS NE2 HE2  sing N N 148 
HIS OXT HXT  sing N N 149 
HOH O   H1   sing N N 150 
HOH O   H2   sing N N 151 
ILE N   CA   sing N N 152 
ILE N   H    sing N N 153 
ILE N   H2   sing N N 154 
ILE CA  C    sing N N 155 
ILE CA  CB   sing N N 156 
ILE CA  HA   sing N N 157 
ILE C   O    doub N N 158 
ILE C   OXT  sing N N 159 
ILE CB  CG1  sing N N 160 
ILE CB  CG2  sing N N 161 
ILE CB  HB   sing N N 162 
ILE CG1 CD1  sing N N 163 
ILE CG1 HG12 sing N N 164 
ILE CG1 HG13 sing N N 165 
ILE CG2 HG21 sing N N 166 
ILE CG2 HG22 sing N N 167 
ILE CG2 HG23 sing N N 168 
ILE CD1 HD11 sing N N 169 
ILE CD1 HD12 sing N N 170 
ILE CD1 HD13 sing N N 171 
ILE OXT HXT  sing N N 172 
LEU N   CA   sing N N 173 
LEU N   H    sing N N 174 
LEU N   H2   sing N N 175 
LEU CA  C    sing N N 176 
LEU CA  CB   sing N N 177 
LEU CA  HA   sing N N 178 
LEU C   O    doub N N 179 
LEU C   OXT  sing N N 180 
LEU CB  CG   sing N N 181 
LEU CB  HB2  sing N N 182 
LEU CB  HB3  sing N N 183 
LEU CG  CD1  sing N N 184 
LEU CG  CD2  sing N N 185 
LEU CG  HG   sing N N 186 
LEU CD1 HD11 sing N N 187 
LEU CD1 HD12 sing N N 188 
LEU CD1 HD13 sing N N 189 
LEU CD2 HD21 sing N N 190 
LEU CD2 HD22 sing N N 191 
LEU CD2 HD23 sing N N 192 
LEU OXT HXT  sing N N 193 
LYS N   CA   sing N N 194 
LYS N   H    sing N N 195 
LYS N   H2   sing N N 196 
LYS CA  C    sing N N 197 
LYS CA  CB   sing N N 198 
LYS CA  HA   sing N N 199 
LYS C   O    doub N N 200 
LYS C   OXT  sing N N 201 
LYS CB  CG   sing N N 202 
LYS CB  HB2  sing N N 203 
LYS CB  HB3  sing N N 204 
LYS CG  CD   sing N N 205 
LYS CG  HG2  sing N N 206 
LYS CG  HG3  sing N N 207 
LYS CD  CE   sing N N 208 
LYS CD  HD2  sing N N 209 
LYS CD  HD3  sing N N 210 
LYS CE  NZ   sing N N 211 
LYS CE  HE2  sing N N 212 
LYS CE  HE3  sing N N 213 
LYS NZ  HZ1  sing N N 214 
LYS NZ  HZ2  sing N N 215 
LYS NZ  HZ3  sing N N 216 
LYS OXT HXT  sing N N 217 
MET N   CA   sing N N 218 
MET N   H    sing N N 219 
MET N   H2   sing N N 220 
MET CA  C    sing N N 221 
MET CA  CB   sing N N 222 
MET CA  HA   sing N N 223 
MET C   O    doub N N 224 
MET C   OXT  sing N N 225 
MET CB  CG   sing N N 226 
MET CB  HB2  sing N N 227 
MET CB  HB3  sing N N 228 
MET CG  SD   sing N N 229 
MET CG  HG2  sing N N 230 
MET CG  HG3  sing N N 231 
MET SD  CE   sing N N 232 
MET CE  HE1  sing N N 233 
MET CE  HE2  sing N N 234 
MET CE  HE3  sing N N 235 
MET OXT HXT  sing N N 236 
P8W C25 C23  doub Y N 237 
P8W C25 C27  sing Y N 238 
P8W C23 C22  sing Y N 239 
P8W C27 C29  doub Y N 240 
P8W C22 C21  sing N N 241 
P8W C22 C31  doub Y N 242 
P8W C29 C31  sing Y N 243 
P8W C19 C21  doub Y N 244 
P8W C19 C17  sing Y N 245 
P8W C21 C12  sing Y N 246 
P8W C17 C15  doub Y N 247 
P8W C12 C09  sing N N 248 
P8W C12 C13  doub Y N 249 
P8W C09 N07  sing N N 250 
P8W N07 C06  sing N N 251 
P8W C15 C13  sing Y N 252 
P8W C01 C05  sing N N 253 
P8W C06 C05  doub N N 254 
P8W C06 C33  sing N N 255 
P8W C05 C41  sing N N 256 
P8W C33 N35  doub N N 257 
P8W C41 O42  doub N N 258 
P8W C41 N36  sing N N 259 
P8W N35 N36  sing N N 260 
P8W N36 C37  sing N N 261 
P8W C13 H1   sing N N 262 
P8W C15 H2   sing N N 263 
P8W C17 H3   sing N N 264 
P8W C01 H4   sing N N 265 
P8W C01 H5   sing N N 266 
P8W C01 H6   sing N N 267 
P8W N07 H7   sing N N 268 
P8W C09 H8   sing N N 269 
P8W C09 H9   sing N N 270 
P8W C19 H10  sing N N 271 
P8W C23 H11  sing N N 272 
P8W C25 H12  sing N N 273 
P8W C27 H13  sing N N 274 
P8W C29 H14  sing N N 275 
P8W C31 H15  sing N N 276 
P8W C33 H16  sing N N 277 
P8W C37 H17  sing N N 278 
P8W C37 H18  sing N N 279 
P8W C37 H19  sing N N 280 
PHE N   CA   sing N N 281 
PHE N   H    sing N N 282 
PHE N   H2   sing N N 283 
PHE CA  C    sing N N 284 
PHE CA  CB   sing N N 285 
PHE CA  HA   sing N N 286 
PHE C   O    doub N N 287 
PHE C   OXT  sing N N 288 
PHE CB  CG   sing N N 289 
PHE CB  HB2  sing N N 290 
PHE CB  HB3  sing N N 291 
PHE CG  CD1  doub Y N 292 
PHE CG  CD2  sing Y N 293 
PHE CD1 CE1  sing Y N 294 
PHE CD1 HD1  sing N N 295 
PHE CD2 CE2  doub Y N 296 
PHE CD2 HD2  sing N N 297 
PHE CE1 CZ   doub Y N 298 
PHE CE1 HE1  sing N N 299 
PHE CE2 CZ   sing Y N 300 
PHE CE2 HE2  sing N N 301 
PHE CZ  HZ   sing N N 302 
PHE OXT HXT  sing N N 303 
PRO N   CA   sing N N 304 
PRO N   CD   sing N N 305 
PRO N   H    sing N N 306 
PRO CA  C    sing N N 307 
PRO CA  CB   sing N N 308 
PRO CA  HA   sing N N 309 
PRO C   O    doub N N 310 
PRO C   OXT  sing N N 311 
PRO CB  CG   sing N N 312 
PRO CB  HB2  sing N N 313 
PRO CB  HB3  sing N N 314 
PRO CG  CD   sing N N 315 
PRO CG  HG2  sing N N 316 
PRO CG  HG3  sing N N 317 
PRO CD  HD2  sing N N 318 
PRO CD  HD3  sing N N 319 
PRO OXT HXT  sing N N 320 
SER N   CA   sing N N 321 
SER N   H    sing N N 322 
SER N   H2   sing N N 323 
SER CA  C    sing N N 324 
SER CA  CB   sing N N 325 
SER CA  HA   sing N N 326 
SER C   O    doub N N 327 
SER C   OXT  sing N N 328 
SER CB  OG   sing N N 329 
SER CB  HB2  sing N N 330 
SER CB  HB3  sing N N 331 
SER OG  HG   sing N N 332 
SER OXT HXT  sing N N 333 
THR N   CA   sing N N 334 
THR N   H    sing N N 335 
THR N   H2   sing N N 336 
THR CA  C    sing N N 337 
THR CA  CB   sing N N 338 
THR CA  HA   sing N N 339 
THR C   O    doub N N 340 
THR C   OXT  sing N N 341 
THR CB  OG1  sing N N 342 
THR CB  CG2  sing N N 343 
THR CB  HB   sing N N 344 
THR OG1 HG1  sing N N 345 
THR CG2 HG21 sing N N 346 
THR CG2 HG22 sing N N 347 
THR CG2 HG23 sing N N 348 
THR OXT HXT  sing N N 349 
TYR N   CA   sing N N 350 
TYR N   H    sing N N 351 
TYR N   H2   sing N N 352 
TYR CA  C    sing N N 353 
TYR CA  CB   sing N N 354 
TYR CA  HA   sing N N 355 
TYR C   O    doub N N 356 
TYR C   OXT  sing N N 357 
TYR CB  CG   sing N N 358 
TYR CB  HB2  sing N N 359 
TYR CB  HB3  sing N N 360 
TYR CG  CD1  doub Y N 361 
TYR CG  CD2  sing Y N 362 
TYR CD1 CE1  sing Y N 363 
TYR CD1 HD1  sing N N 364 
TYR CD2 CE2  doub Y N 365 
TYR CD2 HD2  sing N N 366 
TYR CE1 CZ   doub Y N 367 
TYR CE1 HE1  sing N N 368 
TYR CE2 CZ   sing Y N 369 
TYR CE2 HE2  sing N N 370 
TYR CZ  OH   sing N N 371 
TYR OH  HH   sing N N 372 
TYR OXT HXT  sing N N 373 
VAL N   CA   sing N N 374 
VAL N   H    sing N N 375 
VAL N   H2   sing N N 376 
VAL CA  C    sing N N 377 
VAL CA  CB   sing N N 378 
VAL CA  HA   sing N N 379 
VAL C   O    doub N N 380 
VAL C   OXT  sing N N 381 
VAL CB  CG1  sing N N 382 
VAL CB  CG2  sing N N 383 
VAL CB  HB   sing N N 384 
VAL CG1 HG11 sing N N 385 
VAL CG1 HG12 sing N N 386 
VAL CG1 HG13 sing N N 387 
VAL CG2 HG21 sing N N 388 
VAL CG2 HG22 sing N N 389 
VAL CG2 HG23 sing N N 390 
VAL OXT HXT  sing N N 391 
# 
_pdbx_entity_instance_feature.ordinal        1 
_pdbx_entity_instance_feature.comp_id        P8W 
_pdbx_entity_instance_feature.asym_id        ? 
_pdbx_entity_instance_feature.seq_num        ? 
_pdbx_entity_instance_feature.auth_comp_id   P8W 
_pdbx_entity_instance_feature.auth_asym_id   ? 
_pdbx_entity_instance_feature.auth_seq_num   ? 
_pdbx_entity_instance_feature.feature_type   'SUBJECT OF INVESTIGATION' 
_pdbx_entity_instance_feature.details        ? 
# 
_atom_sites.entry_id                    6YQR 
_atom_sites.Cartn_transf_matrix[1][1]   ? 
_atom_sites.Cartn_transf_matrix[1][2]   ? 
_atom_sites.Cartn_transf_matrix[1][3]   ? 
_atom_sites.Cartn_transf_matrix[2][1]   ? 
_atom_sites.Cartn_transf_matrix[2][2]   ? 
_atom_sites.Cartn_transf_matrix[2][3]   ? 
_atom_sites.Cartn_transf_matrix[3][1]   ? 
_atom_sites.Cartn_transf_matrix[3][2]   ? 
_atom_sites.Cartn_transf_matrix[3][3]   ? 
_atom_sites.Cartn_transf_vector[1]      ? 
_atom_sites.Cartn_transf_vector[2]      ? 
_atom_sites.Cartn_transf_vector[3]      ? 
_atom_sites.fract_transf_matrix[1][1]   0.02661817 
_atom_sites.fract_transf_matrix[1][2]   0.01471730 
_atom_sites.fract_transf_matrix[1][3]   -0.03073698 
_atom_sites.fract_transf_matrix[2][1]   -0.02395285 
_atom_sites.fract_transf_matrix[2][2]   0.02096238 
_atom_sites.fract_transf_matrix[2][3]   -0.00162480 
_atom_sites.fract_transf_matrix[3][1]   0.01382686 
_atom_sites.fract_transf_matrix[3][2]   0.00628601 
_atom_sites.fract_transf_matrix[3][3]   0.02261603 
_atom_sites.fract_transf_vector[1]      -0.302453 
_atom_sites.fract_transf_vector[2]      0.170164 
_atom_sites.fract_transf_vector[3]      0.096401 
_atom_sites.solution_primary            ? 
_atom_sites.solution_secondary          ? 
_atom_sites.solution_hydrogens          ? 
_atom_sites.special_details             ? 
# 
loop_
_atom_type.symbol 
_atom_type.pdbx_scat_Z 
_atom_type.pdbx_N_electrons 
_atom_type.scat_Cromer_Mann_a1 
_atom_type.scat_Cromer_Mann_b1 
_atom_type.scat_Cromer_Mann_a2 
_atom_type.scat_Cromer_Mann_b2 
_atom_type.scat_Cromer_Mann_a3 
_atom_type.scat_Cromer_Mann_b3 
_atom_type.scat_Cromer_Mann_a4 
_atom_type.scat_Cromer_Mann_b4 
_atom_type.scat_Cromer_Mann_c 
C 6  6  2.310  20.844 1.020 10.208 1.589 0.569  0.865 51.651 0.216   
H 1  1  0.493  10.511 0.323 26.126 0.140 3.142  0.041 57.800 0.003   
N 7  7  12.222 0.006  3.135 9.893  2.014 28.997 1.167 0.583  -11.538 
O 8  8  3.049  13.277 2.287 5.701  1.546 0.324  0.867 32.909 0.251   
S 16 16 6.905  1.468  5.203 22.215 1.438 0.254  1.586 56.172 1.184   
# 
loop_
_atom_site.group_PDB 
_atom_site.id 
_atom_site.type_symbol 
_atom_site.label_atom_id 
_atom_site.label_alt_id 
_atom_site.label_comp_id 
_atom_site.label_asym_id 
_atom_site.label_entity_id 
_atom_site.label_seq_id 
_atom_site.pdbx_PDB_ins_code 
_atom_site.Cartn_x 
_atom_site.Cartn_y 
_atom_site.Cartn_z 
_atom_site.occupancy 
_atom_site.B_iso_or_equiv 
_atom_site.pdbx_formal_charge 
_atom_site.auth_seq_id 
_atom_site.auth_comp_id 
_atom_site.auth_asym_id 
_atom_site.auth_atom_id 
_atom_site.pdbx_PDB_model_num 
ATOM   1    N N   . SER A 1 6   ? 4.796   -10.268 -19.539 1.000 37.482 ? 22  SER AAA N   1 
ATOM   2    C CA  . SER A 1 6   ? 4.202   -10.293 -18.163 1.000 37.005 ? 22  SER AAA CA  1 
ATOM   3    C C   . SER A 1 6   ? 3.396   -11.581 -17.961 1.000 34.356 ? 22  SER AAA C   1 
ATOM   4    O O   . SER A 1 6   ? 2.638   -11.973 -18.879 1.000 36.581 ? 22  SER AAA O   1 
ATOM   5    C CB  . SER A 1 6   ? 3.351   -9.075  -17.892 1.000 40.662 ? 22  SER AAA CB  1 
ATOM   6    O OG  . SER A 1 6   ? 4.152   -7.983  -17.460 1.000 44.180 ? 22  SER AAA OG  1 
ATOM   7    N N   . THR A 1 7   ? 3.547   -12.195 -16.786 1.000 28.705 ? 23  THR AAA N   1 
ATOM   8    C CA  . THR A 1 7   ? 2.883   -13.462 -16.385 1.000 26.478 ? 23  THR AAA CA  1 
ATOM   9    C C   . THR A 1 7   ? 1.413   -13.175 -16.081 1.000 24.398 ? 23  THR AAA C   1 
ATOM   10   O O   . THR A 1 7   ? 1.026   -12.018 -15.953 1.000 23.393 ? 23  THR AAA O   1 
ATOM   11   C CB  . THR A 1 7   ? 3.603   -14.083 -15.184 1.000 26.454 ? 23  THR AAA CB  1 
ATOM   12   O OG1 . THR A 1 7   ? 3.451   -13.180 -14.089 1.000 25.552 ? 23  THR AAA OG1 1 
ATOM   13   C CG2 . THR A 1 7   ? 5.069   -14.358 -15.446 1.000 27.304 ? 23  THR AAA CG2 1 
ATOM   14   N N   . PRO A 1 8   ? 0.539   -14.205 -16.001 1.000 23.579 ? 24  PRO AAA N   1 
ATOM   15   C CA  . PRO A 1 8   ? -0.834  -14.017 -15.526 1.000 23.040 ? 24  PRO AAA CA  1 
ATOM   16   C C   . PRO A 1 8   ? -0.933  -13.306 -14.166 1.000 21.292 ? 24  PRO AAA C   1 
ATOM   17   O O   . PRO A 1 8   ? -1.792  -12.450 -14.014 1.000 19.039 ? 24  PRO AAA O   1 
ATOM   18   C CB  . PRO A 1 8   ? -1.364  -15.453 -15.423 1.000 23.700 ? 24  PRO AAA CB  1 
ATOM   19   C CG  . PRO A 1 8   ? -0.596  -16.189 -16.496 1.000 23.840 ? 24  PRO AAA CG  1 
ATOM   20   C CD  . PRO A 1 8   ? 0.792   -15.585 -16.449 1.000 24.779 ? 24  PRO AAA CD  1 
ATOM   21   N N   . ILE A 1 9   ? -0.066  -13.658 -13.214 1.000 19.819 ? 25  ILE AAA N   1 
ATOM   22   C CA  A ILE A 1 9   ? -0.086  -13.031 -11.857 0.500 19.723 ? 25  ILE AAA CA  1 
ATOM   23   C CA  B ILE A 1 9   ? -0.053  -13.041 -11.849 0.500 20.249 ? 25  ILE AAA CA  1 
ATOM   24   C C   . ILE A 1 9   ? 0.301   -11.552 -11.989 1.000 18.630 ? 25  ILE AAA C   1 
ATOM   25   O O   . ILE A 1 9   ? -0.383  -10.717 -11.362 1.000 17.422 ? 25  ILE AAA O   1 
ATOM   26   C CB  A ILE A 1 9   ? 0.787   -13.792 -10.836 0.500 19.035 ? 25  ILE AAA CB  1 
ATOM   27   C CB  B ILE A 1 9   ? 0.896   -13.806 -10.896 0.500 20.374 ? 25  ILE AAA CB  1 
ATOM   28   C CG1 A ILE A 1 9   ? 0.564   -13.244 -9.424  0.500 19.380 ? 25  ILE AAA CG1 1 
ATOM   29   C CG1 B ILE A 1 9   ? 0.328   -15.181 -10.531 0.500 21.225 ? 25  ILE AAA CG1 1 
ATOM   30   C CG2 A ILE A 1 9   ? 2.260   -13.785 -11.217 0.500 18.613 ? 25  ILE AAA CG2 1 
ATOM   31   C CG2 B ILE A 1 9   ? 1.211   -12.999 -9.642  0.500 20.623 ? 25  ILE AAA CG2 1 
ATOM   32   C CD1 A ILE A 1 9   ? 1.129   -14.106 -8.332  0.500 19.552 ? 25  ILE AAA CD1 1 
ATOM   33   C CD1 B ILE A 1 9   ? 1.315   -16.104 -9.848  0.500 21.419 ? 25  ILE AAA CD1 1 
ATOM   34   N N   . GLN A 1 10  ? 1.324   -11.231 -12.785 1.000 18.078 ? 26  GLN AAA N   1 
ATOM   35   C CA  . GLN A 1 10  ? 1.750   -9.815  -12.975 1.000 17.730 ? 26  GLN AAA CA  1 
ATOM   36   C C   . GLN A 1 10  ? 0.587   -9.002  -13.554 1.000 17.988 ? 26  GLN AAA C   1 
ATOM   37   O O   . GLN A 1 10  ? 0.348   -7.873  -13.078 1.000 16.706 ? 26  GLN AAA O   1 
ATOM   38   C CB  . GLN A 1 10  ? 2.995   -9.728  -13.853 1.000 18.790 ? 26  GLN AAA CB  1 
ATOM   39   C CG  . GLN A 1 10  ? 4.260   -10.132 -13.115 1.000 20.280 ? 26  GLN AAA CG  1 
ATOM   40   C CD  . GLN A 1 10  ? 5.448   -10.196 -14.042 1.000 23.125 ? 26  GLN AAA CD  1 
ATOM   41   O OE1 . GLN A 1 10  ? 5.466   -10.973 -14.995 1.000 25.020 ? 26  GLN AAA OE1 1 
ATOM   42   N NE2 . GLN A 1 10  ? 6.448   -9.376  -13.759 1.000 22.380 ? 26  GLN AAA NE2 1 
ATOM   43   N N   . GLN A 1 11  ? -0.131  -9.553  -14.535 1.000 17.877 ? 27  GLN AAA N   1 
ATOM   44   C CA  . GLN A 1 11  ? -1.278  -8.860  -15.174 1.000 18.126 ? 27  GLN AAA CA  1 
ATOM   45   C C   . GLN A 1 11  ? -2.365  -8.597  -14.128 1.000 15.966 ? 27  GLN AAA C   1 
ATOM   46   O O   . GLN A 1 11  ? -2.879  -7.468  -14.092 1.000 15.766 ? 27  GLN AAA O   1 
ATOM   47   C CB  . GLN A 1 11  ? -1.822  -9.676  -16.346 1.000 20.645 ? 27  GLN AAA CB  1 
ATOM   48   C CG  . GLN A 1 11  ? -0.889  -9.682  -17.544 1.000 23.719 ? 27  GLN AAA CG  1 
ATOM   49   C CD  . GLN A 1 11  ? -1.481  -10.475 -18.682 1.000 26.581 ? 27  GLN AAA CD  1 
ATOM   50   O OE1 . GLN A 1 11  ? -2.479  -10.082 -19.277 1.000 27.986 ? 27  GLN AAA OE1 1 
ATOM   51   N NE2 . GLN A 1 11  ? -0.859  -11.598 -18.993 1.000 32.469 ? 27  GLN AAA NE2 1 
ATOM   52   N N   . LEU A 1 12  ? -2.701  -9.594  -13.312 1.000 15.544 ? 28  LEU AAA N   1 
ATOM   53   C CA  . LEU A 1 12  ? -3.765  -9.444  -12.285 1.000 14.254 ? 28  LEU AAA CA  1 
ATOM   54   C C   . LEU A 1 12  ? -3.334  -8.400  -11.250 1.000 13.630 ? 28  LEU AAA C   1 
ATOM   55   O O   . LEU A 1 12  ? -4.156  -7.549  -10.899 1.000 13.212 ? 28  LEU AAA O   1 
ATOM   56   C CB  . LEU A 1 12  ? -4.079  -10.782 -11.609 1.000 14.718 ? 28  LEU AAA CB  1 
ATOM   57   C CG  . LEU A 1 12  ? -5.083  -10.698 -10.461 1.000 14.897 ? 28  LEU AAA CG  1 
ATOM   58   C CD1 . LEU A 1 12  ? -6.400  -10.092 -10.917 1.000 15.044 ? 28  LEU AAA CD1 1 
ATOM   59   C CD2 . LEU A 1 12  ? -5.316  -12.051 -9.813  1.000 15.302 ? 28  LEU AAA CD2 1 
ATOM   60   N N   . LEU A 1 13  ? -2.100  -8.467  -10.757 1.000 12.901 ? 29  LEU AAA N   1 
ATOM   61   C CA  . LEU A 1 13  ? -1.637  -7.524  -9.704  1.000 12.372 ? 29  LEU AAA CA  1 
ATOM   62   C C   . LEU A 1 13  ? -1.561  -6.101  -10.279 1.000 12.348 ? 29  LEU AAA C   1 
ATOM   63   O O   . LEU A 1 13  ? -1.893  -5.151  -9.538  1.000 12.324 ? 29  LEU AAA O   1 
ATOM   64   C CB  . LEU A 1 13  ? -0.294  -8.005  -9.144  1.000 12.391 ? 29  LEU AAA CB  1 
ATOM   65   C CG  . LEU A 1 13  ? -0.317  -9.376  -8.459  1.000 12.132 ? 29  LEU AAA CG  1 
ATOM   66   C CD1 . LEU A 1 13  ? 1.033   -9.687  -7.823  1.000 12.395 ? 29  LEU AAA CD1 1 
ATOM   67   C CD2 . LEU A 1 13  ? -1.419  -9.473  -7.415  1.000 12.456 ? 29  LEU AAA CD2 1 
ATOM   68   N N   . GLU A 1 14  ? -1.152  -5.930  -11.544 1.000 12.421 ? 30  GLU AAA N   1 
ATOM   69   C CA  . GLU A 1 14  ? -1.148  -4.586  -12.186 1.000 13.315 ? 30  GLU AAA CA  1 
ATOM   70   C C   . GLU A 1 14  ? -2.586  -4.055  -12.186 1.000 12.413 ? 30  GLU AAA C   1 
ATOM   71   O O   . GLU A 1 14  ? -2.768  -2.870  -11.890 1.000 12.505 ? 30  GLU AAA O   1 
ATOM   72   C CB  . GLU A 1 14  ? -0.563  -4.622  -13.600 1.000 14.383 ? 30  GLU AAA CB  1 
ATOM   73   C CG  . GLU A 1 14  ? 0.929   -4.915  -13.630 0.500 14.662 ? 30  GLU AAA CG  1 
ATOM   74   C CD  . GLU A 1 14  ? 1.856   -3.716  -13.522 0.500 17.452 ? 30  GLU AAA CD  1 
ATOM   75   O OE1 . GLU A 1 14  ? 1.392   -2.641  -13.087 0.500 20.633 ? 30  GLU AAA OE1 1 
ATOM   76   O OE2 . GLU A 1 14  ? 3.051   -3.857  -13.876 0.500 18.170 ? 30  GLU AAA OE2 1 
ATOM   77   N N   . HIS A 1 15  ? -3.569  -4.909  -12.486 1.000 12.811 ? 31  HIS AAA N   1 
ATOM   78   C CA  . HIS A 1 15  ? -5.011  -4.550  -12.469 1.000 13.121 ? 31  HIS AAA CA  1 
ATOM   79   C C   . HIS A 1 15  ? -5.419  -4.136  -11.049 1.000 13.525 ? 31  HIS AAA C   1 
ATOM   80   O O   . HIS A 1 15  ? -6.003  -3.051  -10.884 1.000 13.132 ? 31  HIS AAA O   1 
ATOM   81   C CB  . HIS A 1 15  ? -5.886  -5.698  -12.993 1.000 14.251 ? 31  HIS AAA CB  1 
ATOM   82   C CG  . HIS A 1 15  ? -7.331  -5.490  -12.698 1.000 15.650 ? 31  HIS AAA CG  1 
ATOM   83   N ND1 . HIS A 1 15  ? -8.080  -4.529  -13.348 1.000 17.009 ? 31  HIS AAA ND1 1 
ATOM   84   C CD2 . HIS A 1 15  ? -8.153  -6.065  -11.793 1.000 17.213 ? 31  HIS AAA CD2 1 
ATOM   85   C CE1 . HIS A 1 15  ? -9.309  -4.542  -12.874 1.000 17.292 ? 31  HIS AAA CE1 1 
ATOM   86   N NE2 . HIS A 1 15  ? -9.383  -5.471  -11.921 1.000 18.128 ? 31  HIS AAA NE2 1 
ATOM   87   N N   . PHE A 1 16  ? -5.135  -4.975  -10.054 1.000 12.645 ? 32  PHE AAA N   1 
ATOM   88   C CA  . PHE A 1 16  ? -5.471  -4.681  -8.638  1.000 11.788 ? 32  PHE AAA CA  1 
ATOM   89   C C   . PHE A 1 16  ? -4.809  -3.367  -8.212  1.000 11.508 ? 32  PHE AAA C   1 
ATOM   90   O O   . PHE A 1 16  ? -5.478  -2.545  -7.572  1.000 11.107 ? 32  PHE AAA O   1 
ATOM   91   C CB  . PHE A 1 16  ? -5.028  -5.806  -7.711  1.000 12.400 ? 32  PHE AAA CB  1 
ATOM   92   C CG  . PHE A 1 16  ? -5.911  -7.026  -7.683  1.000 12.647 ? 32  PHE AAA CG  1 
ATOM   93   C CD1 . PHE A 1 16  ? -7.233  -6.983  -8.102  1.000 13.458 ? 32  PHE AAA CD1 1 
ATOM   94   C CD2 . PHE A 1 16  ? -5.417  -8.213  -7.169  1.000 13.241 ? 32  PHE AAA CD2 1 
ATOM   95   C CE1 . PHE A 1 16  ? -8.030  -8.114  -8.033  1.000 13.963 ? 32  PHE AAA CE1 1 
ATOM   96   C CE2 . PHE A 1 16  ? -6.216  -9.344  -7.106  1.000 14.203 ? 32  PHE AAA CE2 1 
ATOM   97   C CZ  . PHE A 1 16  ? -7.522  -9.289  -7.528  1.000 13.800 ? 32  PHE AAA CZ  1 
ATOM   98   N N   . LEU A 1 17  ? -3.538  -3.167  -8.560  1.000 11.216 ? 33  LEU AAA N   1 
ATOM   99   C CA  . LEU A 1 17  ? -2.792  -1.956  -8.115  1.000 11.555 ? 33  LEU AAA CA  1 
ATOM   100  C C   . LEU A 1 17  ? -3.448  -0.709  -8.729  1.000 11.247 ? 33  LEU AAA C   1 
ATOM   101  O O   . LEU A 1 17  ? -3.621  0.295   -8.018  1.000 10.724 ? 33  LEU AAA O   1 
ATOM   102  C CB  . LEU A 1 17  ? -1.312  -2.072  -8.499  1.000 12.002 ? 33  LEU AAA CB  1 
ATOM   103  C CG  . LEU A 1 17  ? -0.413  -0.932  -8.009  1.000 12.789 ? 33  LEU AAA CG  1 
ATOM   104  C CD1 . LEU A 1 17  ? -0.481  -0.756  -6.502  1.000 13.479 ? 33  LEU AAA CD1 1 
ATOM   105  C CD2 . LEU A 1 17  ? 1.023   -1.161  -8.438  1.000 13.305 ? 33  LEU AAA CD2 1 
ATOM   106  N N   . ARG A 1 18  ? -3.819  -0.759  -10.011 1.000 12.015 ? 34  ARG AAA N   1 
ATOM   107  C CA  . ARG A 1 18  ? -4.501  0.381   -10.680 1.000 13.239 ? 34  ARG AAA CA  1 
ATOM   108  C C   . ARG A 1 18  ? -5.786  0.721   -9.915  1.000 13.375 ? 34  ARG AAA C   1 
ATOM   109  O O   . ARG A 1 18  ? -6.037  1.916   -9.665  1.000 13.589 ? 34  ARG AAA O   1 
ATOM   110  C CB  . ARG A 1 18  ? -4.832  0.054   -12.142 1.000 14.823 ? 34  ARG AAA CB  1 
ATOM   111  C CG  . ARG A 1 18  ? -3.679  0.250   -13.111 1.000 17.791 ? 34  ARG AAA CG  1 
ATOM   112  C CD  . ARG A 1 18  ? -4.130  0.148   -14.560 1.000 20.114 ? 34  ARG AAA CD  1 
ATOM   113  N NE  . ARG A 1 18  ? -4.634  -1.181  -14.909 1.000 20.601 ? 34  ARG AAA NE  1 
ATOM   114  C CZ  . ARG A 1 18  ? -3.897  -2.193  -15.361 1.000 22.915 ? 34  ARG AAA CZ  1 
ATOM   115  N NH1 . ARG A 1 18  ? -2.590  -2.059  -15.526 1.000 24.399 ? 34  ARG AAA NH1 1 
ATOM   116  N NH2 . ARG A 1 18  ? -4.474  -3.347  -15.652 1.000 24.521 ? 34  ARG AAA NH2 1 
ATOM   117  N N   . GLN A 1 19  ? -6.576  -0.297  -9.570  1.000 13.173 ? 35  GLN AAA N   1 
ATOM   118  C CA  . GLN A 1 19  ? -7.885  -0.137  -8.887  1.000 13.742 ? 35  GLN AAA CA  1 
ATOM   119  C C   . GLN A 1 19  ? -7.660  0.388   -7.460  1.000 13.841 ? 35  GLN AAA C   1 
ATOM   120  O O   . GLN A 1 19  ? -8.441  1.255   -7.015  1.000 14.552 ? 35  GLN AAA O   1 
ATOM   121  C CB  . GLN A 1 19  ? -8.660  -1.457  -8.950  1.000 15.146 ? 35  GLN AAA CB  1 
ATOM   122  C CG  . GLN A 1 19  ? -9.113  -1.811  -10.360 1.000 16.747 ? 35  GLN AAA CG  1 
ATOM   123  C CD  . GLN A 1 19  ? -9.687  -0.615  -11.084 1.000 20.079 ? 35  GLN AAA CD  1 
ATOM   124  O OE1 . GLN A 1 19  ? -10.602 0.045   -10.599 1.000 24.073 ? 35  GLN AAA OE1 1 
ATOM   125  N NE2 . GLN A 1 19  ? -9.130  -0.303  -12.244 1.000 23.384 ? 35  GLN AAA NE2 1 
ATOM   126  N N   . LEU A 1 20  ? -6.611  -0.070  -6.773  1.000 12.017 ? 36  LEU AAA N   1 
ATOM   127  C CA  . LEU A 1 20  ? -6.298  0.409   -5.399  1.000 11.211 ? 36  LEU AAA CA  1 
ATOM   128  C C   . LEU A 1 20  ? -5.835  1.872   -5.450  1.000 11.747 ? 36  LEU AAA C   1 
ATOM   129  O O   . LEU A 1 20  ? -6.280  2.671   -4.590  1.000 13.169 ? 36  LEU AAA O   1 
ATOM   130  C CB  . LEU A 1 20  ? -5.233  -0.486  -4.756  1.000 11.543 ? 36  LEU AAA CB  1 
ATOM   131  C CG  . LEU A 1 20  ? -5.660  -1.920  -4.440  1.000 11.663 ? 36  LEU AAA CG  1 
ATOM   132  C CD1 . LEU A 1 20  ? -4.468  -2.726  -3.944  1.000 11.850 ? 36  LEU AAA CD1 1 
ATOM   133  C CD2 . LEU A 1 20  ? -6.782  -1.966  -3.415  1.000 12.606 ? 36  LEU AAA CD2 1 
ATOM   134  N N   . GLN A 1 21  ? -4.987  2.235   -6.407  1.000 11.480 ? 37  GLN AAA N   1 
ATOM   135  C CA  . GLN A 1 21  ? -4.436  3.616   -6.465  1.000 12.260 ? 37  GLN AAA CA  1 
ATOM   136  C C   . GLN A 1 21  ? -5.554  4.608   -6.796  1.000 11.932 ? 37  GLN AAA C   1 
ATOM   137  O O   . GLN A 1 21  ? -5.460  5.753   -6.339  1.000 12.028 ? 37  GLN AAA O   1 
ATOM   138  C CB  . GLN A 1 21  ? -3.261  3.701   -7.434  1.000 13.736 ? 37  GLN AAA CB  1 
ATOM   139  C CG  . GLN A 1 21  ? -2.027  3.027   -6.870  1.000 13.710 ? 37  GLN AAA CG  1 
ATOM   140  C CD  . GLN A 1 21  ? -0.750  3.576   -7.453  1.000 14.194 ? 37  GLN AAA CD  1 
ATOM   141  O OE1 . GLN A 1 21  ? -0.204  3.002   -8.382  1.000 15.693 ? 37  GLN AAA OE1 1 
ATOM   142  N NE2 . GLN A 1 21  ? -0.264  4.682   -6.904  1.000 13.707 ? 37  GLN AAA NE2 1 
ATOM   143  N N   . ARG A 1 22  ? -6.576  4.182   -7.540  1.000 12.966 ? 38  ARG AAA N   1 
ATOM   144  C CA  . ARG A 1 22  ? -7.766  5.029   -7.828  1.000 14.718 ? 38  ARG AAA CA  1 
ATOM   145  C C   . ARG A 1 22  ? -8.432  5.463   -6.512  1.000 13.668 ? 38  ARG AAA C   1 
ATOM   146  O O   . ARG A 1 22  ? -9.057  6.540   -6.492  1.000 13.000 ? 38  ARG AAA O   1 
ATOM   147  C CB  . ARG A 1 22  ? -8.756  4.278   -8.722  1.000 18.089 ? 38  ARG AAA CB  1 
ATOM   148  C CG  . ARG A 1 22  ? -8.403  4.285   -10.202 1.000 22.188 ? 38  ARG AAA CG  1 
ATOM   149  C CD  . ARG A 1 22  ? -9.439  3.510   -10.997 1.000 28.320 ? 38  ARG AAA CD  1 
ATOM   150  N NE  . ARG A 1 22  ? -10.793 4.003   -10.758 1.000 33.036 ? 38  ARG AAA NE  1 
ATOM   151  C CZ  . ARG A 1 22  ? -11.913 3.368   -11.091 1.000 38.508 ? 38  ARG AAA CZ  1 
ATOM   152  N NH1 . ARG A 1 22  ? -13.086 3.917   -10.818 1.000 42.663 ? 38  ARG AAA NH1 1 
ATOM   153  N NH2 . ARG A 1 22  ? -11.868 2.193   -11.698 1.000 40.201 ? 38  ARG AAA NH2 1 
ATOM   154  N N   . LYS A 1 23  ? -8.286  4.682   -5.439  1.000 13.341 ? 39  LYS AAA N   1 
ATOM   155  C CA  . LYS A 1 23  ? -8.899  4.981   -4.118  1.000 13.144 ? 39  LYS AAA CA  1 
ATOM   156  C C   . LYS A 1 23  ? -8.043  5.991   -3.339  1.000 12.216 ? 39  LYS AAA C   1 
ATOM   157  O O   . LYS A 1 23  ? -8.490  6.413   -2.255  1.000 12.566 ? 39  LYS AAA O   1 
ATOM   158  C CB  . LYS A 1 23  ? -9.105  3.696   -3.309  1.000 14.293 ? 39  LYS AAA CB  1 
ATOM   159  C CG  . LYS A 1 23  ? -9.880  2.599   -4.029  1.000 15.828 ? 39  LYS AAA CG  1 
ATOM   160  C CD  . LYS A 1 23  ? -10.246 1.442   -3.127  1.000 17.398 ? 39  LYS AAA CD  1 
ATOM   161  C CE  . LYS A 1 23  ? -10.968 0.318   -3.841  1.000 19.377 ? 39  LYS AAA CE  1 
ATOM   162  N NZ  . LYS A 1 23  ? -12.298 0.758   -4.319  1.000 20.301 ? 39  LYS AAA NZ  1 
ATOM   163  N N   . ASP A 1 24  ? -6.878  6.373   -3.872  1.000 11.837 ? 40  ASP AAA N   1 
ATOM   164  C CA  . ASP A 1 24  ? -5.939  7.339   -3.241  1.000 11.404 ? 40  ASP AAA CA  1 
ATOM   165  C C   . ASP A 1 24  ? -5.663  8.452   -4.247  1.000 11.416 ? 40  ASP AAA C   1 
ATOM   166  O O   . ASP A 1 24  ? -4.545  8.593   -4.739  1.000 10.913 ? 40  ASP AAA O   1 
ATOM   167  C CB  . ASP A 1 24  ? -4.676  6.613   -2.767  1.000 10.959 ? 40  ASP AAA CB  1 
ATOM   168  C CG  . ASP A 1 24  ? -3.573  7.524   -2.248  1.000 11.603 ? 40  ASP AAA CG  1 
ATOM   169  O OD1 . ASP A 1 24  ? -3.895  8.567   -1.636  1.000 11.558 ? 40  ASP AAA OD1 1 
ATOM   170  O OD2 . ASP A 1 24  ? -2.395  7.192   -2.481  1.000 11.428 ? 40  ASP AAA OD2 1 
ATOM   171  N N   . PRO A 1 25  ? -6.683  9.269   -4.605  1.000 12.075 ? 41  PRO AAA N   1 
ATOM   172  C CA  . PRO A 1 25  ? -6.519  10.258  -5.669  1.000 12.826 ? 41  PRO AAA CA  1 
ATOM   173  C C   . PRO A 1 25  ? -5.481  11.351  -5.360  1.000 11.936 ? 41  PRO AAA C   1 
ATOM   174  O O   . PRO A 1 25  ? -4.924  11.896  -6.300  1.000 12.322 ? 41  PRO AAA O   1 
ATOM   175  C CB  . PRO A 1 25  ? -7.932  10.844  -5.825  1.000 12.792 ? 41  PRO AAA CB  1 
ATOM   176  C CG  . PRO A 1 25  ? -8.580  10.602  -4.487  1.000 13.096 ? 41  PRO AAA CG  1 
ATOM   177  C CD  . PRO A 1 25  ? -8.041  9.260   -4.040  1.000 13.195 ? 41  PRO AAA CD  1 
ATOM   178  N N   . HIS A 1 26  ? -5.217  11.632  -4.081  1.000 12.382 ? 42  HIS AAA N   1 
ATOM   179  C CA  . HIS A 1 26  ? -4.185  12.610  -3.648  1.000 12.367 ? 42  HIS AAA CA  1 
ATOM   180  C C   . HIS A 1 26  ? -2.777  12.014  -3.753  1.000 12.547 ? 42  HIS AAA C   1 
ATOM   181  O O   . HIS A 1 26  ? -1.825  12.794  -3.668  1.000 13.446 ? 42  HIS AAA O   1 
ATOM   182  C CB  . HIS A 1 26  ? -4.432  13.104  -2.227  1.000 13.547 ? 42  HIS AAA CB  1 
ATOM   183  C CG  . HIS A 1 26  ? -5.642  13.961  -2.110  1.000 14.496 ? 42  HIS AAA CG  1 
ATOM   184  N ND1 . HIS A 1 26  ? -5.701  15.215  -2.680  1.000 16.368 ? 42  HIS AAA ND1 1 
ATOM   185  C CD2 . HIS A 1 26  ? -6.827  13.755  -1.498  1.000 14.716 ? 42  HIS AAA CD2 1 
ATOM   186  C CE1 . HIS A 1 26  ? -6.868  15.761  -2.390  1.000 15.723 ? 42  HIS AAA CE1 1 
ATOM   187  N NE2 . HIS A 1 26  ? -7.579  14.884  -1.687  1.000 15.820 ? 42  HIS AAA NE2 1 
ATOM   188  N N   . GLY A 1 27  ? -2.644  10.692  -3.899  1.000 12.193 ? 43  GLY AAA N   1 
ATOM   189  C CA  . GLY A 1 27  ? -1.329  10.021  -3.919  1.000 11.680 ? 43  GLY AAA CA  1 
ATOM   190  C C   . GLY A 1 27  ? -0.633  10.036  -2.565  1.000 11.100 ? 43  GLY AAA C   1 
ATOM   191  O O   . GLY A 1 27  ? 0.602   10.004  -2.530  1.000 11.020 ? 43  GLY AAA O   1 
ATOM   192  N N   . PHE A 1 28  ? -1.379  10.025  -1.457  1.000 10.479 ? 44  PHE AAA N   1 
ATOM   193  C CA  . PHE A 1 28  ? -0.791  9.957   -0.098  1.000 11.179 ? 44  PHE AAA CA  1 
ATOM   194  C C   . PHE A 1 28  ? 0.049   8.683   0.062   1.000 10.863 ? 44  PHE AAA C   1 
ATOM   195  O O   . PHE A 1 28  ? 0.966   8.684   0.885   1.000 12.821 ? 44  PHE AAA O   1 
ATOM   196  C CB  . PHE A 1 28  ? -1.878  10.009  0.976   1.000 11.660 ? 44  PHE AAA CB  1 
ATOM   197  C CG  . PHE A 1 28  ? -2.638  11.307  1.035   1.000 13.424 ? 44  PHE AAA CG  1 
ATOM   198  C CD1 . PHE A 1 28  ? -2.015  12.513  0.743   1.000 14.459 ? 44  PHE AAA CD1 1 
ATOM   199  C CD2 . PHE A 1 28  ? -3.971  11.322  1.415   1.000 14.211 ? 44  PHE AAA CD2 1 
ATOM   200  C CE1 . PHE A 1 28  ? -2.715  13.707  0.820   1.000 15.364 ? 44  PHE AAA CE1 1 
ATOM   201  C CE2 . PHE A 1 28  ? -4.669  12.520  1.491   1.000 15.138 ? 44  PHE AAA CE2 1 
ATOM   202  C CZ  . PHE A 1 28  ? -4.040  13.705  1.195   1.000 15.517 ? 44  PHE AAA CZ  1 
ATOM   203  N N   . PHE A 1 29  ? -0.289  7.619   -0.671  1.000 11.328 ? 45  PHE AAA N   1 
ATOM   204  C CA  . PHE A 1 29  ? 0.348   6.282   -0.561  1.000 10.825 ? 45  PHE AAA CA  1 
ATOM   205  C C   . PHE A 1 29  ? 1.155   5.964   -1.823  1.000 9.850  ? 45  PHE AAA C   1 
ATOM   206  O O   . PHE A 1 29  ? 1.600   4.819   -1.953  1.000 9.269  ? 45  PHE AAA O   1 
ATOM   207  C CB  . PHE A 1 29  ? -0.726  5.224   -0.283  1.000 11.657 ? 45  PHE AAA CB  1 
ATOM   208  C CG  . PHE A 1 29  ? -1.401  5.435   1.046   1.000 13.168 ? 45  PHE AAA CG  1 
ATOM   209  C CD1 . PHE A 1 29  ? -0.733  5.131   2.217   1.000 14.428 ? 45  PHE AAA CD1 1 
ATOM   210  C CD2 . PHE A 1 29  ? -2.669  5.984   1.129   1.000 14.972 ? 45  PHE AAA CD2 1 
ATOM   211  C CE1 . PHE A 1 29  ? -1.334  5.338   3.450   1.000 16.349 ? 45  PHE AAA CE1 1 
ATOM   212  C CE2 . PHE A 1 29  ? -3.264  6.201   2.364   1.000 14.501 ? 45  PHE AAA CE2 1 
ATOM   213  C CZ  . PHE A 1 29  ? -2.591  5.891   3.519   1.000 15.526 ? 45  PHE AAA CZ  1 
ATOM   214  N N   . ALA A 1 30  ? 1.370   6.947   -2.700  1.000 9.276  ? 46  ALA AAA N   1 
ATOM   215  C CA  . ALA A 1 30  ? 2.032   6.746   -4.011  1.000 9.232  ? 46  ALA AAA CA  1 
ATOM   216  C C   . ALA A 1 30  ? 3.518   6.439   -3.842  1.000 8.850  ? 46  ALA AAA C   1 
ATOM   217  O O   . ALA A 1 30  ? 4.037   5.702   -4.674  1.000 8.843  ? 46  ALA AAA O   1 
ATOM   218  C CB  . ALA A 1 30  ? 1.834   7.945   -4.893  1.000 9.452  ? 46  ALA AAA CB  1 
ATOM   219  N N   . PHE A 1 31  ? 4.183   7.019   -2.837  1.000 8.986  ? 47  PHE AAA N   1 
ATOM   220  C CA  . PHE A 1 31  ? 5.657   6.950   -2.678  1.000 9.464  ? 47  PHE AAA CA  1 
ATOM   221  C C   . PHE A 1 31  ? 6.024   6.685   -1.223  1.000 10.076 ? 47  PHE AAA C   1 
ATOM   222  O O   . PHE A 1 31  ? 5.221   6.910   -0.308  1.000 10.196 ? 47  PHE AAA O   1 
ATOM   223  C CB  . PHE A 1 31  ? 6.299   8.255   -3.155  1.000 9.578  ? 47  PHE AAA CB  1 
ATOM   224  C CG  . PHE A 1 31  ? 5.957   8.630   -4.574  1.000 10.364 ? 47  PHE AAA CG  1 
ATOM   225  C CD1 . PHE A 1 31  ? 6.480   7.916   -5.642  1.000 11.045 ? 47  PHE AAA CD1 1 
ATOM   226  C CD2 . PHE A 1 31  ? 5.093   9.680   -4.841  1.000 10.595 ? 47  PHE AAA CD2 1 
ATOM   227  C CE1 . PHE A 1 31  ? 6.169   8.260   -6.949  1.000 10.878 ? 47  PHE AAA CE1 1 
ATOM   228  C CE2 . PHE A 1 31  ? 4.772   10.011  -6.146  1.000 10.358 ? 47  PHE AAA CE2 1 
ATOM   229  C CZ  . PHE A 1 31  ? 5.299   9.296   -7.194  1.000 10.890 ? 47  PHE AAA CZ  1 
ATOM   230  N N   . PRO A 1 32  ? 7.258   6.204   -0.960  1.000 10.167 ? 48  PRO AAA N   1 
ATOM   231  C CA  . PRO A 1 32  ? 7.692   5.957   0.411   1.000 11.149 ? 48  PRO AAA CA  1 
ATOM   232  C C   . PRO A 1 32  ? 7.615   7.202   1.297   1.000 12.480 ? 48  PRO AAA C   1 
ATOM   233  O O   . PRO A 1 32  ? 7.961   8.291   0.855   1.000 12.375 ? 48  PRO AAA O   1 
ATOM   234  C CB  . PRO A 1 32  ? 9.147   5.496   0.274   1.000 11.212 ? 48  PRO AAA CB  1 
ATOM   235  C CG  . PRO A 1 32  ? 9.236   4.962   -1.137  1.000 10.987 ? 48  PRO AAA CG  1 
ATOM   236  C CD  . PRO A 1 32  ? 8.283   5.822   -1.944  1.000 10.399 ? 48  PRO AAA CD  1 
ATOM   237  N N   . VAL A 1 33  ? 7.151   7.007   2.529   1.000 12.851 ? 49  VAL AAA N   1 
ATOM   238  C CA  . VAL A 1 33  ? 7.102   8.087   3.556   1.000 15.249 ? 49  VAL AAA CA  1 
ATOM   239  C C   . VAL A 1 33  ? 8.543   8.460   3.915   1.000 17.395 ? 49  VAL AAA C   1 
ATOM   240  O O   . VAL A 1 33  ? 9.326   7.541   4.176   1.000 18.662 ? 49  VAL AAA O   1 
ATOM   241  C CB  . VAL A 1 33  ? 6.299   7.647   4.791   1.000 15.984 ? 49  VAL AAA CB  1 
ATOM   242  C CG1 . VAL A 1 33  ? 6.280   8.732   5.853   1.000 16.289 ? 49  VAL AAA CG1 1 
ATOM   243  C CG2 . VAL A 1 33  ? 4.884   7.246   4.417   1.000 15.963 ? 49  VAL AAA CG2 1 
ATOM   244  N N   . THR A 1 34  ? 8.882   9.753   3.889   1.000 23.026 ? 50  THR AAA N   1 
ATOM   245  C CA  . THR A 1 34  ? 10.217  10.282  4.292   1.000 26.504 ? 50  THR AAA CA  1 
ATOM   246  C C   . THR A 1 34  ? 10.162  10.795  5.735   1.000 27.051 ? 50  THR AAA C   1 
ATOM   247  O O   . THR A 1 34  ? 9.134   11.375  6.106   1.000 27.265 ? 50  THR AAA O   1 
ATOM   248  C CB  . THR A 1 34  ? 10.690  11.411  3.369   1.000 26.858 ? 50  THR AAA CB  1 
ATOM   249  O OG1 . THR A 1 34  ? 9.695   12.437  3.357   1.000 30.039 ? 50  THR AAA OG1 1 
ATOM   250  C CG2 . THR A 1 34  ? 10.948  10.942  1.955   1.000 30.012 ? 50  THR AAA CG2 1 
ATOM   251  N N   . ASP A 1 35  ? 11.247  10.601  6.494   1.000 30.514 ? 51  ASP AAA N   1 
ATOM   252  C CA  . ASP A 1 35  ? 11.437  11.151  7.866   1.000 31.049 ? 51  ASP AAA CA  1 
ATOM   253  C C   . ASP A 1 35  ? 11.289  12.679  7.834   1.000 34.132 ? 51  ASP AAA C   1 
ATOM   254  O O   . ASP A 1 35  ? 10.814  13.244  8.841   1.000 36.388 ? 51  ASP AAA O   1 
ATOM   255  C CB  . ASP A 1 35  ? 12.779  10.705  8.452   1.000 32.040 ? 51  ASP AAA CB  1 
ATOM   256  C CG  . ASP A 1 35  ? 12.805  9.240   8.849   1.000 30.760 ? 51  ASP AAA CG  1 
ATOM   257  O OD1 . ASP A 1 35  ? 11.762  8.570   8.694   1.000 29.162 ? 51  ASP AAA OD1 1 
ATOM   258  O OD2 . ASP A 1 35  ? 13.861  8.776   9.314   1.000 30.664 ? 51  ASP AAA OD2 1 
ATOM   259  N N   . ALA A 1 36  ? 11.639  13.311  6.706   1.000 35.547 ? 52  ALA AAA N   1 
ATOM   260  C CA  . ALA A 1 36  ? 11.487  14.765  6.445   1.000 36.387 ? 52  ALA AAA CA  1 
ATOM   261  C C   . ALA A 1 36  ? 10.029  15.218  6.617   1.000 35.616 ? 52  ALA AAA C   1 
ATOM   262  O O   . ALA A 1 36  ? 9.825   16.282  7.230   1.000 35.464 ? 52  ALA AAA O   1 
ATOM   263  C CB  . ALA A 1 36  ? 12.004  15.088  5.065   1.000 37.060 ? 52  ALA AAA CB  1 
ATOM   264  N N   . ILE A 1 37  ? 9.053   14.459  6.094   1.000 34.051 ? 53  ILE AAA N   1 
ATOM   265  C CA  . ILE A 1 37  ? 7.595   14.800  6.137   1.000 32.486 ? 53  ILE AAA CA  1 
ATOM   266  C C   . ILE A 1 37  ? 6.935   14.141  7.359   1.000 31.895 ? 53  ILE AAA C   1 
ATOM   267  O O   . ILE A 1 37  ? 5.849   14.606  7.770   1.000 30.644 ? 53  ILE AAA O   1 
ATOM   268  C CB  . ILE A 1 37  ? 6.888   14.392  4.826   1.000 34.032 ? 53  ILE AAA CB  1 
ATOM   269  C CG1 . ILE A 1 37  ? 6.818   12.870  4.654   1.000 34.684 ? 53  ILE AAA CG1 1 
ATOM   270  C CG2 . ILE A 1 37  ? 7.551   15.075  3.639   1.000 34.163 ? 53  ILE AAA CG2 1 
ATOM   271  C CD1 . ILE A 1 37  ? 5.943   12.406  3.516   1.000 36.321 ? 53  ILE AAA CD1 1 
ATOM   272  N N   . ALA A 1 38  ? 7.554   13.085  7.895   1.000 30.035 ? 54  ALA AAA N   1 
ATOM   273  C CA  . ALA A 1 38  ? 7.019   12.248  8.993   1.000 28.210 ? 54  ALA AAA CA  1 
ATOM   274  C C   . ALA A 1 38  ? 8.111   12.050  10.039  1.000 26.787 ? 54  ALA AAA C   1 
ATOM   275  O O   . ALA A 1 38  ? 8.822   11.048  10.020  1.000 25.280 ? 54  ALA AAA O   1 
ATOM   276  C CB  . ALA A 1 38  ? 6.535   10.940  8.429   1.000 26.030 ? 54  ALA AAA CB  1 
ATOM   277  N N   . PRO A 1 39  ? 8.310   13.027  10.956  1.000 27.942 ? 55  PRO AAA N   1 
ATOM   278  C CA  . PRO A 1 39  ? 9.395   12.954  11.935  1.000 27.676 ? 55  PRO AAA CA  1 
ATOM   279  C C   . PRO A 1 39  ? 9.472   11.593  12.646  1.000 24.241 ? 55  PRO AAA C   1 
ATOM   280  O O   . PRO A 1 39  ? 8.473   11.149  13.201  1.000 28.015 ? 55  PRO AAA O   1 
ATOM   281  C CB  . PRO A 1 39  ? 9.048   14.091  12.906  1.000 28.776 ? 55  PRO AAA CB  1 
ATOM   282  C CG  . PRO A 1 39  ? 8.361   15.105  12.026  1.000 27.910 ? 55  PRO AAA CG  1 
ATOM   283  C CD  . PRO A 1 39  ? 7.524   14.264  11.083  1.000 28.179 ? 55  PRO AAA CD  1 
ATOM   284  N N   . GLY A 1 40  ? 10.641  10.956  12.570  1.000 23.952 ? 56  GLY AAA N   1 
ATOM   285  C CA  . GLY A 1 40  ? 10.973  9.697   13.260  1.000 21.699 ? 56  GLY AAA CA  1 
ATOM   286  C C   . GLY A 1 40  ? 10.304  8.484   12.637  1.000 20.806 ? 56  GLY AAA C   1 
ATOM   287  O O   . GLY A 1 40  ? 10.338  7.409   13.267  1.000 22.081 ? 56  GLY AAA O   1 
ATOM   288  N N   . TYR A 1 41  ? 9.747   8.623   11.432  1.000 19.581 ? 57  TYR AAA N   1 
ATOM   289  C CA  . TYR A 1 41  ? 8.936   7.556   10.791  1.000 18.451 ? 57  TYR AAA CA  1 
ATOM   290  C C   . TYR A 1 41  ? 9.746   6.253   10.732  1.000 18.191 ? 57  TYR AAA C   1 
ATOM   291  O O   . TYR A 1 41  ? 9.236   5.203   11.179  1.000 18.373 ? 57  TYR AAA O   1 
ATOM   292  C CB  . TYR A 1 41  ? 8.459   7.990   9.405   1.000 18.783 ? 57  TYR AAA CB  1 
ATOM   293  C CG  . TYR A 1 41  ? 7.474   7.025   8.803   1.000 17.053 ? 57  TYR AAA CG  1 
ATOM   294  C CD1 . TYR A 1 41  ? 6.119   7.142   9.058   1.000 16.305 ? 57  TYR AAA CD1 1 
ATOM   295  C CD2 . TYR A 1 41  ? 7.905   5.970   8.018   1.000 16.047 ? 57  TYR AAA CD2 1 
ATOM   296  C CE1 . TYR A 1 41  ? 5.206   6.249   8.519   1.000 15.489 ? 57  TYR AAA CE1 1 
ATOM   297  C CE2 . TYR A 1 41  ? 7.006   5.058   7.489   1.000 14.849 ? 57  TYR AAA CE2 1 
ATOM   298  C CZ  . TYR A 1 41  ? 5.653   5.200   7.735   1.000 15.281 ? 57  TYR AAA CZ  1 
ATOM   299  O OH  . TYR A 1 41  ? 4.758   4.309   7.217   1.000 12.680 ? 57  TYR AAA OH  1 
ATOM   300  N N   . SER A 1 42  ? 10.973  6.323   10.203  1.000 19.143 ? 58  SER AAA N   1 
ATOM   301  C CA  . SER A 1 42  ? 11.839  5.155   9.896   1.000 23.438 ? 58  SER AAA CA  1 
ATOM   302  C C   . SER A 1 42  ? 12.240  4.428   11.182  1.000 24.118 ? 58  SER AAA C   1 
ATOM   303  O O   . SER A 1 42  ? 12.641  3.254   11.087  1.000 26.221 ? 58  SER AAA O   1 
ATOM   304  C CB  . SER A 1 42  ? 13.055  5.567   9.107   1.000 25.886 ? 58  SER AAA CB  1 
ATOM   305  O OG  . SER A 1 42  ? 13.865  6.451   9.863   1.000 27.875 ? 58  SER AAA OG  1 
ATOM   306  N N   . MET A 1 43  ? 12.145  5.097   12.333  1.000 25.830 ? 59  MET AAA N   1 
ATOM   307  C CA  . MET A 1 43  ? 12.512  4.522   13.651  1.000 27.513 ? 59  MET AAA CA  1 
ATOM   308  C C   . MET A 1 43  ? 11.282  3.906   14.328  1.000 26.645 ? 59  MET AAA C   1 
ATOM   309  O O   . MET A 1 43  ? 11.473  3.139   15.284  1.000 27.949 ? 59  MET AAA O   1 
ATOM   310  C CB  . MET A 1 43  ? 13.137  5.602   14.537  1.000 31.706 ? 59  MET AAA CB  1 
ATOM   311  C CG  . MET A 1 43  ? 14.398  6.172   13.922  1.000 33.568 ? 59  MET AAA CG  1 
ATOM   312  S SD  . MET A 1 43  ? 15.148  7.478   14.911  1.000 37.508 ? 59  MET AAA SD  1 
ATOM   313  C CE  . MET A 1 43  ? 13.957  8.786   14.662  1.000 39.796 ? 59  MET AAA CE  1 
ATOM   314  N N   . ILE A 1 44  ? 10.073  4.200   13.834  1.000 24.503 ? 60  ILE AAA N   1 
ATOM   315  C CA  . ILE A 1 44  ? 8.787   3.674   14.388  1.000 23.017 ? 60  ILE AAA CA  1 
ATOM   316  C C   . ILE A 1 44  ? 8.294   2.529   13.498  1.000 22.170 ? 60  ILE AAA C   1 
ATOM   317  O O   . ILE A 1 44  ? 7.882   1.484   14.039  1.000 22.170 ? 60  ILE AAA O   1 
ATOM   318  C CB  . ILE A 1 44  ? 7.740   4.796   14.513  1.000 24.179 ? 60  ILE AAA CB  1 
ATOM   319  C CG1 . ILE A 1 44  ? 8.163   5.839   15.555  1.000 25.710 ? 60  ILE AAA CG1 1 
ATOM   320  C CG2 . ILE A 1 44  ? 6.365   4.214   14.816  1.000 24.248 ? 60  ILE AAA CG2 1 
ATOM   321  C CD1 . ILE A 1 44  ? 7.310   7.083   15.574  1.000 27.052 ? 60  ILE AAA CD1 1 
ATOM   322  N N   . ILE A 1 45  ? 8.325   2.733   12.179  1.000 18.165 ? 61  ILE AAA N   1 
ATOM   323  C CA  . ILE A 1 45  ? 7.813   1.753   11.181  1.000 17.229 ? 61  ILE AAA CA  1 
ATOM   324  C C   . ILE A 1 45  ? 8.993   0.932   10.653  1.000 17.465 ? 61  ILE AAA C   1 
ATOM   325  O O   . ILE A 1 45  ? 9.839   1.486   9.920   1.000 19.115 ? 61  ILE AAA O   1 
ATOM   326  C CB  . ILE A 1 45  ? 7.034   2.467   10.061  1.000 16.210 ? 61  ILE AAA CB  1 
ATOM   327  C CG1 . ILE A 1 45  ? 5.829   3.232   10.619  1.000 15.738 ? 61  ILE AAA CG1 1 
ATOM   328  C CG2 . ILE A 1 45  ? 6.635   1.472   8.982   1.000 16.232 ? 61  ILE AAA CG2 1 
ATOM   329  C CD1 . ILE A 1 45  ? 4.854   2.371   11.399  1.000 15.816 ? 61  ILE AAA CD1 1 
ATOM   330  N N   . LYS A 1 46  ? 9.029   -0.346  11.025  1.000 18.539 ? 62  LYS AAA N   1 
ATOM   331  C CA  . LYS A 1 46  ? 10.150  -1.277  10.742  1.000 21.233 ? 62  LYS AAA CA  1 
ATOM   332  C C   . LYS A 1 46  ? 10.125  -1.722  9.275   1.000 18.902 ? 62  LYS AAA C   1 
ATOM   333  O O   . LYS A 1 46  ? 11.207  -2.011  8.730   1.000 18.634 ? 62  LYS AAA O   1 
ATOM   334  C CB  . LYS A 1 46  ? 10.049  -2.502  11.655  1.000 25.289 ? 62  LYS AAA CB  1 
ATOM   335  C CG  . LYS A 1 46  ? 11.151  -3.535  11.466  1.000 30.703 ? 62  LYS AAA CG  1 
ATOM   336  C CD  . LYS A 1 46  ? 11.064  -4.694  12.438  1.000 34.442 ? 62  LYS AAA CD  1 
ATOM   337  C CE  . LYS A 1 46  ? 12.101  -5.763  12.168  1.000 37.801 ? 62  LYS AAA CE  1 
ATOM   338  N NZ  . LYS A 1 46  ? 11.787  -7.020  12.889  1.000 42.015 ? 62  LYS AAA NZ  1 
ATOM   339  N N   . HIS A 1 47  ? 8.933   -1.827  8.678   1.000 16.965 ? 63  HIS AAA N   1 
ATOM   340  C CA  . HIS A 1 47  ? 8.718   -2.421  7.333   1.000 16.315 ? 63  HIS AAA CA  1 
ATOM   341  C C   . HIS A 1 47  ? 7.862   -1.476  6.501   1.000 14.356 ? 63  HIS AAA C   1 
ATOM   342  O O   . HIS A 1 47  ? 6.680   -1.732  6.289   1.000 12.907 ? 63  HIS AAA O   1 
ATOM   343  C CB  . HIS A 1 47  ? 8.102   -3.822  7.457   1.000 18.041 ? 63  HIS AAA CB  1 
ATOM   344  C CG  . HIS A 1 47  ? 9.007   -4.785  8.148   1.000 21.233 ? 63  HIS AAA CG  1 
ATOM   345  N ND1 . HIS A 1 47  ? 8.697   -5.333  9.376   1.000 25.345 ? 63  HIS AAA ND1 1 
ATOM   346  C CD2 . HIS A 1 47  ? 10.222  -5.267  7.811   1.000 22.982 ? 63  HIS AAA CD2 1 
ATOM   347  C CE1 . HIS A 1 47  ? 9.678   -6.123  9.760   1.000 25.590 ? 63  HIS AAA CE1 1 
ATOM   348  N NE2 . HIS A 1 47  ? 10.626  -6.096  8.826   1.000 26.099 ? 63  HIS AAA NE2 1 
ATOM   349  N N   . PRO A 1 48  ? 8.442   -0.360  6.002   1.000 12.866 ? 64  PRO AAA N   1 
ATOM   350  C CA  . PRO A 1 48  ? 7.681   0.616   5.227   1.000 11.790 ? 64  PRO AAA CA  1 
ATOM   351  C C   . PRO A 1 48  ? 7.187   -0.028  3.925   1.000 11.374 ? 64  PRO AAA C   1 
ATOM   352  O O   . PRO A 1 48  ? 7.827   -0.943  3.396   1.000 12.555 ? 64  PRO AAA O   1 
ATOM   353  C CB  . PRO A 1 48  ? 8.664   1.757   4.921   1.000 12.486 ? 64  PRO AAA CB  1 
ATOM   354  C CG  . PRO A 1 48  ? 9.888   1.469   5.761   1.000 13.767 ? 64  PRO AAA CG  1 
ATOM   355  C CD  . PRO A 1 48  ? 9.866   -0.012  6.084   1.000 13.371 ? 64  PRO AAA CD  1 
ATOM   356  N N   . MET A 1 49  ? 6.057   0.459   3.427   1.000 10.681 ? 65  MET AAA N   1 
ATOM   357  C CA  . MET A 1 49  ? 5.506   0.004   2.135   1.000 10.202 ? 65  MET AAA CA  1 
ATOM   358  C C   . MET A 1 49  ? 4.670   1.140   1.551   1.000 9.570  ? 65  MET AAA C   1 
ATOM   359  O O   . MET A 1 49  ? 4.167   1.999   2.315   1.000 8.815  ? 65  MET AAA O   1 
ATOM   360  C CB  . MET A 1 49  ? 4.664   -1.263  2.328   1.000 10.349 ? 65  MET AAA CB  1 
ATOM   361  C CG  . MET A 1 49  ? 4.197   -1.923  1.029   1.000 11.155 ? 65  MET AAA CG  1 
ATOM   362  S SD  . MET A 1 49  ? 5.489   -2.205  -0.209  1.000 11.684 ? 65  MET AAA SD  1 
ATOM   363  C CE  . MET A 1 49  ? 6.629   -3.250  0.692   1.000 11.902 ? 65  MET AAA CE  1 
ATOM   364  N N   . ASP A 1 50  ? 4.576   1.154   0.226   1.000 9.173  ? 66  ASP AAA N   1 
ATOM   365  C CA  . ASP A 1 50  ? 3.825   2.178   -0.531  1.000 9.079  ? 66  ASP AAA CA  1 
ATOM   366  C C   . ASP A 1 50  ? 3.494   1.591   -1.899  1.000 8.528  ? 66  ASP AAA C   1 
ATOM   367  O O   . ASP A 1 50  ? 4.127   0.597   -2.281  1.000 8.662  ? 66  ASP AAA O   1 
ATOM   368  C CB  . ASP A 1 50  ? 4.643   3.459   -0.673  1.000 9.045  ? 66  ASP AAA CB  1 
ATOM   369  C CG  . ASP A 1 50  ? 5.875   3.248   -1.525  1.000 9.599  ? 66  ASP AAA CG  1 
ATOM   370  O OD1 . ASP A 1 50  ? 6.880   2.741   -0.982  1.000 10.872 ? 66  ASP AAA OD1 1 
ATOM   371  O OD2 . ASP A 1 50  ? 5.797   3.528   -2.734  1.000 10.058 ? 66  ASP AAA OD2 1 
ATOM   372  N N   . PHE A 1 51  ? 2.558   2.209   -2.612  1.000 8.703  ? 67  PHE AAA N   1 
ATOM   373  C CA  . PHE A 1 51  ? 2.076   1.728   -3.929  1.000 8.711  ? 67  PHE AAA CA  1 
ATOM   374  C C   . PHE A 1 51  ? 3.222   1.705   -4.945  1.000 8.927  ? 67  PHE AAA C   1 
ATOM   375  O O   . PHE A 1 51  ? 3.248   0.804   -5.794  1.000 9.152  ? 67  PHE AAA O   1 
ATOM   376  C CB  . PHE A 1 51  ? 0.928   2.598   -4.442  1.000 9.263  ? 67  PHE AAA CB  1 
ATOM   377  C CG  . PHE A 1 51  ? -0.417  2.369   -3.803  1.000 9.261  ? 67  PHE AAA CG  1 
ATOM   378  C CD1 . PHE A 1 51  ? -0.927  1.090   -3.619  1.000 9.184  ? 67  PHE AAA CD1 1 
ATOM   379  C CD2 . PHE A 1 51  ? -1.228  3.444   -3.478  1.000 9.650  ? 67  PHE AAA CD2 1 
ATOM   380  C CE1 . PHE A 1 51  ? -2.196  0.901   -3.096  1.000 9.697  ? 67  PHE AAA CE1 1 
ATOM   381  C CE2 . PHE A 1 51  ? -2.490  3.254   -2.947  1.000 9.145  ? 67  PHE AAA CE2 1 
ATOM   382  C CZ  . PHE A 1 51  ? -2.979  1.982   -2.768  1.000 9.667  ? 67  PHE AAA CZ  1 
ATOM   383  N N   . GLY A 1 52  ? 4.140   2.673   -4.874  1.000 9.328  ? 68  GLY AAA N   1 
ATOM   384  C CA  . GLY A 1 52  ? 5.287   2.761   -5.800  1.000 9.372  ? 68  GLY AAA CA  1 
ATOM   385  C C   . GLY A 1 52  ? 6.214   1.567   -5.659  1.000 9.336  ? 68  GLY AAA C   1 
ATOM   386  O O   . GLY A 1 52  ? 6.619   0.981   -6.679  1.000 9.553  ? 68  GLY AAA O   1 
ATOM   387  N N   . THR A 1 53  ? 6.547   1.210   -4.423  1.000 9.483  ? 69  THR AAA N   1 
ATOM   388  C CA  . THR A 1 53  ? 7.343   0.002   -4.100  1.000 9.831  ? 69  THR AAA CA  1 
ATOM   389  C C   . THR A 1 53  ? 6.579   -1.230  -4.591  1.000 9.941  ? 69  THR AAA C   1 
ATOM   390  O O   . THR A 1 53  ? 7.216   -2.110  -5.170  1.000 10.651 ? 69  THR AAA O   1 
ATOM   391  C CB  . THR A 1 53  ? 7.699   -0.033  -2.616  1.000 10.655 ? 69  THR AAA CB  1 
ATOM   392  O OG1 . THR A 1 53  ? 8.418   1.173   -2.355  1.000 12.032 ? 69  THR AAA OG1 1 
ATOM   393  C CG2 . THR A 1 53  ? 8.534   -1.238  -2.238  1.000 10.968 ? 69  THR AAA CG2 1 
ATOM   394  N N   . MET A 1 54  ? 5.263   -1.288  -4.390  1.000 9.943  ? 70  MET AAA N   1 
ATOM   395  C CA  . MET A 1 54  ? 4.450   -2.450  -4.846  1.000 10.056 ? 70  MET AAA CA  1 
ATOM   396  C C   . MET A 1 54  ? 4.523   -2.574  -6.376  1.000 10.296 ? 70  MET AAA C   1 
ATOM   397  O O   . MET A 1 54  ? 4.681   -3.697  -6.876  1.000 10.031 ? 70  MET AAA O   1 
ATOM   398  C CB  . MET A 1 54  ? 3.004   -2.327  -4.365  1.000 10.857 ? 70  MET AAA CB  1 
ATOM   399  C CG  . MET A 1 54  ? 2.921   -2.466  -2.866  1.000 11.618 ? 70  MET AAA CG  1 
ATOM   400  S SD  . MET A 1 54  ? 1.294   -2.115  -2.208  1.000 13.326 ? 70  MET AAA SD  1 
ATOM   401  C CE  . MET A 1 54  ? 0.366   -3.514  -2.825  1.000 14.496 ? 70  MET AAA CE  1 
ATOM   402  N N   . LYS A 1 55  ? 4.455   -1.463  -7.102  1.000 10.722 ? 71  LYS AAA N   1 
ATOM   403  C CA  . LYS A 1 55  ? 4.575   -1.463  -8.583  1.000 11.517 ? 71  LYS AAA CA  1 
ATOM   404  C C   . LYS A 1 55  ? 5.944   -2.042  -8.965  1.000 11.225 ? 71  LYS AAA C   1 
ATOM   405  O O   . LYS A 1 55  ? 6.020   -2.907  -9.844  1.000 10.675 ? 71  LYS AAA O   1 
ATOM   406  C CB  . LYS A 1 55  ? 4.415   -0.041  -9.123  1.000 13.660 ? 71  LYS AAA CB  1 
ATOM   407  C CG  . LYS A 1 55  ? 4.773   0.129   -10.588 1.000 16.572 ? 71  LYS AAA CG  1 
ATOM   408  C CD  . LYS A 1 55  ? 3.922   -0.674  -11.520 1.000 20.361 ? 71  LYS AAA CD  1 
ATOM   409  C CE  . LYS A 1 55  ? 4.152   -0.289  -12.965 1.000 23.833 ? 71  LYS AAA CE  1 
ATOM   410  N NZ  . LYS A 1 55  ? 3.147   -0.904  -13.862 1.000 27.896 ? 71  LYS AAA NZ  1 
ATOM   411  N N   . ASP A 1 56  ? 7.003   -1.552  -8.331  1.000 11.399 ? 72  ASP AAA N   1 
ATOM   412  C CA  . ASP A 1 56  ? 8.383   -2.027  -8.604  1.000 12.320 ? 72  ASP AAA CA  1 
ATOM   413  C C   . ASP A 1 56  ? 8.467   -3.534  -8.353  1.000 11.781 ? 72  ASP AAA C   1 
ATOM   414  O O   . ASP A 1 56  ? 9.090   -4.226  -9.169  1.000 12.503 ? 72  ASP AAA O   1 
ATOM   415  C CB  . ASP A 1 56  ? 9.397   -1.233  -7.787  1.000 13.872 ? 72  ASP AAA CB  1 
ATOM   416  C CG  . ASP A 1 56  ? 9.558   0.194   -8.272  1.000 16.985 ? 72  ASP AAA CG  1 
ATOM   417  O OD1 . ASP A 1 56  ? 9.157   0.472   -9.419  1.000 17.928 ? 72  ASP AAA OD1 1 
ATOM   418  O OD2 . ASP A 1 56  ? 10.099  1.007   -7.506  1.000 19.987 ? 72  ASP AAA OD2 1 
ATOM   419  N N   . LYS A 1 57  ? 7.835   -4.035  -7.293  1.000 11.591 ? 73  LYS AAA N   1 
ATOM   420  C CA  . LYS A 1 57  ? 7.873   -5.488  -6.964  1.000 11.415 ? 73  LYS AAA CA  1 
ATOM   421  C C   . LYS A 1 57  ? 7.094   -6.294  -8.017  1.000 11.789 ? 73  LYS AAA C   1 
ATOM   422  O O   . LYS A 1 57  ? 7.540   -7.411  -8.351  1.000 13.065 ? 73  LYS AAA O   1 
ATOM   423  C CB  . LYS A 1 57  ? 7.374   -5.711  -5.533  1.000 11.015 ? 73  LYS AAA CB  1 
ATOM   424  C CG  . LYS A 1 57  ? 8.334   -5.212  -4.457  1.000 11.606 ? 73  LYS AAA CG  1 
ATOM   425  C CD  . LYS A 1 57  ? 7.868   -5.413  -3.036  1.000 12.038 ? 73  LYS AAA CD  1 
ATOM   426  C CE  . LYS A 1 57  ? 7.785   -6.868  -2.632  1.000 12.689 ? 73  LYS AAA CE  1 
ATOM   427  N NZ  . LYS A 1 57  ? 7.554   -7.019  -1.177  1.000 14.155 ? 73  LYS AAA NZ  1 
ATOM   428  N N   . ILE A 1 58  ? 5.978   -5.774  -8.549  1.000 11.536 ? 74  ILE AAA N   1 
ATOM   429  C CA  . ILE A 1 58  ? 5.235   -6.467  -9.651  1.000 12.336 ? 74  ILE AAA CA  1 
ATOM   430  C C   . ILE A 1 58  ? 6.150   -6.561  -10.879 1.000 13.690 ? 74  ILE AAA C   1 
ATOM   431  O O   . ILE A 1 58  ? 6.253   -7.658  -11.463 1.000 14.540 ? 74  ILE AAA O   1 
ATOM   432  C CB  . ILE A 1 58  ? 3.909   -5.782  -10.037 1.000 11.727 ? 74  ILE AAA CB  1 
ATOM   433  C CG1 . ILE A 1 58  ? 2.933   -5.657  -8.866  1.000 11.427 ? 74  ILE AAA CG1 1 
ATOM   434  C CG2 . ILE A 1 58  ? 3.273   -6.538  -11.196 1.000 12.931 ? 74  ILE AAA CG2 1 
ATOM   435  C CD1 . ILE A 1 58  ? 1.806   -4.677  -9.117  1.000 11.297 ? 74  ILE AAA CD1 1 
ATOM   436  N N   . VAL A 1 59  ? 6.781   -5.451  -11.263 1.000 14.419 ? 75  VAL AAA N   1 
ATOM   437  C CA  . VAL A 1 59  ? 7.644   -5.390  -12.479 1.000 14.966 ? 75  VAL AAA CA  1 
ATOM   438  C C   . VAL A 1 59  ? 8.823   -6.361  -12.305 1.000 16.827 ? 75  VAL AAA C   1 
ATOM   439  O O   . VAL A 1 59  ? 9.171   -7.052  -13.293 1.000 18.330 ? 75  VAL AAA O   1 
ATOM   440  C CB  . VAL A 1 59  ? 8.098   -3.950  -12.781 1.000 16.268 ? 75  VAL AAA CB  1 
ATOM   441  C CG1 . VAL A 1 59  ? 9.136   -3.905  -13.894 1.000 17.014 ? 75  VAL AAA CG1 1 
ATOM   442  C CG2 . VAL A 1 59  ? 6.916   -3.058  -13.117 1.000 16.109 ? 75  VAL AAA CG2 1 
ATOM   443  N N   . ALA A 1 60  ? 9.394   -6.446  -11.099 1.000 16.690 ? 76  ALA AAA N   1 
ATOM   444  C CA  . ALA A 1 60  ? 10.544  -7.327  -10.768 1.000 17.433 ? 76  ALA AAA CA  1 
ATOM   445  C C   . ALA A 1 60  ? 10.085  -8.785  -10.603 1.000 18.953 ? 76  ALA AAA C   1 
ATOM   446  O O   . ALA A 1 60  ? 10.954  -9.664  -10.399 1.000 18.772 ? 76  ALA AAA O   1 
ATOM   447  C CB  . ALA A 1 60  ? 11.241  -6.822  -9.530  1.000 17.814 ? 76  ALA AAA CB  1 
ATOM   448  N N   . ASN A 1 61  ? 8.775   -9.037  -10.691 1.000 18.943 ? 77  ASN AAA N   1 
ATOM   449  C CA  . ASN A 1 61  ? 8.126   -10.369 -10.565 1.000 20.628 ? 77  ASN AAA CA  1 
ATOM   450  C C   . ASN A 1 61  ? 8.383   -10.955 -9.170  1.000 20.383 ? 77  ASN AAA C   1 
ATOM   451  O O   . ASN A 1 61  ? 8.507   -12.198 -9.052  1.000 21.787 ? 77  ASN AAA O   1 
ATOM   452  C CB  . ASN A 1 61  ? 8.565   -11.320 -11.683 1.000 23.585 ? 77  ASN AAA CB  1 
ATOM   453  C CG  . ASN A 1 61  ? 7.616   -12.486 -11.859 1.000 26.618 ? 77  ASN AAA CG  1 
ATOM   454  O OD1 . ASN A 1 61  ? 6.409   -12.357 -11.646 1.000 28.483 ? 77  ASN AAA OD1 1 
ATOM   455  N ND2 . ASN A 1 61  ? 8.155   -13.634 -12.235 1.000 28.368 ? 77  ASN AAA ND2 1 
ATOM   456  N N   . GLU A 1 62  ? 8.405   -10.106 -8.138  1.000 18.513 ? 78  GLU AAA N   1 
ATOM   457  C CA  . GLU A 1 62  ? 8.710   -10.506 -6.742  1.000 19.512 ? 78  GLU AAA CA  1 
ATOM   458  C C   . GLU A 1 62  ? 7.466   -11.094 -6.066  1.000 17.556 ? 78  GLU AAA C   1 
ATOM   459  O O   . GLU A 1 62  ? 7.643   -11.829 -5.090  1.000 17.783 ? 78  GLU AAA O   1 
ATOM   460  C CB  . GLU A 1 62  ? 9.286   -9.322  -5.964  1.000 23.762 ? 78  GLU AAA CB  1 
ATOM   461  C CG  . GLU A 1 62  ? 10.618  -8.864  -6.528  1.000 28.729 ? 78  GLU AAA CG  1 
ATOM   462  C CD  . GLU A 1 62  ? 11.437  -7.938  -5.646  1.000 37.211 ? 78  GLU AAA CD  1 
ATOM   463  O OE1 . GLU A 1 62  ? 11.078  -7.777  -4.459  1.000 40.282 ? 78  GLU AAA OE1 1 
ATOM   464  O OE2 . GLU A 1 62  ? 12.440  -7.382  -6.148  1.000 46.504 ? 78  GLU AAA OE2 1 
ATOM   465  N N   . TYR A 1 63  ? 6.252   -10.791 -6.537  1.000 14.936 ? 79  TYR AAA N   1 
ATOM   466  C CA  . TYR A 1 63  ? 5.018   -11.384 -5.956  1.000 14.104 ? 79  TYR AAA CA  1 
ATOM   467  C C   . TYR A 1 63  ? 4.759   -12.727 -6.643  1.000 14.009 ? 79  TYR AAA C   1 
ATOM   468  O O   . TYR A 1 63  ? 4.533   -12.738 -7.861  1.000 15.632 ? 79  TYR AAA O   1 
ATOM   469  C CB  . TYR A 1 63  ? 3.821   -10.436 -6.083  1.000 12.730 ? 79  TYR AAA CB  1 
ATOM   470  C CG  . TYR A 1 63  ? 3.949   -9.143  -5.319  1.000 11.636 ? 79  TYR AAA CG  1 
ATOM   471  C CD1 . TYR A 1 63  ? 4.030   -9.128  -3.937  1.000 11.483 ? 79  TYR AAA CD1 1 
ATOM   472  C CD2 . TYR A 1 63  ? 3.945   -7.924  -5.982  1.000 11.198 ? 79  TYR AAA CD2 1 
ATOM   473  C CE1 . TYR A 1 63  ? 4.150   -7.942  -3.234  1.000 11.712 ? 79  TYR AAA CE1 1 
ATOM   474  C CE2 . TYR A 1 63  ? 4.051   -6.728  -5.294  1.000 11.294 ? 79  TYR AAA CE2 1 
ATOM   475  C CZ  . TYR A 1 63  ? 4.143   -6.733  -3.914  1.000 11.037 ? 79  TYR AAA CZ  1 
ATOM   476  O OH  . TYR A 1 63  ? 4.251   -5.554  -3.237  1.000 11.499 ? 79  TYR AAA OH  1 
ATOM   477  N N   . LYS A 1 64  ? 4.824   -13.835 -5.897  1.000 13.050 ? 80  LYS AAA N   1 
ATOM   478  C CA  . LYS A 1 64  ? 4.604   -15.194 -6.457  1.000 14.572 ? 80  LYS AAA CA  1 
ATOM   479  C C   . LYS A 1 64  ? 3.179   -15.661 -6.150  1.000 15.893 ? 80  LYS AAA C   1 
ATOM   480  O O   . LYS A 1 64  ? 2.798   -16.751 -6.622  1.000 17.663 ? 80  LYS AAA O   1 
ATOM   481  C CB  . LYS A 1 64  ? 5.661   -16.156 -5.909  1.000 15.402 ? 80  LYS AAA CB  1 
ATOM   482  C CG  . LYS A 1 64  ? 7.093   -15.686 -6.097  1.000 16.179 ? 80  LYS AAA CG  1 
ATOM   483  C CD  . LYS A 1 64  ? 7.455   -15.439 -7.539  1.000 17.117 ? 80  LYS AAA CD  1 
ATOM   484  C CE  . LYS A 1 64  ? 8.904   -15.054 -7.717  1.000 18.134 ? 80  LYS AAA CE  1 
ATOM   485  N NZ  . LYS A 1 64  ? 9.204   -14.719 -9.126  1.000 18.543 ? 80  LYS AAA NZ  1 
ATOM   486  N N   . SER A 1 65  ? 2.404   -14.853 -5.426  1.000 15.466 ? 81  SER AAA N   1 
ATOM   487  C CA  . SER A 1 65  ? 0.982   -15.140 -5.119  1.000 14.966 ? 81  SER AAA CA  1 
ATOM   488  C C   . SER A 1 65  ? 0.235   -13.834 -4.856  1.000 14.281 ? 81  SER AAA C   1 
ATOM   489  O O   . SER A 1 65  ? 0.864   -12.830 -4.458  1.000 13.465 ? 81  SER AAA O   1 
ATOM   490  C CB  . SER A 1 65  ? 0.847   -16.084 -3.955  1.000 14.738 ? 81  SER AAA CB  1 
ATOM   491  O OG  . SER A 1 65  ? 1.189   -15.446 -2.736  1.000 15.921 ? 81  SER AAA OG  1 
ATOM   492  N N   . VAL A 1 66  ? -1.079  -13.875 -5.043  1.000 14.712 ? 82  VAL AAA N   1 
ATOM   493  C CA  . VAL A 1 66  ? -1.985  -12.749 -4.696  1.000 14.927 ? 82  VAL AAA CA  1 
ATOM   494  C C   . VAL A 1 66  ? -1.887  -12.501 -3.184  1.000 14.179 ? 82  VAL AAA C   1 
ATOM   495  O O   . VAL A 1 66  ? -1.915  -11.338 -2.778  1.000 14.297 ? 82  VAL AAA O   1 
ATOM   496  C CB  . VAL A 1 66  ? -3.424  -13.036 -5.161  1.000 16.002 ? 82  VAL AAA CB  1 
ATOM   497  C CG1 . VAL A 1 66  ? -4.405  -12.015 -4.610  1.000 17.041 ? 82  VAL AAA CG1 1 
ATOM   498  C CG2 . VAL A 1 66  ? -3.510  -13.109 -6.681  1.000 17.005 ? 82  VAL AAA CG2 1 
ATOM   499  N N   . THR A 1 67  ? -1.767  -13.562 -2.379  1.000 13.761 ? 83  THR AAA N   1 
ATOM   500  C CA  . THR A 1 67  ? -1.594  -13.488 -0.904  1.000 13.680 ? 83  THR AAA CA  1 
ATOM   501  C C   . THR A 1 67  ? -0.436  -12.545 -0.548  1.000 12.096 ? 83  THR AAA C   1 
ATOM   502  O O   . THR A 1 67  ? -0.619  -11.707 0.349   1.000 11.650 ? 83  THR AAA O   1 
ATOM   503  C CB  . THR A 1 67  ? -1.388  -14.885 -0.307  1.000 15.046 ? 83  THR AAA CB  1 
ATOM   504  O OG1 . THR A 1 67  ? -2.556  -15.643 -0.627  1.000 16.421 ? 83  THR AAA OG1 1 
ATOM   505  C CG2 . THR A 1 67  ? -1.169  -14.856 1.189   1.000 16.162 ? 83  THR AAA CG2 1 
ATOM   506  N N   . GLU A 1 68  ? 0.717   -12.692 -1.200  1.000 11.033 ? 84  GLU AAA N   1 
ATOM   507  C CA  . GLU A 1 68  ? 1.912   -11.841 -0.942  1.000 11.007 ? 84  GLU AAA CA  1 
ATOM   508  C C   . GLU A 1 68  ? 1.588   -10.370 -1.238  1.000 10.562 ? 84  GLU AAA C   1 
ATOM   509  O O   . GLU A 1 68  ? 1.995   -9.480  -0.462  1.000 10.411 ? 84  GLU AAA O   1 
ATOM   510  C CB  . GLU A 1 68  ? 3.089   -12.324 -1.786  1.000 11.805 ? 84  GLU AAA CB  1 
ATOM   511  C CG  . GLU A 1 68  ? 3.649   -13.638 -1.286  1.000 12.760 ? 84  GLU AAA CG  1 
ATOM   512  C CD  . GLU A 1 68  ? 4.825   -14.181 -2.083  1.000 13.546 ? 84  GLU AAA CD  1 
ATOM   513  O OE1 . GLU A 1 68  ? 5.257   -13.510 -3.050  1.000 13.126 ? 84  GLU AAA OE1 1 
ATOM   514  O OE2 . GLU A 1 68  ? 5.313   -15.281 -1.722  1.000 14.737 ? 84  GLU AAA OE2 1 
ATOM   515  N N   . PHE A 1 69  ? 0.885   -10.118 -2.332  1.000 10.440 ? 85  PHE AAA N   1 
ATOM   516  C CA  . PHE A 1 69  ? 0.504   -8.747  -2.759  1.000 10.421 ? 85  PHE AAA CA  1 
ATOM   517  C C   . PHE A 1 69  ? -0.445  -8.139  -1.721  1.000 10.638 ? 85  PHE AAA C   1 
ATOM   518  O O   . PHE A 1 69  ? -0.230  -6.987  -1.291  1.000 10.662 ? 85  PHE AAA O   1 
ATOM   519  C CB  . PHE A 1 69  ? -0.124  -8.795  -4.149  1.000 10.191 ? 85  PHE AAA CB  1 
ATOM   520  C CG  . PHE A 1 69  ? -0.635  -7.467  -4.638  1.000 10.373 ? 85  PHE AAA CG  1 
ATOM   521  C CD1 . PHE A 1 69  ? 0.210   -6.589  -5.295  1.000 10.448 ? 85  PHE AAA CD1 1 
ATOM   522  C CD2 . PHE A 1 69  ? -1.966  -7.116  -4.464  1.000 10.405 ? 85  PHE AAA CD2 1 
ATOM   523  C CE1 . PHE A 1 69  ? -0.266  -5.373  -5.760  1.000 10.482 ? 85  PHE AAA CE1 1 
ATOM   524  C CE2 . PHE A 1 69  ? -2.436  -5.897  -4.928  1.000 10.757 ? 85  PHE AAA CE2 1 
ATOM   525  C CZ  . PHE A 1 69  ? -1.586  -5.039  -5.585  1.000 10.748 ? 85  PHE AAA CZ  1 
ATOM   526  N N   . LYS A 1 70  ? -1.487  -8.879  -1.336  1.000 11.200 ? 86  LYS AAA N   1 
ATOM   527  C CA  . LYS A 1 70  ? -2.474  -8.413  -0.324  1.000 11.817 ? 86  LYS AAA CA  1 
ATOM   528  C C   . LYS A 1 70  ? -1.740  -8.079  0.983   1.000 11.265 ? 86  LYS AAA C   1 
ATOM   529  O O   . LYS A 1 70  ? -2.080  -7.058  1.610   1.000 11.746 ? 86  LYS AAA O   1 
ATOM   530  C CB  . LYS A 1 70  ? -3.573  -9.459  -0.114  1.000 13.708 ? 86  LYS AAA CB  1 
ATOM   531  C CG  . LYS A 1 70  ? -4.567  -9.560  -1.262  1.000 15.752 ? 86  LYS AAA CG  1 
ATOM   532  C CD  . LYS A 1 70  ? -5.495  -10.764 -1.210  1.000 19.502 ? 86  LYS AAA CD  1 
ATOM   533  C CE  . LYS A 1 70  ? -6.284  -10.898 0.073   1.000 23.616 ? 86  LYS AAA CE  1 
ATOM   534  N NZ  . LYS A 1 70  ? -7.036  -12.179 0.128   1.000 26.306 ? 86  LYS AAA NZ  1 
ATOM   535  N N   . ALA A 1 71  ? -0.745  -8.883  1.378   1.000 11.056 ? 87  ALA AAA N   1 
ATOM   536  C CA  . ALA A 1 71  ? 0.013   -8.654  2.632   1.000 10.301 ? 87  ALA AAA CA  1 
ATOM   537  C C   . ALA A 1 71  ? 0.748   -7.309  2.555   1.000 9.604  ? 87  ALA AAA C   1 
ATOM   538  O O   . ALA A 1 71  ? 0.800   -6.629  3.575   1.000 10.627 ? 87  ALA AAA O   1 
ATOM   539  C CB  . ALA A 1 71  ? 0.949   -9.800  2.918   1.000 10.713 ? 87  ALA AAA CB  1 
ATOM   540  N N   . ASP A 1 72  ? 1.319   -6.942  1.405   1.000 9.455  ? 88  ASP AAA N   1 
ATOM   541  C CA  . ASP A 1 72  ? 2.032   -5.646  1.260   1.000 9.124  ? 88  ASP AAA CA  1 
ATOM   542  C C   . ASP A 1 72  ? 1.020   -4.499  1.306   1.000 8.753  ? 88  ASP AAA C   1 
ATOM   543  O O   . ASP A 1 72  ? 1.316   -3.473  1.932   1.000 9.159  ? 88  ASP AAA O   1 
ATOM   544  C CB  . ASP A 1 72  ? 2.885   -5.590  -0.012  1.000 10.181 ? 88  ASP AAA CB  1 
ATOM   545  C CG  . ASP A 1 72  ? 4.350   -5.938  0.202   1.000 11.139 ? 88  ASP AAA CG  1 
ATOM   546  O OD1 . ASP A 1 72  ? 4.771   -6.122  1.368   1.000 11.932 ? 88  ASP AAA OD1 1 
ATOM   547  O OD2 . ASP A 1 72  ? 5.073   -6.004  -0.809  1.000 11.482 ? 88  ASP AAA OD2 1 
ATOM   548  N N   . PHE A 1 73  ? -0.133  -4.657  0.666   1.000 9.243  ? 89  PHE AAA N   1 
ATOM   549  C CA  . PHE A 1 73  ? -1.212  -3.640  0.718   1.000 9.263  ? 89  PHE AAA CA  1 
ATOM   550  C C   . PHE A 1 73  ? -1.640  -3.435  2.175   1.000 8.872  ? 89  PHE AAA C   1 
ATOM   551  O O   . PHE A 1 73  ? -1.739  -2.284  2.633   1.000 8.287  ? 89  PHE AAA O   1 
ATOM   552  C CB  . PHE A 1 73  ? -2.411  -4.039  -0.137  1.000 9.437  ? 89  PHE AAA CB  1 
ATOM   553  C CG  . PHE A 1 73  ? -3.540  -3.046  -0.060  1.000 9.549  ? 89  PHE AAA CG  1 
ATOM   554  C CD1 . PHE A 1 73  ? -3.330  -1.714  -0.383  1.000 9.855  ? 89  PHE AAA CD1 1 
ATOM   555  C CD2 . PHE A 1 73  ? -4.799  -3.428  0.371   1.000 10.171 ? 89  PHE AAA CD2 1 
ATOM   556  C CE1 . PHE A 1 73  ? -4.363  -0.791  -0.295  1.000 10.136 ? 89  PHE AAA CE1 1 
ATOM   557  C CE2 . PHE A 1 73  ? -5.841  -2.509  0.428   1.000 9.958  ? 89  PHE AAA CE2 1 
ATOM   558  C CZ  . PHE A 1 73  ? -5.618  -1.191  0.103   1.000 10.324 ? 89  PHE AAA CZ  1 
ATOM   559  N N   . LYS A 1 74  ? -1.886  -4.527  2.900   1.000 8.722  ? 90  LYS AAA N   1 
ATOM   560  C CA  . LYS A 1 74  ? -2.328  -4.433  4.317   1.000 9.225  ? 90  LYS AAA CA  1 
ATOM   561  C C   . LYS A 1 74  ? -1.208  -3.792  5.151   1.000 9.313  ? 90  LYS AAA C   1 
ATOM   562  O O   . LYS A 1 74  ? -1.521  -2.961  6.020   1.000 9.723  ? 90  LYS AAA O   1 
ATOM   563  C CB  . LYS A 1 74  ? -2.737  -5.803  4.860   1.000 9.901  ? 90  LYS AAA CB  1 
ATOM   564  C CG  . LYS A 1 74  ? -3.173  -5.774  6.316   1.000 10.817 ? 90  LYS AAA CG  1 
ATOM   565  C CD  . LYS A 1 74  ? -3.814  -7.047  6.766   1.000 11.686 ? 90  LYS AAA CD  1 
ATOM   566  C CE  . LYS A 1 74  ? -4.384  -6.940  8.162   1.000 12.245 ? 90  LYS AAA CE  1 
ATOM   567  N NZ  . LYS A 1 74  ? -3.337  -6.771  9.192   1.000 12.956 ? 90  LYS AAA NZ  1 
ATOM   568  N N   . LEU A 1 75  ? 0.050   -4.155  4.891   1.000 9.589  ? 91  LEU AAA N   1 
ATOM   569  C CA  . LEU A 1 75  ? 1.228   -3.584  5.603   1.000 9.462  ? 91  LEU AAA CA  1 
ATOM   570  C C   . LEU A 1 75  ? 1.220   -2.059  5.448   1.000 9.540  ? 91  LEU AAA C   1 
ATOM   571  O O   . LEU A 1 75  ? 1.400   -1.345  6.446   1.000 9.589  ? 91  LEU AAA O   1 
ATOM   572  C CB  . LEU A 1 75  ? 2.495   -4.199  5.006   1.000 9.850  ? 91  LEU AAA CB  1 
ATOM   573  C CG  . LEU A 1 75  ? 3.820   -3.623  5.501   1.000 9.972  ? 91  LEU AAA CG  1 
ATOM   574  C CD1 . LEU A 1 75  ? 3.916   -3.635  7.015   1.000 9.891  ? 91  LEU AAA CD1 1 
ATOM   575  C CD2 . LEU A 1 75  ? 4.976   -4.376  4.870   1.000 10.548 ? 91  LEU AAA CD2 1 
ATOM   576  N N   . MET A 1 76  ? 1.041   -1.580  4.218   1.000 9.631  ? 92  MET AAA N   1 
ATOM   577  C CA  A MET A 1 76  ? 1.015   -0.133  3.892   0.500 9.947  ? 92  MET AAA CA  1 
ATOM   578  C CA  B MET A 1 76  ? 1.032   -0.127  3.915   0.500 10.223 ? 92  MET AAA CA  1 
ATOM   579  C C   . MET A 1 76  ? -0.065  0.551   4.742   1.000 9.932  ? 92  MET AAA C   1 
ATOM   580  O O   . MET A 1 76  ? 0.227   1.584   5.359   1.000 9.443  ? 92  MET AAA O   1 
ATOM   581  C CB  A MET A 1 76  ? 0.718   0.033   2.399   0.500 10.357 ? 92  MET AAA CB  1 
ATOM   582  C CB  B MET A 1 76  ? 0.781   0.133   2.429   0.500 11.084 ? 92  MET AAA CB  1 
ATOM   583  C CG  A MET A 1 76  ? 0.790   1.446   1.876   0.500 11.196 ? 92  MET AAA CG  1 
ATOM   584  C CG  B MET A 1 76  ? 0.876   1.597   2.056   0.500 12.416 ? 92  MET AAA CG  1 
ATOM   585  S SD  A MET A 1 76  ? 0.249   1.440   0.156   0.500 11.494 ? 92  MET AAA SD  1 
ATOM   586  S SD  B MET A 1 76  ? 0.297   1.878   0.379   0.500 13.459 ? 92  MET AAA SD  1 
ATOM   587  C CE  A MET A 1 76  ? -1.524  1.384   0.406   0.500 10.585 ? 92  MET AAA CE  1 
ATOM   588  C CE  B MET A 1 76  ? 0.560   0.254   -0.323  0.500 12.950 ? 92  MET AAA CE  1 
ATOM   589  N N   . CYS A 1 77  ? -1.267  -0.028  4.765   1.000 9.535  ? 93  CYS AAA N   1 
ATOM   590  C CA  . CYS A 1 77  ? -2.424  0.525   5.520   1.000 10.295 ? 93  CYS AAA CA  1 
ATOM   591  C C   . CYS A 1 77  ? -2.158  0.450   7.027   1.000 10.654 ? 93  CYS AAA C   1 
ATOM   592  O O   . CYS A 1 77  ? -2.407  1.455   7.718   1.000 11.052 ? 93  CYS AAA O   1 
ATOM   593  C CB  . CYS A 1 77  ? -3.710  -0.194  5.139   1.000 10.563 ? 93  CYS AAA CB  1 
ATOM   594  S SG  . CYS A 1 77  ? -4.153  0.074   3.400   1.000 10.996 ? 93  CYS AAA SG  1 
ATOM   595  N N   . ASP A 1 78  ? -1.648  -0.683  7.514   1.000 10.400 ? 94  ASP AAA N   1 
ATOM   596  C CA  . ASP A 1 78  ? -1.358  -0.881  8.957   1.000 11.063 ? 94  ASP AAA CA  1 
ATOM   597  C C   . ASP A 1 78  ? -0.304  0.134   9.407   1.000 11.408 ? 94  ASP AAA C   1 
ATOM   598  O O   . ASP A 1 78  ? -0.459  0.701   10.502  1.000 12.727 ? 94  ASP AAA O   1 
ATOM   599  C CB  . ASP A 1 78  ? -0.910  -2.311  9.248   1.000 11.729 ? 94  ASP AAA CB  1 
ATOM   600  C CG  . ASP A 1 78  ? -2.032  -3.335  9.211   1.000 12.795 ? 94  ASP AAA CG  1 
ATOM   601  O OD1 . ASP A 1 78  ? -3.215  -2.931  9.210   1.000 14.796 ? 94  ASP AAA OD1 1 
ATOM   602  O OD2 . ASP A 1 78  ? -1.709  -4.535  9.188   1.000 13.082 ? 94  ASP AAA OD2 1 
ATOM   603  N N   . ASN A 1 79  ? 0.720   0.378   8.590   1.000 10.589 ? 95  ASN AAA N   1 
ATOM   604  C CA  . ASN A 1 79  ? 1.797   1.344   8.936   1.000 10.526 ? 95  ASN AAA CA  1 
ATOM   605  C C   . ASN A 1 79  ? 1.164   2.716   9.162   1.000 11.324 ? 95  ASN AAA C   1 
ATOM   606  O O   . ASN A 1 79  ? 1.488   3.358   10.173  1.000 11.798 ? 95  ASN AAA O   1 
ATOM   607  C CB  . ASN A 1 79  ? 2.880   1.418   7.860   1.000 10.470 ? 95  ASN AAA CB  1 
ATOM   608  C CG  . ASN A 1 79  ? 3.790   0.208   7.817   1.000 10.304 ? 95  ASN AAA CG  1 
ATOM   609  O OD1 . ASN A 1 79  ? 3.888   -0.554  8.780   1.000 11.722 ? 95  ASN AAA OD1 1 
ATOM   610  N ND2 . ASN A 1 79  ? 4.495   0.049   6.710   1.000 10.135 ? 95  ASN AAA ND2 1 
ATOM   611  N N   . ALA A 1 80  ? 0.289   3.151   8.253   1.000 11.797 ? 96  ALA AAA N   1 
ATOM   612  C CA  . ALA A 1 80  ? -0.362  4.479   8.312   1.000 12.589 ? 96  ALA AAA CA  1 
ATOM   613  C C   . ALA A 1 80  ? -1.231  4.552   9.573   1.000 13.988 ? 96  ALA AAA C   1 
ATOM   614  O O   . ALA A 1 80  ? -1.306  5.629   10.187  1.000 15.238 ? 96  ALA AAA O   1 
ATOM   615  C CB  . ALA A 1 80  ? -1.171  4.716   7.070   1.000 12.535 ? 96  ALA AAA CB  1 
ATOM   616  N N   . MET A 1 81  ? -1.866  3.442   9.946   1.000 14.359 ? 97  MET AAA N   1 
ATOM   617  C CA  . MET A 1 81  ? -2.781  3.415   11.117  1.000 15.851 ? 97  MET AAA CA  1 
ATOM   618  C C   . MET A 1 81  ? -1.986  3.281   12.422  1.000 18.524 ? 97  MET AAA C   1 
ATOM   619  O O   . MET A 1 81  ? -2.576  3.567   13.489  1.000 20.208 ? 97  MET AAA O   1 
ATOM   620  C CB  . MET A 1 81  ? -3.811  2.293   10.971  1.000 16.089 ? 97  MET AAA CB  1 
ATOM   621  C CG  . MET A 1 81  ? -4.868  2.645   9.941   1.000 16.253 ? 97  MET AAA CG  1 
ATOM   622  S SD  . MET A 1 81  ? -6.147  1.378   9.755   1.000 18.113 ? 97  MET AAA SD  1 
ATOM   623  C CE  . MET A 1 81  ? -7.145  1.696   11.206  1.000 21.807 ? 97  MET AAA CE  1 
ATOM   624  N N   . THR A 1 82  ? -0.710  2.888   12.352  1.000 18.019 ? 98  THR AAA N   1 
ATOM   625  C CA  . THR A 1 82  ? 0.216   2.811   13.516  1.000 19.599 ? 98  THR AAA CA  1 
ATOM   626  C C   . THR A 1 82  ? 0.815   4.193   13.782  1.000 20.223 ? 98  THR AAA C   1 
ATOM   627  O O   . THR A 1 82  ? 0.817   4.628   14.955  1.000 20.665 ? 98  THR AAA O   1 
ATOM   628  C CB  . THR A 1 82  ? 1.321   1.777   13.286  1.000 20.936 ? 98  THR AAA CB  1 
ATOM   629  O OG1 . THR A 1 82  ? 0.675   0.507   13.231  1.000 22.253 ? 98  THR AAA OG1 1 
ATOM   630  C CG2 . THR A 1 82  ? 2.385   1.768   14.365  1.000 22.267 ? 98  THR AAA CG2 1 
ATOM   631  N N   . TYR A 1 83  ? 1.331   4.848   12.740  1.000 19.169 ? 99  TYR AAA N   1 
ATOM   632  C CA  . TYR A 1 83  ? 2.126   6.091   12.883  1.000 19.305 ? 99  TYR AAA CA  1 
ATOM   633  C C   . TYR A 1 83  ? 1.204   7.294   13.104  1.000 19.129 ? 99  TYR AAA C   1 
ATOM   634  O O   . TYR A 1 83  ? 1.567   8.170   13.907  1.000 20.464 ? 99  TYR AAA O   1 
ATOM   635  C CB  . TYR A 1 83  ? 3.032   6.321   11.676  1.000 18.675 ? 99  TYR AAA CB  1 
ATOM   636  C CG  . TYR A 1 83  ? 3.827   7.597   11.777  1.000 18.873 ? 99  TYR AAA CG  1 
ATOM   637  C CD1 . TYR A 1 83  ? 5.056   7.628   12.414  1.000 19.290 ? 99  TYR AAA CD1 1 
ATOM   638  C CD2 . TYR A 1 83  ? 3.326   8.786   11.275  1.000 19.419 ? 99  TYR AAA CD2 1 
ATOM   639  C CE1 . TYR A 1 83  ? 5.782   8.802   12.521  1.000 20.144 ? 99  TYR AAA CE1 1 
ATOM   640  C CE2 . TYR A 1 83  ? 4.040   9.969   11.374  1.000 20.609 ? 99  TYR AAA CE2 1 
ATOM   641  C CZ  . TYR A 1 83  ? 5.267   9.978   12.004  1.000 20.608 ? 99  TYR AAA CZ  1 
ATOM   642  O OH  . TYR A 1 83  ? 5.958   11.152  12.095  1.000 20.526 ? 99  TYR AAA OH  1 
ATOM   643  N N   . ASN A 1 84  ? 0.083   7.361   12.387  1.000 17.969 ? 100 ASN AAA N   1 
ATOM   644  C CA  . ASN A 1 84  ? -0.824  8.538   12.392  1.000 18.987 ? 100 ASN AAA CA  1 
ATOM   645  C C   . ASN A 1 84  ? -1.904  8.337   13.454  1.000 21.187 ? 100 ASN AAA C   1 
ATOM   646  O O   . ASN A 1 84  ? -2.337  7.182   13.651  1.000 20.466 ? 100 ASN AAA O   1 
ATOM   647  C CB  . ASN A 1 84  ? -1.440  8.790   11.019  1.000 18.863 ? 100 ASN AAA CB  1 
ATOM   648  C CG  . ASN A 1 84  ? -0.399  9.036   9.952   1.000 19.903 ? 100 ASN AAA CG  1 
ATOM   649  O OD1 . ASN A 1 84  ? 0.178   10.122  9.874   1.000 19.999 ? 100 ASN AAA OD1 1 
ATOM   650  N ND2 . ASN A 1 84  ? -0.148  8.029   9.136   1.000 18.725 ? 100 ASN AAA ND2 1 
ATOM   651  N N   . ARG A 1 85  ? -2.327  9.429   14.098  1.000 24.134 ? 101 ARG AAA N   1 
ATOM   652  C CA  . ARG A 1 85  ? -3.423  9.422   15.104  1.000 26.446 ? 101 ARG AAA CA  1 
ATOM   653  C C   . ARG A 1 85  ? -4.744  9.177   14.378  1.000 25.228 ? 101 ARG AAA C   1 
ATOM   654  O O   . ARG A 1 85  ? -4.892  9.532   13.209  1.000 25.158 ? 101 ARG AAA O   1 
ATOM   655  C CB  . ARG A 1 85  ? -3.439  10.729  15.904  1.000 28.453 ? 101 ARG AAA CB  1 
ATOM   656  C CG  . ARG A 1 85  ? -2.181  10.981  16.726  1.000 31.779 ? 101 ARG AAA CG  1 
ATOM   657  C CD  . ARG A 1 85  ? -2.107  10.158  18.005  1.000 37.332 ? 101 ARG AAA CD  1 
ATOM   658  N NE  . ARG A 1 85  ? -1.928  8.724   17.778  1.000 40.466 ? 101 ARG AAA NE  1 
ATOM   659  C CZ  . ARG A 1 85  ? -0.783  8.132   17.430  1.000 42.587 ? 101 ARG AAA CZ  1 
ATOM   660  N NH1 . ARG A 1 85  ? 0.321   8.840   17.249  1.000 43.089 ? 101 ARG AAA NH1 1 
ATOM   661  N NH2 . ARG A 1 85  ? -0.746  6.820   17.254  1.000 44.463 ? 101 ARG AAA NH2 1 
ATOM   662  N N   . PRO A 1 86  ? -5.739  8.528   15.027  1.000 25.464 ? 102 PRO AAA N   1 
ATOM   663  C CA  . PRO A 1 86  ? -7.008  8.205   14.370  1.000 26.143 ? 102 PRO AAA CA  1 
ATOM   664  C C   . PRO A 1 86  ? -7.769  9.379   13.731  1.000 27.491 ? 102 PRO AAA C   1 
ATOM   665  O O   . PRO A 1 86  ? -8.500  9.134   12.790  1.000 28.380 ? 102 PRO AAA O   1 
ATOM   666  C CB  . PRO A 1 86  ? -7.840  7.597   15.508  1.000 25.916 ? 102 PRO AAA CB  1 
ATOM   667  C CG  . PRO A 1 86  ? -6.804  6.991   16.418  1.000 26.653 ? 102 PRO AAA CG  1 
ATOM   668  C CD  . PRO A 1 86  ? -5.669  7.993   16.396  1.000 25.875 ? 102 PRO AAA CD  1 
ATOM   669  N N   . ASP A 1 87  ? -7.576  10.607  14.223  1.000 28.942 ? 103 ASP AAA N   1 
ATOM   670  C CA  . ASP A 1 87  ? -8.338  11.804  13.773  1.000 30.919 ? 103 ASP AAA CA  1 
ATOM   671  C C   . ASP A 1 87  ? -7.731  12.404  12.494  1.000 28.809 ? 103 ASP AAA C   1 
ATOM   672  O O   . ASP A 1 87  ? -8.265  13.434  12.040  1.000 32.972 ? 103 ASP AAA O   1 
ATOM   673  C CB  . ASP A 1 87  ? -8.418  12.859  14.881  1.000 34.813 ? 103 ASP AAA CB  1 
ATOM   674  C CG  . ASP A 1 87  ? -7.120  13.612  15.131  1.000 40.413 ? 103 ASP AAA CG  1 
ATOM   675  O OD1 . ASP A 1 87  ? -6.050  12.970  15.098  1.000 42.521 ? 103 ASP AAA OD1 1 
ATOM   676  O OD2 . ASP A 1 87  ? -7.190  14.837  15.355  1.000 44.597 ? 103 ASP AAA OD2 1 
ATOM   677  N N   . THR A 1 88  ? -6.691  11.792  11.914  1.000 24.774 ? 104 THR AAA N   1 
ATOM   678  C CA  . THR A 1 88  ? -5.909  12.366  10.780  1.000 21.826 ? 104 THR AAA CA  1 
ATOM   679  C C   . THR A 1 88  ? -6.431  11.861  9.430   1.000 19.788 ? 104 THR AAA C   1 
ATOM   680  O O   . THR A 1 88  ? -6.998  10.758  9.374   1.000 18.802 ? 104 THR AAA O   1 
ATOM   681  C CB  . THR A 1 88  ? -4.412  12.048  10.886  1.000 22.227 ? 104 THR AAA CB  1 
ATOM   682  O OG1 . THR A 1 88  ? -4.234  10.633  10.805  1.000 21.150 ? 104 THR AAA OG1 1 
ATOM   683  C CG2 . THR A 1 88  ? -3.785  12.573  12.159  1.000 24.187 ? 104 THR AAA CG2 1 
ATOM   684  N N   . VAL A 1 89  ? -6.199  12.645  8.378   1.000 21.013 ? 105 VAL AAA N   1 
ATOM   685  C CA  . VAL A 1 89  ? -6.552  12.311  6.965   1.000 19.905 ? 105 VAL AAA CA  1 
ATOM   686  C C   . VAL A 1 89  ? -5.917  10.959  6.602   1.000 17.017 ? 105 VAL AAA C   1 
ATOM   687  O O   . VAL A 1 89  ? -6.615  10.128  5.988   1.000 16.894 ? 105 VAL AAA O   1 
ATOM   688  C CB  . VAL A 1 89  ? -6.096  13.437  6.015   1.000 22.019 ? 105 VAL AAA CB  1 
ATOM   689  C CG1 . VAL A 1 89  ? -5.973  12.972  4.574   1.000 22.976 ? 105 VAL AAA CG1 1 
ATOM   690  C CG2 . VAL A 1 89  ? -7.001  14.656  6.110   1.000 22.545 ? 105 VAL AAA CG2 1 
ATOM   691  N N   . TYR A 1 90  ? -4.644  10.756  6.961   1.000 17.235 ? 106 TYR AAA N   1 
ATOM   692  C CA  . TYR A 1 90  ? -3.828  9.572   6.568   1.000 17.233 ? 106 TYR AAA CA  1 
ATOM   693  C C   . TYR A 1 90  ? -4.376  8.301   7.224   1.000 15.367 ? 106 TYR AAA C   1 
ATOM   694  O O   . TYR A 1 90  ? -4.516  7.276   6.531   1.000 14.687 ? 106 TYR AAA O   1 
ATOM   695  C CB  . TYR A 1 90  ? -2.356  9.740   6.945   1.000 18.787 ? 106 TYR AAA CB  1 
ATOM   696  C CG  . TYR A 1 90  ? -1.661  10.898  6.277   1.000 20.313 ? 106 TYR AAA CG  1 
ATOM   697  C CD1 . TYR A 1 90  ? -1.847  11.168  4.931   1.000 21.055 ? 106 TYR AAA CD1 1 
ATOM   698  C CD2 . TYR A 1 90  ? -0.804  11.721  6.990   1.000 23.074 ? 106 TYR AAA CD2 1 
ATOM   699  C CE1 . TYR A 1 90  ? -1.211  12.233  4.315   1.000 22.548 ? 106 TYR AAA CE1 1 
ATOM   700  C CE2 . TYR A 1 90  ? -0.162  12.792  6.389   1.000 23.932 ? 106 TYR AAA CE2 1 
ATOM   701  C CZ  . TYR A 1 90  ? -0.362  13.045  5.045   1.000 23.687 ? 106 TYR AAA CZ  1 
ATOM   702  O OH  . TYR A 1 90  ? 0.267   14.093  4.437   1.000 24.582 ? 106 TYR AAA OH  1 
ATOM   703  N N   . TYR A 1 91  ? -4.661  8.357   8.527   1.000 14.792 ? 107 TYR AAA N   1 
ATOM   704  C CA  . TYR A 1 91  ? -5.262  7.225   9.279   1.000 14.825 ? 107 TYR AAA CA  1 
ATOM   705  C C   . TYR A 1 91  ? -6.603  6.864   8.633   1.000 13.834 ? 107 TYR AAA C   1 
ATOM   706  O O   . TYR A 1 91  ? -6.837  5.689   8.334   1.000 13.449 ? 107 TYR AAA O   1 
ATOM   707  C CB  . TYR A 1 91  ? -5.438  7.582   10.756  1.000 15.669 ? 107 TYR AAA CB  1 
ATOM   708  C CG  . TYR A 1 91  ? -5.977  6.456   11.605  1.000 17.341 ? 107 TYR AAA CG  1 
ATOM   709  C CD1 . TYR A 1 91  ? -7.310  6.073   11.534  1.000 19.806 ? 107 TYR AAA CD1 1 
ATOM   710  C CD2 . TYR A 1 91  ? -5.157  5.763   12.480  1.000 18.393 ? 107 TYR AAA CD2 1 
ATOM   711  C CE1 . TYR A 1 91  ? -7.808  5.039   12.312  1.000 20.426 ? 107 TYR AAA CE1 1 
ATOM   712  C CE2 . TYR A 1 91  ? -5.641  4.726   13.262  1.000 20.166 ? 107 TYR AAA CE2 1 
ATOM   713  C CZ  . TYR A 1 91  ? -6.971  4.363   13.180  1.000 22.461 ? 107 TYR AAA CZ  1 
ATOM   714  O OH  . TYR A 1 91  ? -7.449  3.341   13.952  1.000 24.693 ? 107 TYR AAA OH  1 
ATOM   715  N N   . LYS A 1 92  ? -7.478  7.852   8.447   1.000 14.717 ? 108 LYS AAA N   1 
ATOM   716  C CA  . LYS A 1 92  ? -8.864  7.622   7.957   1.000 15.507 ? 108 LYS AAA CA  1 
ATOM   717  C C   . LYS A 1 92  ? -8.827  7.032   6.546   1.000 14.180 ? 108 LYS AAA C   1 
ATOM   718  O O   . LYS A 1 92  ? -9.596  6.092   6.291   1.000 14.878 ? 108 LYS AAA O   1 
ATOM   719  C CB  . LYS A 1 92  ? -9.676  8.915   8.006   1.000 18.150 ? 108 LYS AAA CB  1 
ATOM   720  C CG  . LYS A 1 92  ? -10.097 9.326   9.407   1.000 19.074 ? 108 LYS AAA CG  1 
ATOM   721  C CD  . LYS A 1 92  ? -10.676 10.717  9.458   1.000 21.169 ? 108 LYS AAA CD  1 
ATOM   722  C CE  . LYS A 1 92  ? -10.903 11.199  10.874  1.000 24.784 ? 108 LYS AAA CE  1 
ATOM   723  N NZ  . LYS A 1 92  ? -11.469 12.570  10.882  1.000 27.023 ? 108 LYS AAA NZ  1 
ATOM   724  N N   . LEU A 1 93  ? -7.943  7.521   5.669   1.000 13.429 ? 109 LEU AAA N   1 
ATOM   725  C CA  . LEU A 1 93  ? -7.862  6.970   4.295   1.000 13.012 ? 109 LEU AAA CA  1 
ATOM   726  C C   . LEU A 1 93  ? -7.279  5.552   4.336   1.000 11.928 ? 109 LEU AAA C   1 
ATOM   727  O O   . LEU A 1 93  ? -7.808  4.691   3.619   1.000 11.984 ? 109 LEU AAA O   1 
ATOM   728  C CB  . LEU A 1 93  ? -7.044  7.880   3.374   1.000 13.462 ? 109 LEU AAA CB  1 
ATOM   729  C CG  . LEU A 1 93  ? -6.994  7.424   1.914   1.000 13.872 ? 109 LEU AAA CG  1 
ATOM   730  C CD1 . LEU A 1 93  ? -8.385  7.387   1.286   1.000 14.342 ? 109 LEU AAA CD1 1 
ATOM   731  C CD2 . LEU A 1 93  ? -6.081  8.322   1.101   1.000 14.424 ? 109 LEU AAA CD2 1 
ATOM   732  N N   . ALA A 1 94  ? -6.248  5.308   5.144   1.000 11.942 ? 110 ALA AAA N   1 
ATOM   733  C CA  . ALA A 1 94  ? -5.644  3.962   5.306   1.000 11.834 ? 110 ALA AAA CA  1 
ATOM   734  C C   . ALA A 1 94  ? -6.736  2.949   5.691   1.000 12.594 ? 110 ALA AAA C   1 
ATOM   735  O O   . ALA A 1 94  ? -6.806  1.864   5.070   1.000 12.477 ? 110 ALA AAA O   1 
ATOM   736  C CB  . ALA A 1 94  ? -4.541  4.000   6.328   1.000 10.875 ? 110 ALA AAA CB  1 
ATOM   737  N N   . LYS A 1 95  ? -7.566  3.281   6.687   1.000 13.398 ? 111 LYS AAA N   1 
ATOM   738  C CA  . LYS A 1 95  ? -8.647  2.373   7.166   1.000 14.166 ? 111 LYS AAA CA  1 
ATOM   739  C C   . LYS A 1 95  ? -9.665  2.143   6.041   1.000 13.392 ? 111 LYS AAA C   1 
ATOM   740  O O   . LYS A 1 95  ? -10.034 0.976   5.780   1.000 14.095 ? 111 LYS AAA O   1 
ATOM   741  C CB  . LYS A 1 95  ? -9.337  2.951   8.403   1.000 16.522 ? 111 LYS AAA CB  1 
ATOM   742  C CG  . LYS A 1 95  ? -10.360 2.026   9.047   1.000 20.183 ? 111 LYS AAA CG  1 
ATOM   743  C CD  . LYS A 1 95  ? -10.846 2.564   10.362  1.000 24.197 ? 111 LYS AAA CD  1 
ATOM   744  C CE  . LYS A 1 95  ? -12.089 1.874   10.874  1.000 28.791 ? 111 LYS AAA CE  1 
ATOM   745  N NZ  . LYS A 1 95  ? -12.640 2.597   12.047  1.000 32.173 ? 111 LYS AAA NZ  1 
ATOM   746  N N   . LYS A 1 96  ? -10.089 3.223   5.386   1.000 13.560 ? 112 LYS AAA N   1 
ATOM   747  C CA  . LYS A 1 96  ? -11.077 3.202   4.282   1.000 14.853 ? 112 LYS AAA CA  1 
ATOM   748  C C   . LYS A 1 96  ? -10.590 2.279   3.159   1.000 13.447 ? 112 LYS AAA C   1 
ATOM   749  O O   . LYS A 1 96  ? -11.360 1.385   2.746   1.000 13.406 ? 112 LYS AAA O   1 
ATOM   750  C CB  . LYS A 1 96  ? -11.311 4.618   3.748   1.000 16.207 ? 112 LYS AAA CB  1 
ATOM   751  C CG  . LYS A 1 96  ? -12.317 4.698   2.612   1.000 18.549 ? 112 LYS AAA CG  1 
ATOM   752  C CD  . LYS A 1 96  ? -12.640 6.112   2.203   1.000 21.420 ? 112 LYS AAA CD  1 
ATOM   753  C CE  . LYS A 1 96  ? -13.465 6.172   0.936   1.000 24.100 ? 112 LYS AAA CE  1 
ATOM   754  N NZ  . LYS A 1 96  ? -13.792 7.567   0.562   1.000 26.076 ? 112 LYS AAA NZ  1 
ATOM   755  N N   . ILE A 1 97  ? -9.354  2.466   2.682   1.000 12.951 ? 113 ILE AAA N   1 
ATOM   756  C CA  . ILE A 1 97  ? -8.883  1.760   1.454   1.000 12.104 ? 113 ILE AAA CA  1 
ATOM   757  C C   . ILE A 1 97  ? -8.492  0.326   1.815   1.000 10.778 ? 113 ILE AAA C   1 
ATOM   758  O O   . ILE A 1 97  ? -8.618  -0.542  0.936   1.000 10.311 ? 113 ILE AAA O   1 
ATOM   759  C CB  . ILE A 1 97  ? -7.768  2.533   0.716   1.000 14.069 ? 113 ILE AAA CB  1 
ATOM   760  C CG1 . ILE A 1 97  ? -6.446  2.585   1.489   1.000 14.903 ? 113 ILE AAA CG1 1 
ATOM   761  C CG2 . ILE A 1 97  ? -8.284  3.917   0.330   1.000 14.830 ? 113 ILE AAA CG2 1 
ATOM   762  C CD1 . ILE A 1 97  ? -5.296  3.214   0.706   1.000 15.979 ? 113 ILE AAA CD1 1 
ATOM   763  N N   . LEU A 1 98  ? -8.070  0.077   3.055   1.000 10.815 ? 114 LEU AAA N   1 
ATOM   764  C CA  . LEU A 1 98  ? -7.777  -1.304  3.522   1.000 10.789 ? 114 LEU AAA CA  1 
ATOM   765  C C   . LEU A 1 98  ? -9.037  -2.153  3.316   1.000 10.195 ? 114 LEU AAA C   1 
ATOM   766  O O   . LEU A 1 98  ? -8.956  -3.202  2.656   1.000 10.161 ? 114 LEU AAA O   1 
ATOM   767  C CB  . LEU A 1 98  ? -7.345  -1.292  4.988   1.000 10.863 ? 114 LEU AAA CB  1 
ATOM   768  C CG  . LEU A 1 98  ? -7.130  -2.679  5.597   1.000 11.443 ? 114 LEU AAA CG  1 
ATOM   769  C CD1 . LEU A 1 98  ? -6.047  -3.441  4.851   1.000 11.887 ? 114 LEU AAA CD1 1 
ATOM   770  C CD2 . LEU A 1 98  ? -6.830  -2.579  7.088   1.000 11.907 ? 114 LEU AAA CD2 1 
ATOM   771  N N   . HIS A 1 99  ? -10.167 -1.714  3.870   1.000 11.377 ? 115 HIS AAA N   1 
ATOM   772  C CA  . HIS A 1 99  ? -11.449 -2.469  3.821   1.000 12.251 ? 115 HIS AAA CA  1 
ATOM   773  C C   . HIS A 1 99  ? -11.958 -2.547  2.377   1.000 13.449 ? 115 HIS AAA C   1 
ATOM   774  O O   . HIS A 1 99  ? -12.263 -3.665  1.918   1.000 13.354 ? 115 HIS AAA O   1 
ATOM   775  C CB  . HIS A 1 99  ? -12.454 -1.847  4.799   1.000 12.979 ? 115 HIS AAA CB  1 
ATOM   776  C CG  . HIS A 1 99  ? -12.178 -2.240  6.207   1.000 13.151 ? 115 HIS AAA CG  1 
ATOM   777  N ND1 . HIS A 1 99  ? -11.215 -1.619  6.985   1.000 14.253 ? 115 HIS AAA ND1 1 
ATOM   778  C CD2 . HIS A 1 99  ? -12.711 -3.213  6.970   1.000 12.848 ? 115 HIS AAA CD2 1 
ATOM   779  C CE1 . HIS A 1 99  ? -11.187 -2.198  8.175   1.000 13.299 ? 115 HIS AAA CE1 1 
ATOM   780  N NE2 . HIS A 1 99  ? -12.089 -3.174  8.182   1.000 14.170 ? 115 HIS AAA NE2 1 
ATOM   781  N N   . ALA A 1 100 ? -12.021 -1.406  1.683   1.000 14.036 ? 116 ALA AAA N   1 
ATOM   782  C CA  . ALA A 1 100 ? -12.514 -1.287  0.289   1.000 14.856 ? 116 ALA AAA CA  1 
ATOM   783  C C   . ALA A 1 100 ? -11.620 -2.103  -0.652  1.000 14.264 ? 116 ALA AAA C   1 
ATOM   784  O O   . ALA A 1 100 ? -12.162 -2.770  -1.556  1.000 14.242 ? 116 ALA AAA O   1 
ATOM   785  C CB  . ALA A 1 100 ? -12.565 0.163   -0.122  1.000 14.944 ? 116 ALA AAA CB  1 
ATOM   786  N N   . GLY A 1 101 ? -10.304 -2.045  -0.436  1.000 14.323 ? 117 GLY AAA N   1 
ATOM   787  C CA  . GLY A 1 101 ? -9.290  -2.746  -1.241  1.000 13.878 ? 117 GLY AAA CA  1 
ATOM   788  C C   . GLY A 1 101 ? -9.432  -4.250  -1.140  1.000 13.917 ? 117 GLY AAA C   1 
ATOM   789  O O   . GLY A 1 101 ? -9.467  -4.903  -2.199  1.000 14.394 ? 117 GLY AAA O   1 
ATOM   790  N N   . PHE A 1 102 ? -9.553  -4.796  0.075   1.000 14.124 ? 118 PHE AAA N   1 
ATOM   791  C CA  . PHE A 1 102 ? -9.744  -6.254  0.303   1.000 14.275 ? 118 PHE AAA CA  1 
ATOM   792  C C   . PHE A 1 102 ? -11.081 -6.684  -0.319  1.000 16.497 ? 118 PHE AAA C   1 
ATOM   793  O O   . PHE A 1 102 ? -11.104 -7.738  -0.981  1.000 18.039 ? 118 PHE AAA O   1 
ATOM   794  C CB  . PHE A 1 102 ? -9.581  -6.629  1.781   1.000 14.257 ? 118 PHE AAA CB  1 
ATOM   795  C CG  . PHE A 1 102 ? -8.164  -7.009  2.133   1.000 13.915 ? 118 PHE AAA CG  1 
ATOM   796  C CD1 . PHE A 1 102 ? -7.192  -6.034  2.307   1.000 14.155 ? 118 PHE AAA CD1 1 
ATOM   797  C CD2 . PHE A 1 102 ? -7.779  -8.338  2.227   1.000 14.382 ? 118 PHE AAA CD2 1 
ATOM   798  C CE1 . PHE A 1 102 ? -5.879  -6.381  2.593   1.000 13.762 ? 118 PHE AAA CE1 1 
ATOM   799  C CE2 . PHE A 1 102 ? -6.466  -8.681  2.514   1.000 14.759 ? 118 PHE AAA CE2 1 
ATOM   800  C CZ  . PHE A 1 102 ? -5.516  -7.702  2.695   1.000 14.035 ? 118 PHE AAA CZ  1 
ATOM   801  N N   . LYS A 1 103 ? -12.137 -5.880  -0.174  1.000 18.314 ? 119 LYS AAA N   1 
ATOM   802  C CA  . LYS A 1 103 ? -13.459 -6.179  -0.798  1.000 19.615 ? 119 LYS AAA CA  1 
ATOM   803  C C   . LYS A 1 103 ? -13.295 -6.247  -2.319  1.000 20.609 ? 119 LYS AAA C   1 
ATOM   804  O O   . LYS A 1 103 ? -13.769 -7.234  -2.920  1.000 19.831 ? 119 LYS AAA O   1 
ATOM   805  C CB  . LYS A 1 103 ? -14.506 -5.132  -0.417  1.000 23.202 ? 119 LYS AAA CB  1 
ATOM   806  C CG  . LYS A 1 103 ? -15.075 -5.270  0.986   1.000 27.508 ? 119 LYS AAA CG  1 
ATOM   807  C CD  . LYS A 1 103 ? -16.262 -4.360  1.212   1.000 30.637 ? 119 LYS AAA CD  1 
ATOM   808  C CE  . LYS A 1 103 ? -16.788 -4.413  2.628   1.000 34.017 ? 119 LYS AAA CE  1 
ATOM   809  N NZ  . LYS A 1 103 ? -15.910 -3.667  3.560   1.000 35.681 ? 119 LYS AAA NZ  1 
ATOM   810  N N   . MET A 1 104 ? -12.650 -5.238  -2.915  1.000 20.213 ? 120 MET AAA N   1 
ATOM   811  C CA  . MET A 1 104 ? -12.426 -5.133  -4.383  1.000 20.284 ? 120 MET AAA CA  1 
ATOM   812  C C   . MET A 1 104 ? -11.704 -6.392  -4.890  1.000 21.174 ? 120 MET AAA C   1 
ATOM   813  O O   . MET A 1 104 ? -12.115 -6.921  -5.952  1.000 22.291 ? 120 MET AAA O   1 
ATOM   814  C CB  . MET A 1 104 ? -11.607 -3.881  -4.721  1.000 20.823 ? 120 MET AAA CB  1 
ATOM   815  C CG  . MET A 1 104 ? -11.353 -3.676  -6.210  1.000 23.178 ? 120 MET AAA CG  1 
ATOM   816  S SD  . MET A 1 104 ? -9.849  -4.498  -6.827  1.000 23.682 ? 120 MET AAA SD  1 
ATOM   817  C CE  . MET A 1 104 ? -8.575  -3.612  -5.934  1.000 21.058 ? 120 MET AAA CE  1 
ATOM   818  N N   . MET A 1 105 ? -10.685 -6.869  -4.164  1.000 19.379 ? 121 MET AAA N   1 
ATOM   819  C CA  . MET A 1 105 ? -9.830  -8.013  -4.591  1.000 20.905 ? 121 MET AAA CA  1 
ATOM   820  C C   . MET A 1 105 ? -10.553 -9.341  -4.320  1.000 24.550 ? 121 MET AAA C   1 
ATOM   821  O O   . MET A 1 105 ? -10.093 -10.370 -4.860  1.000 24.799 ? 121 MET AAA O   1 
ATOM   822  C CB  . MET A 1 105 ? -8.461  -7.991  -3.896  1.000 19.715 ? 121 MET AAA CB  1 
ATOM   823  C CG  . MET A 1 105 ? -7.584  -6.837  -4.379  1.000 17.845 ? 121 MET AAA CG  1 
ATOM   824  S SD  . MET A 1 105 ? -5.894  -6.777  -3.725  1.000 16.766 ? 121 MET AAA SD  1 
ATOM   825  C CE  . MET A 1 105 ? -6.163  -6.228  -2.040  1.000 16.764 ? 121 MET AAA CE  1 
ATOM   826  N N   . SER A 1 106 ? -11.643 -9.303  -3.540  1.000 25.949 ? 122 SER AAA N   1 
ATOM   827  C CA  . SER A 1 106 ? -12.529 -10.446 -3.182  1.000 31.181 ? 122 SER AAA CA  1 
ATOM   828  C C   . SER A 1 106 ? -11.744 -11.475 -2.362  1.000 37.363 ? 122 SER AAA C   1 
ATOM   829  O O   . SER A 1 106 ? -11.526 -11.258 -1.171  1.000 39.981 ? 122 SER AAA O   1 
ATOM   830  C CB  . SER A 1 106 ? -13.169 -11.067 -4.404  1.000 32.516 ? 122 SER AAA CB  1 
ATOM   831  O OG  . SER A 1 106 ? -13.940 -10.110 -5.118  1.000 32.635 ? 122 SER AAA OG  1 
HETATM 832  C C13 . P8W B 2 .   ? 4.048   10.397  1.761   1.000 27.195 ? 201 P8W AAA C13 1 
HETATM 833  C C15 . P8W B 2 .   ? 5.197   10.302  0.999   1.000 28.436 ? 201 P8W AAA C15 1 
HETATM 834  C C17 . P8W B 2 .   ? 5.393   11.155  -0.060  1.000 31.034 ? 201 P8W AAA C17 1 
HETATM 835  C C21 . P8W B 2 .   ? 3.276   12.231  0.393   1.000 30.676 ? 201 P8W AAA C21 1 
HETATM 836  C C22 . P8W B 2 .   ? 2.247   13.241  0.018   1.000 29.732 ? 201 P8W AAA C22 1 
HETATM 837  C C01 . P8W B 2 .   ? 0.762   7.897   4.408   1.000 22.727 ? 201 P8W AAA C01 1 
HETATM 838  C C05 . P8W B 2 .   ? 1.566   9.024   5.012   1.000 24.717 ? 201 P8W AAA C05 1 
HETATM 839  C C06 . P8W B 2 .   ? 1.883   10.164  4.354   1.000 25.419 ? 201 P8W AAA C06 1 
HETATM 840  N N07 . P8W B 2 .   ? 1.489   10.357  3.084   1.000 26.380 ? 201 P8W AAA N07 1 
HETATM 841  C C09 . P8W B 2 .   ? 1.802   11.504  2.259   1.000 26.328 ? 201 P8W AAA C09 1 
HETATM 842  C C12 . P8W B 2 .   ? 3.077   11.352  1.468   1.000 27.873 ? 201 P8W AAA C12 1 
HETATM 843  C C19 . P8W B 2 .   ? 4.441   12.115  -0.371  1.000 30.634 ? 201 P8W AAA C19 1 
HETATM 844  C C23 . P8W B 2 .   ? 1.495   13.087  -1.146  1.000 29.596 ? 201 P8W AAA C23 1 
HETATM 845  C C25 . P8W B 2 .   ? 0.496   13.991  -1.471  1.000 28.452 ? 201 P8W AAA C25 1 
HETATM 846  C C27 . P8W B 2 .   ? 0.215   15.047  -0.630  1.000 29.368 ? 201 P8W AAA C27 1 
HETATM 847  C C29 . P8W B 2 .   ? 0.930   15.200  0.540   1.000 31.250 ? 201 P8W AAA C29 1 
HETATM 848  C C31 . P8W B 2 .   ? 1.930   14.295  0.871   1.000 30.422 ? 201 P8W AAA C31 1 
HETATM 849  C C33 . P8W B 2 .   ? 2.652   11.152  5.051   1.000 26.141 ? 201 P8W AAA C33 1 
HETATM 850  N N35 . P8W B 2 .   ? 3.066   11.039  6.265   1.000 27.486 ? 201 P8W AAA N35 1 
HETATM 851  N N36 . P8W B 2 .   ? 2.736   9.877   6.905   1.000 25.879 ? 201 P8W AAA N36 1 
HETATM 852  C C37 . P8W B 2 .   ? 3.225   9.773   8.270   1.000 27.145 ? 201 P8W AAA C37 1 
HETATM 853  C C41 . P8W B 2 .   ? 2.012   8.836   6.369   1.000 23.364 ? 201 P8W AAA C41 1 
HETATM 854  O O42 . P8W B 2 .   ? 1.765   7.839   7.025   1.000 22.198 ? 201 P8W AAA O42 1 
HETATM 855  O O   . HOH C 3 .   ? 11.749  -6.049  -2.907  1.000 35.247 ? 301 HOH AAA O   1 
HETATM 856  O O   . HOH C 3 .   ? 9.445   2.551   -10.757 1.000 29.774 ? 302 HOH AAA O   1 
HETATM 857  O O   . HOH C 3 .   ? 1.440   -17.106 -0.865  1.000 31.243 ? 303 HOH AAA O   1 
HETATM 858  O O   . HOH C 3 .   ? -16.904 -2.332  5.454   1.000 36.702 ? 304 HOH AAA O   1 
HETATM 859  O O   . HOH C 3 .   ? 2.275   5.387   6.727   1.000 13.845 ? 305 HOH AAA O   1 
HETATM 860  O O   . HOH C 3 .   ? -9.552  -9.715  -0.759  1.000 28.687 ? 306 HOH AAA O   1 
HETATM 861  O O   . HOH C 3 .   ? -11.791 -8.243  -8.137  1.000 41.734 ? 307 HOH AAA O   1 
HETATM 862  O O   . HOH C 3 .   ? 0.040   12.359  11.162  1.000 32.357 ? 308 HOH AAA O   1 
HETATM 863  O O   . HOH C 3 .   ? -13.418 2.446   -2.707  1.000 30.991 ? 309 HOH AAA O   1 
HETATM 864  O O   . HOH C 3 .   ? -14.002 4.662   11.265  1.000 42.197 ? 310 HOH AAA O   1 
HETATM 865  O O   . HOH C 3 .   ? 11.742  15.163  10.335  1.000 28.405 ? 311 HOH AAA O   1 
HETATM 866  O O   . HOH C 3 .   ? -4.419  -16.240 1.101   1.000 23.334 ? 312 HOH AAA O   1 
HETATM 867  O O   . HOH C 3 .   ? -2.719  -16.427 -3.115  1.000 21.649 ? 313 HOH AAA O   1 
HETATM 868  O O   . HOH C 3 .   ? 10.909  1.404   -1.574  1.000 29.881 ? 314 HOH AAA O   1 
HETATM 869  O O   . HOH C 3 .   ? -11.044 1.438   -7.269  1.000 20.335 ? 315 HOH AAA O   1 
HETATM 870  O O   . HOH C 3 .   ? -10.026 2.856   14.053  1.000 48.698 ? 316 HOH AAA O   1 
HETATM 871  O O   . HOH C 3 .   ? 7.737   2.391   1.475   1.000 13.380 ? 317 HOH AAA O   1 
HETATM 872  O O   . HOH C 3 .   ? 4.787   2.735   5.114   1.000 10.622 ? 318 HOH AAA O   1 
HETATM 873  O O   . HOH C 3 .   ? 5.560   -16.131 0.754   1.000 29.094 ? 319 HOH AAA O   1 
HETATM 874  O O   . HOH C 3 .   ? -14.434 -2.059  -2.681  1.000 29.392 ? 320 HOH AAA O   1 
HETATM 875  O O   . HOH C 3 .   ? 12.246  1.486   8.842   1.000 30.733 ? 321 HOH AAA O   1 
HETATM 876  O O   . HOH C 3 .   ? 13.665  -2.295  9.652   1.000 45.104 ? 322 HOH AAA O   1 
HETATM 877  O O   . HOH C 3 .   ? -4.203  -12.327 -15.090 1.000 23.568 ? 323 HOH AAA O   1 
HETATM 878  O O   . HOH C 3 .   ? 2.402   2.493   -8.410  1.000 26.000 ? 324 HOH AAA O   1 
HETATM 879  O O   . HOH C 3 .   ? 7.310   -6.613  1.975   1.000 25.075 ? 325 HOH AAA O   1 
HETATM 880  O O   . HOH C 3 .   ? -9.137  8.257   -8.519  1.000 28.155 ? 326 HOH AAA O   1 
HETATM 881  O O   . HOH C 3 .   ? -0.695  -0.219  -15.213 1.000 45.406 ? 327 HOH AAA O   1 
HETATM 882  O O   . HOH C 3 .   ? 4.870   -10.594 -9.400  1.000 20.051 ? 328 HOH AAA O   1 
HETATM 883  O O   . HOH C 3 .   ? 0.540   -5.668  8.329   1.000 16.804 ? 329 HOH AAA O   1 
HETATM 884  O O   . HOH C 3 .   ? -14.558 -4.860  5.522   1.000 18.567 ? 330 HOH AAA O   1 
HETATM 885  O O   . HOH C 3 .   ? 9.234   4.877   4.197   1.000 21.150 ? 331 HOH AAA O   1 
HETATM 886  O O   . HOH C 3 .   ? 3.994   -17.805 -8.764  1.000 59.756 ? 332 HOH AAA O   1 
HETATM 887  O O   . HOH C 3 .   ? -3.064  -6.024  -16.334 1.000 26.782 ? 333 HOH AAA O   1 
HETATM 888  O O   . HOH C 3 .   ? 10.992  7.489   6.281   1.000 27.885 ? 334 HOH AAA O   1 
HETATM 889  O O   . HOH C 3 .   ? 11.806  18.031  7.712   1.000 50.538 ? 335 HOH AAA O   1 
HETATM 890  O O   . HOH C 3 .   ? 11.279  0.272   -5.206  1.000 28.256 ? 336 HOH AAA O   1 
HETATM 891  O O   . HOH C 3 .   ? 2.400   -1.911  10.566  1.000 24.463 ? 337 HOH AAA O   1 
HETATM 892  O O   . HOH C 3 .   ? -1.427  16.163  4.109   1.000 50.421 ? 338 HOH AAA O   1 
HETATM 893  O O   . HOH C 3 .   ? -10.634 7.523   12.445  1.000 25.060 ? 339 HOH AAA O   1 
HETATM 894  O O   . HOH C 3 .   ? 1.987   3.549   4.770   1.000 12.125 ? 340 HOH AAA O   1 
HETATM 895  O O   . HOH C 3 .   ? -11.873 5.795   7.719   1.000 21.988 ? 341 HOH AAA O   1 
HETATM 896  O O   . HOH C 3 .   ? 9.565   9.082   -1.175  1.000 16.439 ? 342 HOH AAA O   1 
HETATM 897  O O   . HOH C 3 .   ? -14.033 1.177   3.128   1.000 18.273 ? 343 HOH AAA O   1 
HETATM 898  O O   . HOH C 3 .   ? 4.154   -9.774  1.149   1.000 14.347 ? 344 HOH AAA O   1 
HETATM 899  O O   . HOH C 3 .   ? -0.554  -1.100  -11.993 1.000 20.655 ? 345 HOH AAA O   1 
HETATM 900  O O   . HOH C 3 .   ? 8.990   -3.300  4.068   1.000 24.522 ? 346 HOH AAA O   1 
HETATM 901  O O   . HOH C 3 .   ? -8.926  10.742  4.705   1.000 17.876 ? 347 HOH AAA O   1 
HETATM 902  O O   . HOH C 3 .   ? 0.682   -7.415  6.171   1.000 11.997 ? 348 HOH AAA O   1 
HETATM 903  O O   . HOH C 3 .   ? 13.507  -9.390  -11.291 1.000 38.630 ? 349 HOH AAA O   1 
HETATM 904  O O   . HOH C 3 .   ? 3.126   6.918   1.424   1.000 12.101 ? 350 HOH AAA O   1 
HETATM 905  O O   . HOH C 3 .   ? -14.084 -1.123  -5.144  1.000 35.036 ? 351 HOH AAA O   1 
HETATM 906  O O   . HOH C 3 .   ? -6.528  -14.734 -0.659  1.000 35.162 ? 352 HOH AAA O   1 
HETATM 907  O O   . HOH C 3 .   ? -3.711  7.587   -7.331  1.000 30.169 ? 353 HOH AAA O   1 
HETATM 908  O O   . HOH C 3 .   ? -1.549  15.502  -3.666  1.000 35.347 ? 354 HOH AAA O   1 
HETATM 909  O O   . HOH C 3 .   ? 4.445   -6.052  -14.682 1.000 39.756 ? 355 HOH AAA O   1 
HETATM 910  O O   . HOH C 3 .   ? -11.051 6.394   -1.312  1.000 21.988 ? 356 HOH AAA O   1 
HETATM 911  O O   . HOH C 3 .   ? -5.493  10.948  -8.798  1.000 40.791 ? 357 HOH AAA O   1 
HETATM 912  O O   . HOH C 3 .   ? 1.893   10.815  14.511  1.000 33.813 ? 358 HOH AAA O   1 
HETATM 913  O O   . HOH C 3 .   ? -4.153  1.746   14.788  1.000 32.183 ? 359 HOH AAA O   1 
HETATM 914  O O   . HOH C 3 .   ? -11.275 4.724   13.104  1.000 46.602 ? 360 HOH AAA O   1 
HETATM 915  O O   . HOH C 3 .   ? -5.481  -4.244  10.036  1.000 17.825 ? 361 HOH AAA O   1 
HETATM 916  O O   . HOH C 3 .   ? 6.619   -9.465  -0.340  1.000 21.264 ? 362 HOH AAA O   1 
HETATM 917  O O   . HOH C 3 .   ? 5.224   -14.399 -10.234 1.000 40.277 ? 363 HOH AAA O   1 
HETATM 918  O O   . HOH C 3 .   ? -2.767  5.555   15.879  1.000 35.177 ? 364 HOH AAA O   1 
HETATM 919  O O   . HOH C 3 .   ? 9.625   -5.886  0.246   1.000 28.617 ? 365 HOH AAA O   1 
HETATM 920  O O   . HOH C 3 .   ? 11.035  -3.175  -10.824 1.000 18.440 ? 366 HOH AAA O   1 
HETATM 921  O O   . HOH C 3 .   ? 4.872   -17.780 -2.816  1.000 37.012 ? 367 HOH AAA O   1 
HETATM 922  O O   . HOH C 3 .   ? -2.314  -11.768 2.532   1.000 21.874 ? 368 HOH AAA O   1 
HETATM 923  O O   . HOH C 3 .   ? 4.216   -8.029  3.307   1.000 14.365 ? 369 HOH AAA O   1 
HETATM 924  O O   . HOH C 3 .   ? -6.052  10.312  -1.660  1.000 11.671 ? 370 HOH AAA O   1 
HETATM 925  O O   . HOH C 3 .   ? -4.687  3.987   -10.929 1.000 21.261 ? 371 HOH AAA O   1 
HETATM 926  O O   . HOH C 3 .   ? 6.061   -1.986  9.766   1.000 13.893 ? 372 HOH AAA O   1 
HETATM 927  O O   . HOH C 3 .   ? 9.964   -1.061  1.617   1.000 31.100 ? 373 HOH AAA O   1 
HETATM 928  O O   . HOH C 3 .   ? -12.679 -5.734  3.734   1.000 27.695 ? 374 HOH AAA O   1 
HETATM 929  O O   . HOH C 3 .   ? -1.496  6.467   -5.018  1.000 13.155 ? 375 HOH AAA O   1 
HETATM 930  O O   . HOH C 3 .   ? -4.399  -1.261  11.103  1.000 40.702 ? 376 HOH AAA O   1 
HETATM 931  O O   . HOH C 3 .   ? 2.821   5.203   -7.134  1.000 16.661 ? 377 HOH AAA O   1 
HETATM 932  O O   . HOH C 3 .   ? -2.299  -9.333  8.774   1.000 23.121 ? 378 HOH AAA O   1 
HETATM 933  O O   . HOH C 3 .   ? -12.261 -0.620  -8.439  1.000 39.312 ? 379 HOH AAA O   1 
HETATM 934  O O   . HOH C 3 .   ? -3.860  16.509  -4.370  1.000 25.447 ? 380 HOH AAA O   1 
HETATM 935  O O   . HOH C 3 .   ? -1.124  1.484   -10.571 1.000 24.210 ? 381 HOH AAA O   1 
HETATM 936  O O   . HOH C 3 .   ? 4.263   13.116  13.218  1.000 42.550 ? 382 HOH AAA O   1 
HETATM 937  O O   . HOH C 3 .   ? 3.443   13.225  8.312   1.000 58.575 ? 383 HOH AAA O   1 
HETATM 938  O O   . HOH C 3 .   ? 10.323  2.419   -4.048  1.000 43.272 ? 384 HOH AAA O   1 
HETATM 939  O O   . HOH C 3 .   ? -15.155 8.576   2.837   1.000 35.703 ? 385 HOH AAA O   1 
HETATM 940  O O   . HOH C 3 .   ? 2.630   4.388   2.250   1.000 13.539 ? 386 HOH AAA O   1 
HETATM 941  O O   . HOH C 3 .   ? -7.307  -1.877  -14.078 1.000 25.052 ? 387 HOH AAA O   1 
HETATM 942  O O   . HOH C 3 .   ? 3.712   8.141   15.804  1.000 41.221 ? 388 HOH AAA O   1 
HETATM 943  O O   . HOH C 3 .   ? 13.520  9.396   5.235   1.000 40.889 ? 389 HOH AAA O   1 
HETATM 944  O O   . HOH C 3 .   ? 8.636   -9.399  -15.615 1.000 42.144 ? 390 HOH AAA O   1 
HETATM 945  O O   . HOH C 3 .   ? 2.058   -1.997  12.974  1.000 39.060 ? 391 HOH AAA O   1 
HETATM 946  O O   . HOH C 3 .   ? 7.887   -6.886  -15.860 1.000 41.099 ? 392 HOH AAA O   1 
HETATM 947  O O   . HOH C 3 .   ? 12.236  -11.404 -8.501  1.000 33.059 ? 393 HOH AAA O   1 
HETATM 948  O O   . HOH C 3 .   ? 3.356   5.193   16.195  1.000 42.930 ? 394 HOH AAA O   1 
HETATM 949  O O   . HOH C 3 .   ? -12.399 -13.274 0.729   1.000 35.056 ? 395 HOH AAA O   1 
HETATM 950  O O   . HOH C 3 .   ? -1.223  -4.150  -17.012 1.000 34.920 ? 396 HOH AAA O   1 
HETATM 951  O O   . HOH C 3 .   ? 12.724  12.816  11.737  1.000 30.255 ? 397 HOH AAA O   1 
HETATM 952  O O   . HOH C 3 .   ? 7.140   2.940   -8.775  1.000 21.276 ? 398 HOH AAA O   1 
HETATM 953  O O   . HOH C 3 .   ? 6.769   -1.618  12.368  1.000 28.278 ? 399 HOH AAA O   1 
HETATM 954  O O   . HOH C 3 .   ? -6.683  11.213  17.348  1.000 32.742 ? 400 HOH AAA O   1 
HETATM 955  O O   . HOH C 3 .   ? 3.205   9.440   -1.321  1.000 15.876 ? 401 HOH AAA O   1 
HETATM 956  O O   . HOH C 3 .   ? -0.680  11.851  13.736  1.000 25.745 ? 402 HOH AAA O   1 
HETATM 957  O O   . HOH C 3 .   ? -2.021  -16.358 -6.357  1.000 24.318 ? 403 HOH AAA O   1 
HETATM 958  O O   . HOH C 3 .   ? -7.329  -4.534  -16.231 1.000 36.011 ? 404 HOH AAA O   1 
HETATM 959  O O   . HOH C 3 .   ? -11.395 -6.260  -9.865  1.000 36.584 ? 405 HOH AAA O   1 
HETATM 960  O O   . HOH C 3 .   ? -1.973  -0.788  12.751  1.000 37.769 ? 406 HOH AAA O   1 
HETATM 961  O O   . HOH C 3 .   ? 6.594   4.179   3.333   1.000 10.621 ? 407 HOH AAA O   1 
HETATM 962  O O   . HOH C 3 .   ? -5.033  15.333  9.128   1.000 29.536 ? 408 HOH AAA O   1 
HETATM 963  O O   . HOH C 3 .   ? -15.333 -1.076  2.104   1.000 24.618 ? 409 HOH AAA O   1 
HETATM 964  O O   . HOH C 3 .   ? 11.911  -13.921 -8.029  1.000 44.208 ? 410 HOH AAA O   1 
HETATM 965  O O   . HOH C 3 .   ? 6.932   -11.194 -2.043  1.000 29.708 ? 411 HOH AAA O   1 
HETATM 966  O O   . HOH C 3 .   ? -2.140  8.784   -6.601  1.000 33.428 ? 412 HOH AAA O   1 
HETATM 967  O O   . HOH C 3 .   ? 8.012   -17.028 -10.719 1.000 32.783 ? 413 HOH AAA O   1 
HETATM 968  O O   . HOH C 3 .   ? -9.188  14.414  9.245   1.000 38.108 ? 414 HOH AAA O   1 
HETATM 969  O O   . HOH C 3 .   ? -1.821  14.630  -6.174  1.000 42.311 ? 415 HOH AAA O   1 
HETATM 970  O O   . HOH C 3 .   ? -2.961  -4.224  12.025  1.000 46.048 ? 416 HOH AAA O   1 
HETATM 971  O O   . HOH C 3 .   ? -11.042 8.789   -0.328  1.000 40.535 ? 417 HOH AAA O   1 
HETATM 972  O O   . HOH C 3 .   ? 15.739  3.899   11.255  1.000 42.311 ? 418 HOH AAA O   1 
HETATM 973  O O   . HOH C 3 .   ? 9.800   14.472  0.920   1.000 35.326 ? 419 HOH AAA O   1 
HETATM 974  O O   . HOH C 3 .   ? -2.201  -7.319  12.108  1.000 40.735 ? 420 HOH AAA O   1 
HETATM 975  O O   . HOH C 3 .   ? -11.886 9.724   1.933   1.000 29.249 ? 421 HOH AAA O   1 
HETATM 976  O O   . HOH C 3 .   ? 1.171   -16.598 -13.394 1.000 26.136 ? 422 HOH AAA O   1 
HETATM 977  O O   . HOH C 3 .   ? -3.164  13.559  7.941   1.000 32.652 ? 423 HOH AAA O   1 
HETATM 978  O O   . HOH C 3 .   ? -0.462  2.941   17.362  1.000 38.604 ? 424 HOH AAA O   1 
HETATM 979  O O   . HOH C 3 .   ? 11.361  -13.455 -12.438 1.000 41.949 ? 425 HOH AAA O   1 
HETATM 980  O O   . HOH C 3 .   ? 13.046  1.921   -8.520  1.000 33.569 ? 426 HOH AAA O   1 
HETATM 981  O O   . HOH C 3 .   ? 13.258  0.781   13.112  1.000 55.796 ? 427 HOH AAA O   1 
HETATM 982  O O   . HOH C 3 .   ? -11.477 8.184   -5.022  1.000 46.082 ? 428 HOH AAA O   1 
HETATM 983  O O   . HOH C 3 .   ? 11.626  -4.214  -6.530  1.000 40.483 ? 429 HOH AAA O   1 
HETATM 984  O O   . HOH C 3 .   ? 10.495  -2.454  -4.807  1.000 25.764 ? 430 HOH AAA O   1 
HETATM 985  O O   . HOH C 3 .   ? -12.576 -8.959  1.732   1.000 28.327 ? 431 HOH AAA O   1 
HETATM 986  O O   . HOH C 3 .   ? 9.137   4.188   -7.584  1.000 32.741 ? 432 HOH AAA O   1 
HETATM 987  O O   . HOH C 3 .   ? 10.950  -11.333 -4.574  1.000 33.689 ? 433 HOH AAA O   1 
HETATM 988  O O   . HOH C 3 .   ? -3.903  -7.107  -18.499 1.000 34.508 ? 434 HOH AAA O   1 
HETATM 989  O O   . HOH C 3 .   ? -13.969 0.257   7.766   1.000 45.802 ? 435 HOH AAA O   1 
HETATM 990  O O   . HOH C 3 .   ? -10.756 8.642   4.025   1.000 20.276 ? 436 HOH AAA O   1 
HETATM 991  O O   . HOH C 3 .   ? 15.113  -6.056  -4.370  1.000 42.410 ? 437 HOH AAA O   1 
HETATM 992  O O   . HOH C 3 .   ? -8.534  0.021   13.977  1.000 42.785 ? 438 HOH AAA O   1 
HETATM 993  O O   . HOH C 3 .   ? -2.631  2.704   3.054   1.000 51.842 ? 439 HOH AAA O   1 
HETATM 994  O O   . HOH C 3 .   ? -0.083  -7.677  10.244  1.000 42.322 ? 440 HOH AAA O   1 
HETATM 995  O O   . HOH C 3 .   ? 1.841   7.108   -8.397  1.000 36.987 ? 441 HOH AAA O   1 
HETATM 996  O O   . HOH C 3 .   ? 5.204   -4.931  9.885   1.000 24.729 ? 442 HOH AAA O   1 
HETATM 997  O O   . HOH C 3 .   ? -4.830  6.710   -9.716  1.000 29.282 ? 443 HOH AAA O   1 
HETATM 998  O O   . HOH C 3 .   ? 9.721   -11.100 -2.260  1.000 36.811 ? 444 HOH AAA O   1 
HETATM 999  O O   . HOH C 3 .   ? 13.420  -0.094  6.649   1.000 46.996 ? 445 HOH AAA O   1 
HETATM 1000 O O   . HOH C 3 .   ? 8.332   -7.796  12.134  1.000 51.199 ? 446 HOH AAA O   1 
HETATM 1001 O O   . HOH C 3 .   ? 0.026   7.090   20.807  1.000 52.578 ? 447 HOH AAA O   1 
HETATM 1002 O O   . HOH C 3 .   ? -2.919  -9.770  4.292   1.000 17.487 ? 448 HOH AAA O   1 
HETATM 1003 O O   . HOH C 3 .   ? -0.405  -3.092  13.367  1.000 34.019 ? 449 HOH AAA O   1 
HETATM 1004 O O   . HOH C 3 .   ? 7.503   13.345  0.438   1.000 36.118 ? 450 HOH AAA O   1 
HETATM 1005 O O   . HOH C 3 .   ? 12.594  -4.921  -12.360 1.000 26.209 ? 451 HOH AAA O   1 
HETATM 1006 O O   . HOH C 3 .   ? 6.305   -6.208  12.148  1.000 38.811 ? 452 HOH AAA O   1 
HETATM 1007 O O   . HOH C 3 .   ? -0.974  -18.859 -1.799  1.000 31.268 ? 453 HOH AAA O   1 
HETATM 1008 O O   . HOH C 3 .   ? -13.453 3.645   7.045   1.000 27.863 ? 454 HOH AAA O   1 
HETATM 1009 O O   . HOH C 3 .   ? 3.409   -8.147  5.872   1.000 18.280 ? 455 HOH AAA O   1 
HETATM 1010 O O   . HOH C 3 .   ? -9.275  -1.056  10.197  1.000 30.599 ? 456 HOH AAA O   1 
HETATM 1011 O O   . HOH C 3 .   ? -12.786 8.109   5.698   1.000 28.991 ? 457 HOH AAA O   1 
HETATM 1012 O O   . HOH C 3 .   ? 2.020   -13.659 2.382   1.000 18.489 ? 458 HOH AAA O   1 
HETATM 1013 O O   . HOH C 3 .   ? -7.102  15.961  1.991   1.000 45.559 ? 459 HOH AAA O   1 
HETATM 1014 O O   . HOH C 3 .   ? 5.572   -6.995  7.773   1.000 26.643 ? 460 HOH AAA O   1 
HETATM 1015 O O   . HOH C 3 .   ? 10.868  4.732   6.459   1.000 23.683 ? 461 HOH AAA O   1 
HETATM 1016 O O   . HOH C 3 .   ? -11.720 6.039   10.373  1.000 41.800 ? 462 HOH AAA O   1 
HETATM 1017 O O   . HOH C 3 .   ? -15.176 3.532   9.156   1.000 39.347 ? 463 HOH AAA O   1 
HETATM 1018 O O   . HOH C 3 .   ? -12.320 4.262   -6.811  1.000 51.528 ? 464 HOH AAA O   1 
HETATM 1019 O O   . HOH C 3 .   ? 13.860  -0.417  -7.827  1.000 38.215 ? 465 HOH AAA O   1 
HETATM 1020 O O   . HOH C 3 .   ? 8.230   -9.749  1.862   1.000 28.017 ? 466 HOH AAA O   1 
HETATM 1021 O O   . HOH C 3 .   ? 3.833   -20.387 -8.327  1.000 43.054 ? 467 HOH AAA O   1 
HETATM 1022 O O   . HOH C 3 .   ? -12.066 15.464  7.965   1.000 35.314 ? 468 HOH AAA O   1 
HETATM 1023 O O   . HOH C 3 .   ? -12.037 3.576   -0.717  1.000 32.717 ? 469 HOH AAA O   1 
HETATM 1024 O O   . HOH C 3 .   ? -2.252  3.436   -11.980 1.000 39.006 ? 470 HOH AAA O   1 
HETATM 1025 O O   . HOH C 3 .   ? 12.944  -2.601  -8.830  1.000 27.950 ? 471 HOH AAA O   1 
HETATM 1026 O O   . HOH C 3 .   ? 9.254   4.546   -4.889  1.000 26.410 ? 472 HOH AAA O   1 
HETATM 1027 O O   . HOH C 3 .   ? -0.945  5.722   -11.522 1.000 34.194 ? 473 HOH AAA O   1 
HETATM 1028 O O   . HOH C 3 .   ? -5.935  4.025   -13.349 1.000 34.362 ? 474 HOH AAA O   1 
HETATM 1029 O O   . HOH C 3 .   ? 2.505   -15.985 1.414   1.000 46.289 ? 475 HOH AAA O   1 
HETATM 1030 O O   . HOH C 3 .   ? -1.877  13.942  15.122  1.000 35.658 ? 476 HOH AAA O   1 
HETATM 1031 O O   . HOH C 3 .   ? -7.192  -2.505  10.749  1.000 33.246 ? 477 HOH AAA O   1 
HETATM 1032 O O   . HOH C 3 .   ? 2.445   -4.868  10.240  1.000 21.581 ? 478 HOH AAA O   1 
HETATM 1033 O O   . HOH C 3 .   ? 10.448  1.992   1.359   1.000 24.459 ? 479 HOH AAA O   1 
HETATM 1034 O O   . HOH C 3 .   ? -1.397  14.149  9.863   1.000 35.291 ? 480 HOH AAA O   1 
HETATM 1035 O O   . HOH C 3 .   ? 2.579   13.604  10.777  1.000 36.379 ? 481 HOH AAA O   1 
HETATM 1036 O O   . HOH C 3 .   ? 7.491   -6.994  5.546   1.000 33.752 ? 482 HOH AAA O   1 
HETATM 1037 O O   . HOH C 3 .   ? -6.735  8.583   -9.558  1.000 35.594 ? 483 HOH AAA O   1 
HETATM 1038 O O   . HOH C 3 .   ? -2.469  -6.492  -21.780 1.000 43.283 ? 484 HOH AAA O   1 
HETATM 1039 O O   . HOH C 3 .   ? -0.877  -9.537  6.384   1.000 16.016 ? 485 HOH AAA O   1 
HETATM 1040 O O   . HOH C 3 .   ? 11.195  -4.035  4.833   1.000 37.220 ? 486 HOH AAA O   1 
HETATM 1041 O O   . HOH C 3 .   ? 11.274  3.899   2.680   1.000 28.506 ? 487 HOH AAA O   1 
HETATM 1042 O O   . HOH C 3 .   ? 12.822  3.108   6.659   1.000 37.396 ? 488 HOH AAA O   1 
HETATM 1043 O O   . HOH C 3 .   ? 6.675   -9.107  4.074   1.000 34.005 ? 489 HOH AAA O   1 
HETATM 1044 O O   . HOH C 3 .   ? 6.940   -19.426 -1.440  1.000 18.398 ? 490 HOH AAA O   1 
HETATM 1045 O O   . HOH C 3 .   ? 6.795   -18.534 0.984   1.000 21.462 ? 491 HOH AAA O   1 
HETATM 1046 O O   . HOH C 3 .   ? 10.751  -5.395  -17.162 1.000 37.091 ? 492 HOH AAA O   1 
HETATM 1047 O O   . HOH C 3 .   ? -16.063 -0.714  -0.631  1.000 35.007 ? 493 HOH AAA O   1 
HETATM 1048 O O   . HOH C 3 .   ? -15.262 3.154   1.275   1.000 32.730 ? 494 HOH AAA O   1 
HETATM 1049 O O   . HOH C 3 .   ? 12.539  -0.208  4.021   1.000 42.645 ? 495 HOH AAA O   1 
HETATM 1050 O O   . HOH C 3 .   ? 4.363   4.122   -9.188  1.000 20.305 ? 496 HOH AAA O   1 
HETATM 1051 O O   . HOH C 3 .   ? -10.611 12.407  5.889   1.000 33.048 ? 497 HOH AAA O   1 
HETATM 1052 O O   . HOH C 3 .   ? -16.237 -12.288 -1.778  1.000 36.545 ? 498 HOH AAA O   1 
HETATM 1053 O O   . HOH C 3 .   ? 8.571   -5.620  3.916   1.000 38.586 ? 499 HOH AAA O   1 
HETATM 1054 O O   . HOH C 3 .   ? 3.915   -11.939 2.980   1.000 27.024 ? 500 HOH AAA O   1 
HETATM 1055 O O   . HOH C 3 .   ? 11.233  -3.609  -2.413  1.000 29.900 ? 501 HOH AAA O   1 
HETATM 1056 O O   . HOH C 3 .   ? -3.873  16.359  4.230   1.000 42.368 ? 502 HOH AAA O   1 
HETATM 1057 O O   . HOH C 3 .   ? 12.852  -0.313  -1.410  1.000 39.546 ? 503 HOH AAA O   1 
HETATM 1058 O O   . HOH C 3 .   ? 12.468  3.689   -2.623  1.000 25.003 ? 504 HOH AAA O   1 
HETATM 1059 O O   . HOH C 3 .   ? 10.466  -3.456  0.255   1.000 29.741 ? 505 HOH AAA O   1 
HETATM 1060 O O   . HOH C 3 .   ? 7.320   -4.067  13.905  1.000 42.676 ? 506 HOH AAA O   1 
HETATM 1061 O O   . HOH C 3 .   ? -12.829 10.734  6.265   1.000 40.142 ? 507 HOH AAA O   1 
HETATM 1062 O O   . HOH C 3 .   ? 3.275   -10.826 5.675   1.000 33.642 ? 508 HOH AAA O   1 
HETATM 1063 O O   . HOH C 3 .   ? 12.635  5.473   0.558   1.000 36.552 ? 509 HOH AAA O   1 
HETATM 1064 O O   . HOH C 3 .   ? 14.869  3.442   -6.643  1.000 23.423 ? 510 HOH AAA O   1 
HETATM 1065 O O   . HOH C 3 .   ? 13.388  2.207   4.061   1.000 41.208 ? 511 HOH AAA O   1 
HETATM 1066 O O   . HOH C 3 .   ? 1.971   -9.447  9.567   1.000 44.626 ? 512 HOH AAA O   1 
# 
